data_7K1D
#
_entry.id   7K1D
#
_cell.length_a   264.313
_cell.length_b   264.313
_cell.length_c   90.468
_cell.angle_alpha   90.00
_cell.angle_beta   90.00
_cell.angle_gamma   120.00
#
_symmetry.space_group_name_H-M   'P 65'
#
loop_
_entity.id
_entity.type
_entity.pdbx_description
1 polymer 'Insulin-degrading enzyme'
2 non-polymer 'ZINC ION'
3 non-polymer (3R)-3-{4-[(3R)-4-(3,4-difluorobenzene-1-carbonyl)morpholin-3-yl]-1H-1,2,3-triazol-1-yl}-N-hydroxy-4-(naphthalen-2-yl)butanamide
4 non-polymer '1,4-DIETHYLENE DIOXIDE'
5 non-polymer '4-(2-HYDROXYETHYL)-1-PIPERAZINE ETHANESULFONIC ACID'
#
_entity_poly.entity_id   1
_entity_poly.type   'polypeptide(L)'
_entity_poly.pdbx_seq_one_letter_code
;MHHHHHHAAGIPMNNPAIKRIGNHITKSPEDKREYRGLELANGIKVLLISDPTTDKSSAALDVHIGSLSDPPNIAGLSHF
LEHMLFLGTKKYPKENEYSQFLSEHAGSSNAFTSGEHTNYYFDVSHEHLEGALDRFAQFFLSPLFDESAKDREVNAVDSE
HEKNVMNDAWRLFQLEKATGNPKHPFSKFGTGNKYTLETRPNQEGIDVRQELLKFHSAYYSSNLMAVVVLGRESLDDLTN
LVVKLFSEVENKNVPLPEFPEHPFQEEHLKQLYKIVPIKDIRNLYVTFPIPDLQKYYKSNPGHYLGHLIGHEGPGSLLSE
LKSKGWVNTLVGGQKEGARGFMFFIINVDLTEEGLLHVEDIILHMFQYIQKLRAEGPQEWVFQELKDLNAVAFRFKDKER
PRGYTSKIAGILHYYPLEEVLTAEYLLEEFRPDLIEMVLDKLRPENVRVAIVSKSFEGKTDRTEEWYGTQYKQEAIPDEV
IKKWQNADLNGKFKLPTKNEFIPTNFEILPLEKEATPYPALIKDTAMSKLWFKQDDKFFLPKANLNFEFFSPFAYVDPLH
SNMAYLYLELLKDSLNEYAYAAELAGLSYDLQNTIYGMYLSVKGYNDKQPILLKKIIEKMATFEIDEKRFEIIKEAYMRS
LNNFRAEQPHQHAMYYLRLLMTEVAWTKDELKEALDDVTLPRLKAFIPQLLSRLHIEALLHGNITKQAALGIMQMVEDTL
IEHAHTKPLLPSQLVRYREVQLPDRGWFVYQQRNEVHNNSGIEIYYQTDMQSTSENMFLELFAQIISEPAFNTLRTKEQL
GYIVFSGPRRANGIQGLRFIIQSEKPPHYLESRVEAFLITMEKSIEDMTEEAFQKHIQALAIRRLDKPKKLSAESAKYWG
EIISQQYNFDRDNTEVAYLKTLTKEDIIKFYKEMLAVDAPRRHKVSVHVLAREMDSNPVVGEFPAQNDINLSQAPALPQP
EVIQNMTEFKRGLPLFPLVKPHINFMAAKL
;
_entity_poly.pdbx_strand_id   A,B
#
loop_
_chem_comp.id
_chem_comp.type
_chem_comp.name
_chem_comp.formula
DIO non-polymer '1,4-DIETHYLENE DIOXIDE' 'C4 H8 O2'
EPE non-polymer '4-(2-HYDROXYETHYL)-1-PIPERAZINE ETHANESULFONIC ACID' 'C8 H18 N2 O4 S'
VQD non-polymer (3R)-3-{4-[(3R)-4-(3,4-difluorobenzene-1-carbonyl)morpholin-3-yl]-1H-1,2,3-triazol-1-yl}-N-hydroxy-4-(naphthalen-2-yl)butanamide 'C27 H25 F2 N5 O4'
ZN non-polymer 'ZINC ION' 'Zn 2'
#
# COMPACT_ATOMS: atom_id res chain seq x y z
N ASN A 14 -33.66 -10.69 -66.42
CA ASN A 14 -33.49 -9.24 -66.54
C ASN A 14 -32.05 -8.92 -66.92
N ASN A 15 -31.16 -9.05 -65.94
CA ASN A 15 -29.72 -8.90 -66.11
C ASN A 15 -29.12 -10.28 -66.33
N PRO A 16 -28.14 -10.40 -67.24
CA PRO A 16 -27.60 -11.73 -67.59
C PRO A 16 -26.66 -12.29 -66.54
N ALA A 17 -25.97 -11.38 -65.83
CA ALA A 17 -24.98 -11.76 -64.83
C ALA A 17 -25.63 -12.36 -63.59
N ILE A 18 -26.92 -12.14 -63.38
CA ILE A 18 -27.65 -12.57 -62.20
C ILE A 18 -28.53 -13.74 -62.59
N LYS A 19 -28.20 -14.95 -62.11
CA LYS A 19 -29.04 -16.11 -62.39
C LYS A 19 -30.42 -15.96 -61.75
N ARG A 20 -30.45 -15.60 -60.46
CA ARG A 20 -31.69 -15.47 -59.73
C ARG A 20 -31.52 -14.40 -58.66
N ILE A 21 -32.64 -13.91 -58.19
CA ILE A 21 -32.67 -12.92 -57.17
C ILE A 21 -33.63 -13.33 -56.12
N GLY A 22 -33.12 -13.51 -54.93
CA GLY A 22 -33.90 -13.96 -53.80
C GLY A 22 -34.98 -13.03 -53.37
N ASN A 23 -35.91 -13.62 -52.68
CA ASN A 23 -37.10 -12.95 -52.25
C ASN A 23 -36.80 -12.54 -50.84
N HIS A 24 -37.81 -12.13 -50.11
CA HIS A 24 -37.61 -11.81 -48.76
C HIS A 24 -36.66 -12.72 -48.05
N ILE A 25 -35.64 -12.14 -47.46
CA ILE A 25 -34.72 -12.92 -46.71
C ILE A 25 -35.28 -12.72 -45.36
N THR A 26 -35.83 -13.77 -44.84
CA THR A 26 -36.45 -13.77 -43.51
C THR A 26 -35.49 -13.17 -42.50
N LYS A 27 -35.99 -12.27 -41.66
CA LYS A 27 -35.14 -11.65 -40.66
C LYS A 27 -35.90 -11.49 -39.35
N SER A 28 -35.21 -11.01 -38.33
CA SER A 28 -35.85 -10.64 -37.08
C SER A 28 -36.63 -9.34 -37.27
N PRO A 29 -37.83 -9.24 -36.71
CA PRO A 29 -38.54 -7.94 -36.71
C PRO A 29 -37.77 -6.80 -36.05
N GLU A 30 -36.84 -7.07 -35.15
CA GLU A 30 -36.03 -6.00 -34.55
C GLU A 30 -34.81 -5.65 -35.40
N ASP A 31 -34.61 -6.36 -36.51
CA ASP A 31 -33.46 -6.16 -37.38
C ASP A 31 -33.86 -5.10 -38.42
N LYS A 32 -33.17 -3.96 -38.40
CA LYS A 32 -33.55 -2.84 -39.23
C LYS A 32 -32.75 -2.82 -40.55
N ARG A 33 -31.72 -3.64 -40.66
CA ARG A 33 -30.94 -3.77 -41.87
C ARG A 33 -31.76 -4.42 -42.97
N GLU A 34 -31.38 -4.13 -44.21
CA GLU A 34 -32.11 -4.59 -45.38
C GLU A 34 -31.28 -5.67 -46.09
N TYR A 35 -31.96 -6.70 -46.59
CA TYR A 35 -31.29 -7.88 -47.12
C TYR A 35 -31.82 -8.20 -48.51
N ARG A 36 -30.91 -8.58 -49.42
CA ARG A 36 -31.25 -9.15 -50.72
C ARG A 36 -30.34 -10.33 -51.02
N GLY A 37 -30.92 -11.48 -51.25
CA GLY A 37 -30.13 -12.59 -51.73
C GLY A 37 -30.03 -12.58 -53.25
N LEU A 38 -29.04 -13.29 -53.77
CA LEU A 38 -29.04 -13.51 -55.21
C LEU A 38 -27.92 -14.46 -55.59
N GLU A 39 -28.11 -15.17 -56.69
CA GLU A 39 -27.12 -16.09 -57.22
C GLU A 39 -26.59 -15.58 -58.55
N LEU A 40 -25.28 -15.44 -58.65
CA LEU A 40 -24.72 -14.95 -59.88
C LEU A 40 -24.80 -16.03 -60.95
N ALA A 41 -24.58 -15.60 -62.20
CA ALA A 41 -24.57 -16.53 -63.32
C ALA A 41 -23.45 -17.55 -63.19
N ASN A 42 -22.31 -17.14 -62.64
CA ASN A 42 -21.22 -18.08 -62.40
C ASN A 42 -21.38 -18.92 -61.13
N GLY A 43 -22.54 -18.85 -60.45
CA GLY A 43 -22.86 -19.71 -59.33
C GLY A 43 -22.57 -19.14 -57.95
N ILE A 44 -21.89 -18.00 -57.88
CA ILE A 44 -21.49 -17.41 -56.61
C ILE A 44 -22.77 -17.02 -55.88
N LYS A 45 -23.01 -17.65 -54.73
CA LYS A 45 -24.13 -17.30 -53.87
C LYS A 45 -23.80 -15.99 -53.13
N VAL A 46 -24.70 -15.00 -53.19
CA VAL A 46 -24.43 -13.66 -52.65
C VAL A 46 -25.54 -13.24 -51.70
N LEU A 47 -25.16 -12.61 -50.58
CA LEU A 47 -26.09 -11.90 -49.71
C LEU A 47 -25.61 -10.46 -49.54
N LEU A 48 -26.55 -9.53 -49.62
CA LEU A 48 -26.29 -8.10 -49.66
C LEU A 48 -27.03 -7.46 -48.50
N ILE A 49 -26.32 -6.66 -47.70
CA ILE A 49 -26.86 -6.10 -46.47
C ILE A 49 -26.73 -4.59 -46.58
N SER A 50 -27.87 -3.92 -46.63
CA SER A 50 -27.88 -2.47 -46.71
C SER A 50 -28.18 -1.94 -45.30
N ASP A 51 -27.25 -1.16 -44.76
CA ASP A 51 -27.38 -0.57 -43.44
C ASP A 51 -26.90 0.86 -43.55
N PRO A 52 -27.80 1.79 -43.82
CA PRO A 52 -27.39 3.18 -44.07
C PRO A 52 -26.70 3.85 -42.88
N THR A 53 -26.72 3.23 -41.71
CA THR A 53 -26.17 3.83 -40.50
C THR A 53 -24.75 3.39 -40.19
N THR A 54 -24.32 2.23 -40.71
CA THR A 54 -23.05 1.64 -40.29
C THR A 54 -21.87 2.57 -40.55
N ASP A 55 -20.97 2.66 -39.57
CA ASP A 55 -19.79 3.48 -39.74
C ASP A 55 -18.68 2.75 -40.48
N LYS A 56 -18.68 1.42 -40.44
CA LYS A 56 -17.76 0.65 -41.25
C LYS A 56 -18.56 -0.31 -42.11
N SER A 57 -18.21 -0.38 -43.40
CA SER A 57 -18.76 -1.40 -44.28
C SER A 57 -17.82 -2.60 -44.32
N SER A 58 -18.24 -3.65 -45.00
CA SER A 58 -17.56 -4.93 -44.84
C SER A 58 -17.95 -5.91 -45.93
N ALA A 59 -16.98 -6.69 -46.39
CA ALA A 59 -17.25 -7.81 -47.28
C ALA A 59 -16.55 -9.06 -46.75
N ALA A 60 -17.07 -10.21 -47.14
CA ALA A 60 -16.45 -11.48 -46.83
C ALA A 60 -16.73 -12.43 -47.99
N LEU A 61 -15.77 -13.32 -48.25
CA LEU A 61 -15.94 -14.37 -49.24
C LEU A 61 -15.54 -15.72 -48.62
N ASP A 62 -16.35 -16.74 -48.86
CA ASP A 62 -16.06 -18.08 -48.39
C ASP A 62 -15.93 -19.03 -49.58
N VAL A 63 -14.75 -19.63 -49.75
CA VAL A 63 -14.49 -20.69 -50.73
C VAL A 63 -14.65 -22.03 -50.06
N HIS A 64 -15.51 -22.87 -50.61
CA HIS A 64 -15.87 -24.11 -49.92
C HIS A 64 -14.77 -25.18 -50.06
N ILE A 65 -13.49 -24.77 -50.04
CA ILE A 65 -12.35 -25.69 -50.08
C ILE A 65 -11.41 -25.38 -48.92
N GLY A 66 -10.71 -26.41 -48.44
CA GLY A 66 -9.85 -26.24 -47.30
C GLY A 66 -8.84 -27.34 -47.13
N SER A 67 -8.35 -27.49 -45.89
CA SER A 67 -7.20 -28.34 -45.63
C SER A 67 -7.45 -29.77 -46.05
N LEU A 68 -8.67 -30.26 -45.91
CA LEU A 68 -8.96 -31.64 -46.30
C LEU A 68 -8.60 -31.92 -47.75
N SER A 69 -8.55 -30.89 -48.60
CA SER A 69 -8.26 -31.03 -50.02
C SER A 69 -6.82 -30.70 -50.37
N ASP A 70 -5.94 -30.59 -49.39
CA ASP A 70 -4.53 -30.40 -49.67
C ASP A 70 -4.00 -31.60 -50.45
N PRO A 71 -3.02 -31.39 -51.32
CA PRO A 71 -2.29 -32.51 -51.91
C PRO A 71 -1.69 -33.40 -50.83
N PRO A 72 -1.67 -34.71 -51.01
CA PRO A 72 -1.04 -35.59 -50.00
C PRO A 72 0.44 -35.34 -49.80
N ASN A 73 1.14 -34.76 -50.77
CA ASN A 73 2.58 -34.54 -50.68
C ASN A 73 2.94 -33.13 -50.22
N ILE A 74 1.94 -32.29 -49.95
CA ILE A 74 2.19 -30.91 -49.59
C ILE A 74 1.26 -30.50 -48.45
N ALA A 75 1.50 -31.05 -47.26
CA ALA A 75 0.66 -30.72 -46.13
C ALA A 75 0.58 -29.21 -45.95
N GLY A 76 -0.65 -28.69 -45.93
CA GLY A 76 -0.86 -27.30 -45.60
C GLY A 76 -0.88 -26.35 -46.76
N LEU A 77 -1.09 -26.85 -47.98
CA LEU A 77 -1.08 -25.96 -49.13
C LEU A 77 -2.21 -24.94 -49.06
N SER A 78 -3.43 -25.40 -48.80
CA SER A 78 -4.58 -24.49 -48.83
C SER A 78 -4.41 -23.39 -47.79
N HIS A 79 -3.88 -23.74 -46.62
CA HIS A 79 -3.59 -22.73 -45.63
C HIS A 79 -2.56 -21.72 -46.15
N PHE A 80 -1.46 -22.22 -46.72
CA PHE A 80 -0.44 -21.34 -47.29
C PHE A 80 -1.01 -20.39 -48.35
N LEU A 81 -1.77 -20.94 -49.30
CA LEU A 81 -2.38 -20.12 -50.32
C LEU A 81 -3.17 -18.96 -49.68
N GLU A 82 -3.83 -19.29 -48.57
CA GLU A 82 -4.60 -18.32 -47.81
C GLU A 82 -3.70 -17.15 -47.46
N HIS A 83 -2.51 -17.42 -46.94
CA HIS A 83 -1.62 -16.31 -46.61
C HIS A 83 -1.22 -15.55 -47.85
N MET A 84 -0.92 -16.27 -48.93
CA MET A 84 -0.29 -15.65 -50.09
C MET A 84 -1.21 -14.68 -50.79
N LEU A 85 -2.52 -14.87 -50.70
CA LEU A 85 -3.43 -13.97 -51.40
C LEU A 85 -3.32 -12.53 -50.88
N PHE A 86 -2.75 -12.34 -49.69
CA PHE A 86 -2.69 -10.99 -49.13
C PHE A 86 -1.57 -10.17 -49.73
N LEU A 87 -0.65 -10.81 -50.46
CA LEU A 87 0.62 -10.23 -50.83
C LEU A 87 0.68 -9.78 -52.29
N GLY A 88 -0.46 -9.45 -52.89
CA GLY A 88 -0.44 -8.87 -54.21
C GLY A 88 -1.18 -9.60 -55.29
N THR A 89 -1.74 -8.82 -56.22
CA THR A 89 -2.53 -9.28 -57.34
C THR A 89 -2.04 -8.58 -58.62
N LYS A 90 -2.41 -9.12 -59.78
CA LYS A 90 -1.94 -8.51 -61.03
C LYS A 90 -2.31 -7.04 -61.06
N LYS A 91 -3.54 -6.71 -60.67
CA LYS A 91 -4.03 -5.33 -60.78
C LYS A 91 -3.46 -4.42 -59.70
N TYR A 92 -3.17 -4.97 -58.52
CA TYR A 92 -2.61 -4.21 -57.40
C TYR A 92 -1.40 -5.00 -56.95
N PRO A 93 -0.24 -4.78 -57.58
CA PRO A 93 0.94 -5.61 -57.30
C PRO A 93 1.81 -5.15 -56.14
N LYS A 94 1.61 -3.93 -55.60
CA LYS A 94 2.28 -3.50 -54.38
C LYS A 94 1.95 -4.48 -53.27
N GLU A 95 2.94 -5.27 -52.85
CA GLU A 95 2.74 -6.38 -51.92
C GLU A 95 1.84 -6.04 -50.74
N ASN A 96 2.03 -4.88 -50.12
CA ASN A 96 1.21 -4.47 -48.98
C ASN A 96 0.08 -3.51 -49.36
N GLU A 97 -0.37 -3.54 -50.62
CA GLU A 97 -1.38 -2.59 -51.09
C GLU A 97 -2.72 -2.83 -50.41
N TYR A 98 -3.12 -4.09 -50.25
CA TYR A 98 -4.41 -4.39 -49.62
C TYR A 98 -4.42 -3.95 -48.17
N SER A 99 -3.44 -4.40 -47.38
CA SER A 99 -3.38 -4.06 -45.97
C SER A 99 -3.16 -2.57 -45.78
N GLN A 100 -2.35 -1.94 -46.66
CA GLN A 100 -2.12 -0.52 -46.52
C GLN A 100 -3.37 0.29 -46.84
N PHE A 101 -4.15 -0.11 -47.83
CA PHE A 101 -5.38 0.62 -48.12
C PHE A 101 -6.34 0.54 -46.95
N LEU A 102 -6.57 -0.68 -46.42
CA LEU A 102 -7.43 -0.82 -45.26
C LEU A 102 -6.92 0.04 -44.11
N SER A 103 -5.62 -0.01 -43.84
CA SER A 103 -5.10 0.68 -42.66
C SER A 103 -5.31 2.18 -42.79
N GLU A 104 -5.13 2.72 -44.00
CA GLU A 104 -5.36 4.14 -44.26
C GLU A 104 -6.83 4.52 -44.33
N HIS A 105 -7.75 3.54 -44.32
CA HIS A 105 -9.17 3.86 -44.40
C HIS A 105 -9.96 3.17 -43.27
N ALA A 106 -9.30 2.98 -42.11
CA ALA A 106 -9.95 2.56 -40.88
C ALA A 106 -10.45 1.12 -40.94
N GLY A 107 -9.83 0.29 -41.76
CA GLY A 107 -10.25 -1.08 -41.92
C GLY A 107 -9.24 -2.05 -41.37
N SER A 108 -9.57 -3.33 -41.55
CA SER A 108 -8.77 -4.47 -41.14
C SER A 108 -9.30 -5.67 -41.90
N SER A 109 -8.50 -6.73 -41.95
CA SER A 109 -9.04 -7.96 -42.48
C SER A 109 -8.27 -9.14 -41.92
N ASN A 110 -8.86 -10.32 -42.10
CA ASN A 110 -8.32 -11.58 -41.63
C ASN A 110 -8.83 -12.70 -42.53
N ALA A 111 -8.36 -13.90 -42.28
CA ALA A 111 -8.88 -15.07 -42.95
C ALA A 111 -8.45 -16.31 -42.18
N PHE A 112 -9.20 -17.40 -42.38
CA PHE A 112 -8.84 -18.67 -41.76
C PHE A 112 -9.10 -19.81 -42.73
N THR A 113 -8.44 -20.93 -42.49
CA THR A 113 -8.55 -22.12 -43.33
C THR A 113 -8.99 -23.30 -42.46
N SER A 114 -10.23 -23.74 -42.63
CA SER A 114 -10.71 -24.94 -41.96
C SER A 114 -10.64 -26.14 -42.91
N GLY A 115 -11.32 -27.23 -42.55
CA GLY A 115 -11.20 -28.44 -43.35
C GLY A 115 -11.88 -28.34 -44.69
N GLU A 116 -12.93 -27.53 -44.78
CA GLU A 116 -13.72 -27.41 -46.00
C GLU A 116 -14.02 -25.95 -46.34
N HIS A 117 -13.31 -25.00 -45.77
CA HIS A 117 -13.58 -23.61 -46.06
C HIS A 117 -12.30 -22.81 -45.98
N THR A 118 -12.18 -21.83 -46.86
CA THR A 118 -11.24 -20.73 -46.70
C THR A 118 -12.04 -19.46 -46.75
N ASN A 119 -11.92 -18.64 -45.71
CA ASN A 119 -12.84 -17.54 -45.46
C ASN A 119 -12.03 -16.26 -45.28
N TYR A 120 -12.30 -15.27 -46.13
CA TYR A 120 -11.60 -13.99 -46.15
C TYR A 120 -12.59 -12.88 -45.87
N TYR A 121 -12.22 -11.90 -45.04
CA TYR A 121 -13.17 -10.83 -44.73
C TYR A 121 -12.43 -9.55 -44.36
N PHE A 122 -13.15 -8.43 -44.44
CA PHE A 122 -12.55 -7.14 -44.11
C PHE A 122 -13.68 -6.19 -43.73
N ASP A 123 -13.32 -5.15 -43.00
CA ASP A 123 -14.18 -3.98 -42.93
C ASP A 123 -13.36 -2.75 -43.25
N VAL A 124 -14.05 -1.64 -43.51
CA VAL A 124 -13.42 -0.43 -43.98
C VAL A 124 -14.39 0.73 -43.79
N SER A 125 -13.85 1.94 -43.70
CA SER A 125 -14.71 3.12 -43.60
C SER A 125 -15.81 3.01 -44.64
N HIS A 126 -17.06 3.28 -44.22
CA HIS A 126 -18.22 3.03 -45.10
C HIS A 126 -18.12 3.80 -46.42
N GLU A 127 -17.33 4.87 -46.46
CA GLU A 127 -17.12 5.66 -47.66
C GLU A 127 -16.03 5.11 -48.56
N HIS A 128 -15.60 3.88 -48.37
CA HIS A 128 -14.53 3.36 -49.22
C HIS A 128 -14.77 1.90 -49.57
N LEU A 129 -16.03 1.46 -49.52
CA LEU A 129 -16.33 0.07 -49.83
C LEU A 129 -15.75 -0.33 -51.17
N GLU A 130 -16.00 0.47 -52.21
CA GLU A 130 -15.63 0.06 -53.56
C GLU A 130 -14.13 -0.17 -53.66
N GLY A 131 -13.32 0.79 -53.19
CA GLY A 131 -11.88 0.65 -53.31
C GLY A 131 -11.36 -0.59 -52.61
N ALA A 132 -11.86 -0.84 -51.39
CA ALA A 132 -11.50 -2.07 -50.69
C ALA A 132 -12.00 -3.29 -51.44
N LEU A 133 -13.30 -3.32 -51.78
CA LEU A 133 -13.84 -4.53 -52.40
C LEU A 133 -13.14 -4.86 -53.69
N ASP A 134 -12.81 -3.84 -54.51
CA ASP A 134 -12.04 -4.10 -55.72
C ASP A 134 -10.76 -4.86 -55.38
N ARG A 135 -9.92 -4.28 -54.52
CA ARG A 135 -8.67 -4.93 -54.15
C ARG A 135 -8.92 -6.34 -53.62
N PHE A 136 -9.98 -6.49 -52.81
CA PHE A 136 -10.38 -7.79 -52.28
C PHE A 136 -10.74 -8.77 -53.39
N ALA A 137 -11.50 -8.30 -54.39
CA ALA A 137 -11.93 -9.19 -55.46
C ALA A 137 -10.74 -9.80 -56.19
N GLN A 138 -9.67 -9.02 -56.38
CA GLN A 138 -8.49 -9.49 -57.09
C GLN A 138 -7.87 -10.74 -56.48
N PHE A 139 -8.10 -11.02 -55.19
CA PHE A 139 -7.53 -12.23 -54.61
C PHE A 139 -8.00 -13.46 -55.37
N PHE A 140 -9.21 -13.38 -55.91
CA PHE A 140 -9.87 -14.52 -56.54
C PHE A 140 -9.85 -14.41 -58.06
N LEU A 141 -9.11 -13.45 -58.61
CA LEU A 141 -8.94 -13.27 -60.05
C LEU A 141 -7.50 -13.51 -60.52
N SER A 142 -6.51 -12.84 -59.93
CA SER A 142 -5.15 -12.82 -60.47
C SER A 142 -4.12 -12.55 -59.38
N PRO A 143 -3.95 -13.48 -58.45
CA PRO A 143 -2.90 -13.30 -57.43
C PRO A 143 -1.50 -13.44 -58.03
N LEU A 144 -0.54 -12.69 -57.48
CA LEU A 144 0.83 -12.81 -58.00
C LEU A 144 1.50 -14.12 -57.59
N PHE A 145 1.38 -14.54 -56.33
CA PHE A 145 2.15 -15.69 -55.85
C PHE A 145 3.63 -15.47 -56.13
N ASP A 146 4.07 -14.23 -55.93
CA ASP A 146 5.47 -13.85 -56.04
C ASP A 146 6.39 -14.89 -55.41
N GLU A 147 7.45 -15.29 -56.14
CA GLU A 147 8.40 -16.26 -55.59
C GLU A 147 9.07 -15.74 -54.32
N SER A 148 9.51 -14.48 -54.35
CA SER A 148 10.12 -13.85 -53.19
C SER A 148 9.16 -13.83 -52.00
N ALA A 149 7.95 -13.31 -52.20
CA ALA A 149 6.95 -13.30 -51.14
C ALA A 149 6.66 -14.72 -50.65
N LYS A 150 6.70 -15.71 -51.55
CA LYS A 150 6.45 -17.09 -51.15
C LYS A 150 7.53 -17.59 -50.19
N ASP A 151 8.79 -17.26 -50.45
CA ASP A 151 9.87 -17.74 -49.60
C ASP A 151 9.88 -17.04 -48.25
N ARG A 152 9.34 -15.83 -48.19
CA ARG A 152 9.22 -15.13 -46.92
C ARG A 152 8.07 -15.68 -46.08
N GLU A 153 6.84 -15.62 -46.63
CA GLU A 153 5.67 -16.02 -45.88
C GLU A 153 5.65 -17.49 -45.48
N VAL A 154 6.51 -18.34 -46.04
CA VAL A 154 6.58 -19.69 -45.50
C VAL A 154 7.02 -19.65 -44.05
N ASN A 155 7.73 -18.59 -43.65
CA ASN A 155 8.19 -18.47 -42.28
C ASN A 155 7.06 -18.09 -41.33
N ALA A 156 6.17 -17.19 -41.76
CA ALA A 156 4.99 -16.88 -40.96
C ALA A 156 4.13 -18.12 -40.72
N VAL A 157 4.01 -18.98 -41.73
CA VAL A 157 3.28 -20.20 -41.45
C VAL A 157 4.05 -21.05 -40.47
N ASP A 158 5.37 -21.19 -40.66
CA ASP A 158 6.13 -22.04 -39.75
C ASP A 158 6.04 -21.51 -38.32
N SER A 159 6.23 -20.19 -38.16
CA SER A 159 6.10 -19.57 -36.84
C SER A 159 4.71 -19.79 -36.25
N GLU A 160 3.65 -19.65 -37.06
CA GLU A 160 2.31 -19.97 -36.59
C GLU A 160 2.21 -21.41 -36.10
N HIS A 161 2.72 -22.36 -36.86
CA HIS A 161 2.69 -23.74 -36.38
C HIS A 161 3.47 -23.87 -35.09
N GLU A 162 4.61 -23.20 -35.01
CA GLU A 162 5.45 -23.34 -33.82
C GLU A 162 4.69 -22.95 -32.57
N LYS A 163 4.00 -21.80 -32.58
CA LYS A 163 3.34 -21.41 -31.34
C LYS A 163 2.39 -22.50 -30.88
N ASN A 164 1.87 -23.29 -31.81
CA ASN A 164 0.89 -24.32 -31.49
C ASN A 164 1.53 -25.64 -31.08
N VAL A 165 2.83 -25.81 -31.31
CA VAL A 165 3.42 -27.15 -31.14
C VAL A 165 3.28 -27.62 -29.70
N MET A 166 3.48 -26.72 -28.74
CA MET A 166 3.44 -27.05 -27.33
C MET A 166 2.09 -26.72 -26.69
N ASN A 167 1.07 -26.50 -27.51
CA ASN A 167 -0.27 -26.20 -27.04
C ASN A 167 -1.08 -27.49 -27.00
N ASP A 168 -1.58 -27.84 -25.81
CA ASP A 168 -2.21 -29.14 -25.58
C ASP A 168 -3.46 -29.35 -26.43
N ALA A 169 -4.17 -28.27 -26.76
CA ALA A 169 -5.39 -28.39 -27.56
C ALA A 169 -5.06 -28.79 -29.00
N TRP A 170 -3.98 -28.23 -29.55
CA TRP A 170 -3.57 -28.59 -30.90
C TRP A 170 -3.03 -30.01 -30.92
N ARG A 171 -2.16 -30.35 -29.97
CA ARG A 171 -1.57 -31.67 -29.93
C ARG A 171 -2.62 -32.76 -29.96
N LEU A 172 -3.67 -32.61 -29.13
CA LEU A 172 -4.77 -33.56 -29.10
C LEU A 172 -5.56 -33.50 -30.40
N PHE A 173 -5.96 -32.29 -30.82
CA PHE A 173 -6.63 -32.11 -32.09
C PHE A 173 -6.01 -32.97 -33.18
N GLN A 174 -4.71 -32.83 -33.37
CA GLN A 174 -4.02 -33.58 -34.41
C GLN A 174 -3.90 -35.06 -34.05
N LEU A 175 -3.78 -35.37 -32.76
CA LEU A 175 -3.63 -36.76 -32.38
C LEU A 175 -4.91 -37.55 -32.63
N GLU A 176 -6.08 -36.92 -32.48
CA GLU A 176 -7.30 -37.63 -32.86
C GLU A 176 -7.21 -38.08 -34.31
N LYS A 177 -6.85 -37.14 -35.19
CA LYS A 177 -6.74 -37.44 -36.62
C LYS A 177 -5.77 -38.59 -36.87
N ALA A 178 -4.68 -38.64 -36.11
CA ALA A 178 -3.66 -39.65 -36.37
C ALA A 178 -4.01 -41.02 -35.79
N THR A 179 -5.09 -41.15 -35.03
CA THR A 179 -5.51 -42.45 -34.53
C THR A 179 -6.66 -43.05 -35.33
N GLY A 180 -7.14 -42.32 -36.33
CA GLY A 180 -8.11 -42.84 -37.27
C GLY A 180 -7.40 -43.48 -38.44
N ASN A 181 -8.18 -43.76 -39.48
CA ASN A 181 -7.67 -44.39 -40.69
C ASN A 181 -6.61 -43.51 -41.33
N PRO A 182 -5.39 -44.01 -41.53
CA PRO A 182 -4.33 -43.15 -42.07
C PRO A 182 -4.62 -42.69 -43.48
N LYS A 183 -5.43 -43.43 -44.22
CA LYS A 183 -5.66 -43.19 -45.63
C LYS A 183 -6.71 -42.13 -45.89
N HIS A 184 -7.43 -41.69 -44.85
CA HIS A 184 -8.56 -40.77 -44.87
C HIS A 184 -8.08 -39.32 -44.79
N PRO A 185 -8.63 -38.41 -45.58
CA PRO A 185 -8.16 -37.02 -45.54
C PRO A 185 -8.23 -36.40 -44.14
N PHE A 186 -9.09 -36.95 -43.27
CA PHE A 186 -9.26 -36.42 -41.93
C PHE A 186 -7.95 -36.44 -41.17
N SER A 187 -7.02 -37.30 -41.56
CA SER A 187 -5.76 -37.46 -40.85
C SER A 187 -4.70 -36.45 -41.28
N LYS A 188 -4.99 -35.59 -42.25
CA LYS A 188 -3.97 -34.69 -42.77
C LYS A 188 -3.57 -33.65 -41.73
N PHE A 189 -2.26 -33.36 -41.69
CA PHE A 189 -1.74 -32.18 -41.01
C PHE A 189 -2.08 -30.97 -41.86
N GLY A 190 -2.89 -30.06 -41.32
CA GLY A 190 -3.47 -29.00 -42.12
C GLY A 190 -2.77 -27.67 -42.03
N THR A 191 -2.12 -27.41 -40.91
CA THR A 191 -1.49 -26.09 -40.74
C THR A 191 -0.31 -25.93 -41.69
N GLY A 192 0.50 -26.96 -41.83
CA GLY A 192 1.73 -26.87 -42.60
C GLY A 192 2.82 -26.16 -41.83
N ASN A 193 4.05 -26.42 -42.22
CA ASN A 193 5.20 -25.77 -41.61
C ASN A 193 6.30 -25.66 -42.67
N LYS A 194 7.43 -25.06 -42.30
CA LYS A 194 8.49 -24.86 -43.27
C LYS A 194 8.91 -26.17 -43.90
N TYR A 195 8.88 -27.27 -43.16
CA TYR A 195 9.27 -28.57 -43.71
C TYR A 195 8.36 -28.95 -44.88
N THR A 196 7.05 -28.97 -44.65
CA THR A 196 6.12 -29.47 -45.65
C THR A 196 5.89 -28.50 -46.78
N LEU A 197 6.12 -27.20 -46.56
CA LEU A 197 5.91 -26.20 -47.59
C LEU A 197 7.20 -25.75 -48.28
N GLU A 198 8.36 -26.14 -47.79
CA GLU A 198 9.60 -25.75 -48.46
C GLU A 198 10.58 -26.92 -48.53
N THR A 199 11.02 -27.40 -47.38
CA THR A 199 12.12 -28.34 -47.34
C THR A 199 11.79 -29.66 -48.06
N ARG A 200 10.70 -30.34 -47.67
CA ARG A 200 10.43 -31.63 -48.32
C ARG A 200 10.06 -31.44 -49.78
N PRO A 201 9.34 -30.37 -50.17
CA PRO A 201 9.10 -30.15 -51.60
C PRO A 201 10.33 -29.80 -52.41
N ASN A 202 11.35 -29.18 -51.81
CA ASN A 202 12.60 -28.95 -52.55
C ASN A 202 13.37 -30.25 -52.72
N GLN A 203 13.50 -31.02 -51.64
CA GLN A 203 14.06 -32.36 -51.74
C GLN A 203 13.33 -33.22 -52.75
N GLU A 204 12.01 -33.08 -52.87
CA GLU A 204 11.23 -33.92 -53.77
C GLU A 204 11.05 -33.30 -55.15
N GLY A 205 11.68 -32.16 -55.41
CA GLY A 205 11.59 -31.54 -56.72
C GLY A 205 10.28 -30.85 -57.06
N ILE A 206 9.36 -30.72 -56.12
CA ILE A 206 8.11 -30.03 -56.39
C ILE A 206 8.36 -28.52 -56.44
N ASP A 207 7.82 -27.85 -57.47
CA ASP A 207 7.83 -26.40 -57.53
C ASP A 207 6.61 -25.92 -56.75
N VAL A 208 6.86 -25.23 -55.64
CA VAL A 208 5.78 -24.84 -54.74
C VAL A 208 4.88 -23.81 -55.41
N ARG A 209 5.46 -22.84 -56.10
CA ARG A 209 4.66 -21.79 -56.74
C ARG A 209 3.73 -22.38 -57.79
N GLN A 210 4.22 -23.32 -58.61
CA GLN A 210 3.35 -24.03 -59.54
C GLN A 210 2.13 -24.58 -58.82
N GLU A 211 2.35 -25.17 -57.65
CA GLU A 211 1.31 -25.89 -56.93
C GLU A 211 0.29 -24.93 -56.32
N LEU A 212 0.73 -23.75 -55.90
CA LEU A 212 -0.21 -22.73 -55.45
C LEU A 212 -1.09 -22.27 -56.59
N LEU A 213 -0.48 -21.94 -57.72
CA LEU A 213 -1.25 -21.57 -58.90
C LEU A 213 -2.18 -22.71 -59.32
N LYS A 214 -1.65 -23.93 -59.33
CA LYS A 214 -2.42 -25.07 -59.76
C LYS A 214 -3.63 -25.26 -58.86
N PHE A 215 -3.41 -25.29 -57.54
CA PHE A 215 -4.51 -25.39 -56.59
C PHE A 215 -5.52 -24.26 -56.79
N HIS A 216 -5.04 -23.01 -56.85
CA HIS A 216 -5.93 -21.86 -56.95
C HIS A 216 -6.83 -21.99 -58.16
N SER A 217 -6.23 -22.32 -59.31
CA SER A 217 -7.01 -22.44 -60.54
C SER A 217 -7.94 -23.62 -60.49
N ALA A 218 -7.54 -24.69 -59.80
CA ALA A 218 -8.35 -25.90 -59.76
C ALA A 218 -9.54 -25.80 -58.80
N TYR A 219 -9.41 -25.07 -57.68
CA TYR A 219 -10.45 -25.12 -56.67
C TYR A 219 -11.11 -23.80 -56.34
N TYR A 220 -10.46 -22.66 -56.60
CA TYR A 220 -11.09 -21.37 -56.32
C TYR A 220 -12.08 -21.00 -57.45
N SER A 221 -13.10 -21.84 -57.57
CA SER A 221 -14.09 -21.72 -58.63
C SER A 221 -15.32 -21.00 -58.13
N SER A 222 -15.94 -20.22 -59.02
CA SER A 222 -17.08 -19.41 -58.60
C SER A 222 -18.28 -20.25 -58.11
N ASN A 223 -18.34 -21.54 -58.47
CA ASN A 223 -19.46 -22.35 -58.00
C ASN A 223 -19.31 -22.78 -56.55
N LEU A 224 -18.09 -22.72 -56.02
CA LEU A 224 -17.79 -23.03 -54.62
C LEU A 224 -17.65 -21.79 -53.76
N MET A 225 -18.01 -20.62 -54.27
CA MET A 225 -17.87 -19.39 -53.53
C MET A 225 -19.23 -18.86 -53.10
N ALA A 226 -19.20 -18.15 -51.96
CA ALA A 226 -20.31 -17.36 -51.44
C ALA A 226 -19.72 -16.04 -50.98
N VAL A 227 -20.44 -14.95 -51.24
CA VAL A 227 -19.94 -13.62 -50.95
C VAL A 227 -21.02 -12.85 -50.22
N VAL A 228 -20.64 -12.11 -49.17
CA VAL A 228 -21.56 -11.27 -48.39
C VAL A 228 -20.96 -9.88 -48.29
N VAL A 229 -21.79 -8.87 -48.57
CA VAL A 229 -21.35 -7.48 -48.60
C VAL A 229 -22.35 -6.62 -47.85
N LEU A 230 -21.85 -5.81 -46.93
CA LEU A 230 -22.63 -4.91 -46.11
C LEU A 230 -22.09 -3.50 -46.26
N GLY A 231 -22.95 -2.56 -46.62
CA GLY A 231 -22.52 -1.17 -46.75
C GLY A 231 -23.71 -0.27 -46.57
N ARG A 232 -23.46 1.04 -46.65
CA ARG A 232 -24.56 2.01 -46.53
C ARG A 232 -25.41 2.08 -47.80
N GLU A 233 -24.85 1.67 -48.95
CA GLU A 233 -25.49 1.81 -50.26
C GLU A 233 -26.79 1.02 -50.35
N SER A 234 -27.70 1.50 -51.20
CA SER A 234 -28.96 0.79 -51.41
C SER A 234 -28.68 -0.64 -51.88
N LEU A 235 -29.63 -1.54 -51.62
CA LEU A 235 -29.47 -2.90 -52.14
C LEU A 235 -29.19 -2.92 -53.62
N ASP A 236 -29.76 -1.95 -54.37
CA ASP A 236 -29.54 -1.90 -55.81
C ASP A 236 -28.09 -1.59 -56.15
N ASP A 237 -27.59 -0.44 -55.67
CA ASP A 237 -26.18 -0.11 -55.87
C ASP A 237 -25.29 -1.29 -55.49
N LEU A 238 -25.62 -1.95 -54.37
CA LEU A 238 -24.81 -3.07 -53.91
C LEU A 238 -24.87 -4.23 -54.90
N THR A 239 -26.03 -4.42 -55.53
CA THR A 239 -26.14 -5.47 -56.54
C THR A 239 -25.27 -5.14 -57.75
N ASN A 240 -25.21 -3.87 -58.12
CA ASN A 240 -24.36 -3.45 -59.23
C ASN A 240 -22.90 -3.60 -58.88
N LEU A 241 -22.53 -3.22 -57.66
CA LEU A 241 -21.13 -3.31 -57.28
C LEU A 241 -20.65 -4.76 -57.25
N VAL A 242 -21.46 -5.67 -56.72
CA VAL A 242 -21.04 -7.07 -56.64
C VAL A 242 -20.92 -7.69 -58.03
N VAL A 243 -21.86 -7.37 -58.92
CA VAL A 243 -21.78 -7.93 -60.27
C VAL A 243 -20.56 -7.38 -61.00
N LYS A 244 -20.37 -6.06 -60.99
CA LYS A 244 -19.13 -5.49 -61.52
C LYS A 244 -17.92 -6.37 -61.18
N LEU A 245 -17.64 -6.51 -59.87
CA LEU A 245 -16.36 -7.04 -59.45
C LEU A 245 -16.28 -8.56 -59.51
N PHE A 246 -17.41 -9.25 -59.33
CA PHE A 246 -17.36 -10.68 -59.04
C PHE A 246 -17.90 -11.59 -60.12
N SER A 247 -18.77 -11.11 -61.00
CA SER A 247 -19.20 -11.98 -62.09
C SER A 247 -18.04 -12.34 -62.99
N GLU A 248 -17.00 -11.52 -62.98
CA GLU A 248 -15.75 -11.81 -63.66
C GLU A 248 -15.15 -13.17 -63.26
N VAL A 249 -15.40 -13.63 -62.03
CA VAL A 249 -14.78 -14.87 -61.54
C VAL A 249 -15.14 -16.04 -62.44
N GLU A 250 -14.15 -16.88 -62.71
CA GLU A 250 -14.39 -18.00 -63.62
C GLU A 250 -14.99 -19.19 -62.86
N ASN A 251 -15.93 -19.86 -63.50
CA ASN A 251 -16.60 -21.03 -62.96
C ASN A 251 -16.03 -22.27 -63.63
N LYS A 252 -15.36 -23.12 -62.85
CA LYS A 252 -14.84 -24.36 -63.38
C LYS A 252 -15.62 -25.58 -62.88
N ASN A 253 -16.86 -25.36 -62.44
CA ASN A 253 -17.78 -26.41 -62.03
C ASN A 253 -17.07 -27.53 -61.28
N VAL A 254 -16.51 -27.15 -60.14
CA VAL A 254 -15.77 -28.09 -59.33
C VAL A 254 -16.79 -28.83 -58.50
N PRO A 255 -16.68 -30.15 -58.39
CA PRO A 255 -17.58 -30.91 -57.50
C PRO A 255 -17.19 -30.73 -56.04
N LEU A 256 -18.18 -30.37 -55.23
CA LEU A 256 -18.03 -30.26 -53.80
C LEU A 256 -17.52 -31.57 -53.20
N PRO A 257 -16.35 -31.58 -52.55
CA PRO A 257 -15.82 -32.85 -52.03
C PRO A 257 -16.73 -33.45 -50.96
N GLU A 258 -16.74 -34.78 -50.89
CA GLU A 258 -17.59 -35.54 -49.99
C GLU A 258 -16.76 -36.62 -49.32
N PHE A 259 -17.01 -36.85 -48.03
CA PHE A 259 -16.25 -37.82 -47.24
C PHE A 259 -17.24 -38.78 -46.63
N PRO A 260 -17.82 -39.66 -47.45
CA PRO A 260 -18.86 -40.57 -46.94
C PRO A 260 -18.33 -41.54 -45.92
N GLU A 261 -17.15 -42.11 -46.19
CA GLU A 261 -16.55 -43.09 -45.30
C GLU A 261 -16.05 -42.42 -44.03
N HIS A 262 -16.49 -42.90 -42.89
CA HIS A 262 -16.09 -42.30 -41.63
C HIS A 262 -14.61 -42.59 -41.36
N PRO A 263 -13.85 -41.62 -40.86
CA PRO A 263 -12.43 -41.87 -40.59
C PRO A 263 -12.18 -42.90 -39.52
N PHE A 264 -13.15 -43.19 -38.67
CA PHE A 264 -13.00 -44.24 -37.66
C PHE A 264 -13.82 -45.44 -38.09
N GLN A 265 -13.13 -46.48 -38.52
CA GLN A 265 -13.75 -47.75 -38.88
C GLN A 265 -13.70 -48.67 -37.68
N GLU A 266 -14.00 -49.95 -37.88
CA GLU A 266 -14.34 -50.73 -36.70
C GLU A 266 -13.10 -51.13 -35.93
N GLU A 267 -11.94 -51.20 -36.58
CA GLU A 267 -10.69 -51.41 -35.85
C GLU A 267 -10.28 -50.18 -35.04
N HIS A 268 -10.90 -49.03 -35.29
CA HIS A 268 -10.66 -47.83 -34.50
C HIS A 268 -11.66 -47.64 -33.37
N LEU A 269 -12.52 -48.61 -33.14
CA LEU A 269 -13.52 -48.51 -32.09
C LEU A 269 -13.14 -49.41 -30.92
N LYS A 270 -13.73 -49.13 -29.76
CA LYS A 270 -13.39 -49.84 -28.53
C LYS A 270 -11.90 -49.70 -28.22
N GLN A 271 -11.32 -48.56 -28.57
CA GLN A 271 -9.92 -48.27 -28.34
C GLN A 271 -9.79 -47.28 -27.18
N LEU A 272 -8.70 -47.41 -26.45
CA LEU A 272 -8.38 -46.55 -25.32
C LEU A 272 -7.02 -45.92 -25.53
N TYR A 273 -6.95 -44.60 -25.36
CA TYR A 273 -5.73 -43.84 -25.59
C TYR A 273 -5.32 -43.11 -24.31
N LYS A 274 -4.06 -43.26 -23.95
CA LYS A 274 -3.47 -42.58 -22.80
C LYS A 274 -2.42 -41.58 -23.28
N ILE A 275 -2.52 -40.33 -22.83
CA ILE A 275 -1.84 -39.20 -23.47
C ILE A 275 -1.20 -38.31 -22.41
N VAL A 276 -0.04 -37.76 -22.71
CA VAL A 276 0.68 -36.90 -21.78
C VAL A 276 0.88 -35.50 -22.37
N PRO A 277 0.06 -34.54 -21.93
CA PRO A 277 0.14 -33.15 -22.41
C PRO A 277 1.23 -32.36 -21.69
N ILE A 278 1.44 -31.12 -22.10
CA ILE A 278 2.45 -30.27 -21.49
C ILE A 278 2.01 -29.81 -20.10
N LYS A 279 0.85 -29.16 -20.05
CA LYS A 279 0.30 -28.66 -18.79
C LYS A 279 -0.11 -29.83 -17.88
N ASP A 280 -0.15 -29.59 -16.57
CA ASP A 280 -0.69 -30.59 -15.66
C ASP A 280 -2.21 -30.46 -15.72
N ILE A 281 -2.82 -31.38 -16.47
CA ILE A 281 -4.26 -31.42 -16.68
C ILE A 281 -4.69 -32.88 -16.68
N ARG A 282 -5.96 -33.08 -16.36
CA ARG A 282 -6.56 -34.40 -16.24
C ARG A 282 -7.91 -34.35 -16.96
N ASN A 283 -8.00 -35.02 -18.11
CA ASN A 283 -9.21 -34.99 -18.94
C ASN A 283 -9.58 -36.40 -19.40
N LEU A 284 -10.87 -36.56 -19.69
CA LEU A 284 -11.42 -37.80 -20.21
C LEU A 284 -12.27 -37.43 -21.43
N TYR A 285 -11.94 -37.99 -22.58
CA TYR A 285 -12.67 -37.69 -23.79
C TYR A 285 -13.31 -38.95 -24.31
N VAL A 286 -14.65 -38.92 -24.44
CA VAL A 286 -15.44 -40.03 -24.98
C VAL A 286 -15.98 -39.58 -26.34
N THR A 287 -15.76 -40.41 -27.37
CA THR A 287 -16.13 -40.04 -28.74
C THR A 287 -16.91 -41.18 -29.37
N PHE A 288 -18.03 -40.84 -30.01
CA PHE A 288 -18.81 -41.77 -30.81
C PHE A 288 -18.82 -41.30 -32.24
N PRO A 289 -18.41 -42.12 -33.19
CA PRO A 289 -18.66 -41.80 -34.59
C PRO A 289 -20.15 -41.87 -34.87
N ILE A 290 -20.63 -40.92 -35.68
CA ILE A 290 -22.04 -40.91 -36.10
C ILE A 290 -22.13 -40.45 -37.55
N PRO A 291 -23.22 -40.80 -38.23
CA PRO A 291 -23.46 -40.29 -39.57
C PRO A 291 -23.53 -38.77 -39.60
N ASP A 292 -23.32 -38.21 -40.80
CA ASP A 292 -23.44 -36.77 -40.96
C ASP A 292 -24.89 -36.32 -40.74
N LEU A 293 -25.12 -35.50 -39.73
CA LEU A 293 -26.46 -35.07 -39.39
C LEU A 293 -26.82 -33.72 -39.98
N GLN A 294 -25.93 -33.13 -40.78
CA GLN A 294 -26.17 -31.76 -41.22
C GLN A 294 -27.52 -31.64 -41.96
N LYS A 295 -27.87 -32.63 -42.77
CA LYS A 295 -29.12 -32.54 -43.52
C LYS A 295 -30.32 -32.37 -42.61
N TYR A 296 -30.33 -33.07 -41.48
CA TYR A 296 -31.47 -33.02 -40.58
C TYR A 296 -31.60 -31.70 -39.84
N TYR A 297 -30.91 -30.67 -40.34
CA TYR A 297 -30.69 -29.46 -39.54
C TYR A 297 -31.99 -28.84 -39.05
N LYS A 298 -33.07 -29.00 -39.82
CA LYS A 298 -34.37 -28.45 -39.46
C LYS A 298 -34.77 -28.91 -38.05
N SER A 299 -34.61 -30.20 -37.79
CA SER A 299 -34.96 -30.76 -36.48
C SER A 299 -33.79 -30.64 -35.51
N ASN A 300 -32.62 -31.10 -35.93
CA ASN A 300 -31.42 -31.03 -35.10
C ASN A 300 -31.37 -32.12 -34.03
N PRO A 301 -31.53 -33.38 -34.36
CA PRO A 301 -31.44 -34.40 -33.31
C PRO A 301 -30.20 -34.26 -32.44
N GLY A 302 -29.04 -33.96 -33.04
CA GLY A 302 -27.81 -33.89 -32.25
C GLY A 302 -27.86 -32.84 -31.14
N HIS A 303 -28.53 -31.72 -31.41
CA HIS A 303 -28.61 -30.66 -30.41
C HIS A 303 -29.55 -31.06 -29.28
N TYR A 304 -30.70 -31.63 -29.60
CA TYR A 304 -31.58 -32.18 -28.57
C TYR A 304 -30.82 -33.11 -27.62
N LEU A 305 -30.08 -34.05 -28.18
CA LEU A 305 -29.34 -34.98 -27.33
C LEU A 305 -28.22 -34.28 -26.56
N GLY A 306 -27.48 -33.40 -27.23
CA GLY A 306 -26.47 -32.63 -26.50
C GLY A 306 -27.05 -31.85 -25.34
N HIS A 307 -28.24 -31.27 -25.53
CA HIS A 307 -28.87 -30.48 -24.49
C HIS A 307 -29.08 -31.28 -23.22
N LEU A 308 -29.43 -32.55 -23.35
CA LEU A 308 -29.75 -33.35 -22.18
C LEU A 308 -28.50 -33.94 -21.55
N ILE A 309 -27.66 -34.57 -22.38
CA ILE A 309 -26.43 -35.17 -21.89
C ILE A 309 -25.53 -34.10 -21.26
N GLY A 310 -25.44 -32.94 -21.90
CA GLY A 310 -24.63 -31.87 -21.37
C GLY A 310 -25.35 -30.94 -20.42
N HIS A 311 -26.51 -31.36 -19.93
CA HIS A 311 -27.19 -30.53 -18.94
C HIS A 311 -26.38 -30.51 -17.65
N GLU A 312 -26.42 -29.37 -16.96
CA GLU A 312 -25.70 -29.16 -15.72
C GLU A 312 -26.61 -28.91 -14.53
N GLY A 313 -27.92 -29.06 -14.70
CA GLY A 313 -28.83 -28.82 -13.61
C GLY A 313 -29.12 -30.08 -12.83
N PRO A 314 -30.08 -29.99 -11.92
CA PRO A 314 -30.38 -31.12 -11.03
C PRO A 314 -30.80 -32.38 -11.79
N GLY A 315 -30.33 -33.52 -11.29
CA GLY A 315 -30.56 -34.82 -11.90
C GLY A 315 -29.66 -35.12 -13.07
N SER A 316 -28.81 -34.18 -13.47
CA SER A 316 -28.02 -34.33 -14.67
C SER A 316 -26.87 -35.30 -14.45
N LEU A 317 -26.29 -35.73 -15.57
CA LEU A 317 -25.10 -36.57 -15.53
C LEU A 317 -23.96 -35.87 -14.81
N LEU A 318 -23.68 -34.61 -15.17
CA LEU A 318 -22.61 -33.86 -14.50
C LEU A 318 -22.85 -33.79 -13.00
N SER A 319 -24.08 -33.41 -12.63
CA SER A 319 -24.45 -33.26 -11.23
C SER A 319 -24.00 -34.40 -10.34
N GLU A 320 -24.27 -35.63 -10.78
CA GLU A 320 -23.91 -36.82 -10.00
C GLU A 320 -22.40 -37.08 -10.07
N LEU A 321 -21.80 -36.97 -11.25
CA LEU A 321 -20.35 -37.10 -11.36
C LEU A 321 -19.65 -36.08 -10.50
N LYS A 322 -20.23 -34.91 -10.34
CA LYS A 322 -19.62 -33.89 -9.51
C LYS A 322 -19.80 -34.23 -8.04
N SER A 323 -20.99 -34.67 -7.63
CA SER A 323 -21.17 -34.94 -6.22
C SER A 323 -20.49 -36.24 -5.80
N LYS A 324 -20.10 -37.08 -6.75
CA LYS A 324 -19.25 -38.22 -6.42
C LYS A 324 -17.79 -37.80 -6.30
N GLY A 325 -17.48 -36.54 -6.57
CA GLY A 325 -16.15 -36.00 -6.45
C GLY A 325 -15.22 -36.28 -7.61
N TRP A 326 -15.77 -36.65 -8.77
CA TRP A 326 -14.98 -37.19 -9.89
C TRP A 326 -14.71 -36.21 -11.01
N VAL A 327 -15.65 -35.31 -11.29
CA VAL A 327 -15.60 -34.41 -12.43
C VAL A 327 -15.99 -33.02 -11.91
N ASN A 328 -15.52 -31.99 -12.61
CA ASN A 328 -15.93 -30.60 -12.33
C ASN A 328 -16.73 -29.97 -13.43
N THR A 329 -16.36 -30.23 -14.68
CA THR A 329 -17.05 -29.71 -15.85
C THR A 329 -17.37 -30.86 -16.80
N LEU A 330 -18.48 -30.73 -17.54
CA LEU A 330 -18.80 -31.70 -18.59
C LEU A 330 -19.33 -30.98 -19.83
N VAL A 331 -18.89 -31.45 -21.00
CA VAL A 331 -19.35 -31.01 -22.31
C VAL A 331 -19.89 -32.19 -23.11
N GLY A 332 -21.03 -31.99 -23.76
CA GLY A 332 -21.62 -33.07 -24.53
C GLY A 332 -22.48 -32.58 -25.66
N GLY A 333 -22.43 -33.24 -26.80
CA GLY A 333 -23.17 -32.83 -27.97
C GLY A 333 -22.47 -33.28 -29.23
N GLN A 334 -22.97 -32.79 -30.36
CA GLN A 334 -22.44 -33.21 -31.64
C GLN A 334 -21.29 -32.31 -32.07
N LYS A 335 -20.24 -32.93 -32.59
CA LYS A 335 -19.01 -32.26 -33.00
C LYS A 335 -18.85 -32.39 -34.51
N GLU A 336 -18.50 -31.29 -35.15
CA GLU A 336 -18.35 -31.27 -36.61
C GLU A 336 -17.27 -32.24 -37.06
N GLY A 337 -17.48 -32.80 -38.23
CA GLY A 337 -16.44 -33.59 -38.85
C GLY A 337 -16.13 -33.10 -40.25
N ALA A 338 -17.05 -33.38 -41.17
CA ALA A 338 -16.97 -32.96 -42.56
C ALA A 338 -18.20 -33.54 -43.25
N ARG A 339 -18.47 -33.04 -44.45
CA ARG A 339 -19.59 -33.56 -45.23
C ARG A 339 -19.39 -35.06 -45.37
N GLY A 340 -20.17 -35.84 -44.63
CA GLY A 340 -20.04 -37.27 -44.63
C GLY A 340 -19.97 -37.92 -43.26
N PHE A 341 -19.37 -37.23 -42.28
CA PHE A 341 -19.17 -37.82 -40.96
C PHE A 341 -19.16 -36.74 -39.88
N MET A 342 -19.66 -37.11 -38.70
CA MET A 342 -19.65 -36.27 -37.51
C MET A 342 -19.28 -37.11 -36.30
N PHE A 343 -19.20 -36.45 -35.15
CA PHE A 343 -18.98 -37.12 -33.89
C PHE A 343 -20.01 -36.68 -32.83
N PHE A 344 -20.28 -37.59 -31.91
CA PHE A 344 -20.90 -37.23 -30.64
C PHE A 344 -19.85 -37.40 -29.54
N ILE A 345 -19.70 -36.38 -28.70
CA ILE A 345 -18.69 -36.40 -27.66
C ILE A 345 -19.29 -36.12 -26.29
N ILE A 346 -18.70 -36.75 -25.28
CA ILE A 346 -18.87 -36.37 -23.89
C ILE A 346 -17.46 -36.20 -23.34
N ASN A 347 -17.14 -34.99 -22.89
CA ASN A 347 -15.81 -34.67 -22.39
C ASN A 347 -15.93 -34.09 -20.99
N VAL A 348 -15.22 -34.70 -20.05
CA VAL A 348 -15.21 -34.26 -18.65
C VAL A 348 -13.77 -33.98 -18.30
N ASP A 349 -13.55 -33.06 -17.38
CA ASP A 349 -12.24 -33.05 -16.72
C ASP A 349 -12.27 -33.93 -15.47
N LEU A 350 -11.09 -34.26 -14.97
CA LEU A 350 -10.99 -35.22 -13.88
C LEU A 350 -10.36 -34.60 -12.63
N THR A 351 -10.93 -34.97 -11.49
CA THR A 351 -10.29 -34.84 -10.19
C THR A 351 -9.27 -35.94 -10.05
N GLU A 352 -8.46 -35.86 -9.00
CA GLU A 352 -7.53 -36.95 -8.72
C GLU A 352 -8.29 -38.26 -8.55
N GLU A 353 -9.42 -38.21 -7.84
CA GLU A 353 -10.29 -39.37 -7.73
C GLU A 353 -10.84 -39.78 -9.09
N GLY A 354 -11.35 -38.83 -9.85
CA GLY A 354 -11.86 -39.16 -11.17
C GLY A 354 -10.88 -40.00 -11.97
N LEU A 355 -9.60 -39.61 -11.93
CA LEU A 355 -8.57 -40.29 -12.71
C LEU A 355 -8.46 -41.76 -12.34
N LEU A 356 -8.74 -42.10 -11.08
CA LEU A 356 -8.76 -43.49 -10.65
C LEU A 356 -10.06 -44.19 -10.97
N HIS A 357 -11.09 -43.47 -11.40
CA HIS A 357 -12.42 -44.04 -11.56
C HIS A 357 -12.95 -43.81 -12.96
N VAL A 358 -12.08 -43.84 -13.97
CA VAL A 358 -12.54 -43.61 -15.33
C VAL A 358 -13.53 -44.69 -15.76
N GLU A 359 -13.33 -45.92 -15.30
CA GLU A 359 -14.26 -46.96 -15.65
C GLU A 359 -15.67 -46.61 -15.19
N ASP A 360 -15.80 -46.15 -13.95
CA ASP A 360 -17.13 -45.86 -13.40
C ASP A 360 -17.71 -44.58 -13.96
N ILE A 361 -16.87 -43.57 -14.20
CA ILE A 361 -17.38 -42.36 -14.84
C ILE A 361 -18.09 -42.71 -16.14
N ILE A 362 -17.44 -43.53 -16.97
CA ILE A 362 -18.02 -43.93 -18.24
C ILE A 362 -19.26 -44.79 -18.04
N LEU A 363 -19.22 -45.71 -17.07
CA LEU A 363 -20.43 -46.45 -16.75
C LEU A 363 -21.58 -45.51 -16.47
N HIS A 364 -21.34 -44.53 -15.60
CA HIS A 364 -22.37 -43.52 -15.33
C HIS A 364 -22.84 -42.84 -16.60
N MET A 365 -21.92 -42.56 -17.53
CA MET A 365 -22.31 -42.00 -18.82
C MET A 365 -23.32 -42.88 -19.52
N PHE A 366 -23.02 -44.17 -19.64
CA PHE A 366 -23.96 -45.03 -20.33
C PHE A 366 -25.26 -45.22 -19.55
N GLN A 367 -25.23 -45.06 -18.22
CA GLN A 367 -26.47 -45.12 -17.46
C GLN A 367 -27.41 -43.98 -17.84
N TYR A 368 -26.88 -42.79 -18.07
CA TYR A 368 -27.74 -41.66 -18.41
C TYR A 368 -28.27 -41.79 -19.83
N ILE A 369 -27.43 -42.25 -20.75
CA ILE A 369 -27.89 -42.61 -22.09
C ILE A 369 -29.02 -43.62 -22.01
N GLN A 370 -28.87 -44.63 -21.16
CA GLN A 370 -29.90 -45.65 -21.04
C GLN A 370 -31.20 -45.07 -20.49
N LYS A 371 -31.13 -44.08 -19.61
CA LYS A 371 -32.39 -43.48 -19.19
C LYS A 371 -33.03 -42.69 -20.32
N LEU A 372 -32.22 -42.06 -21.17
CA LEU A 372 -32.80 -41.35 -22.30
C LEU A 372 -33.45 -42.31 -23.29
N ARG A 373 -32.96 -43.55 -23.32
CA ARG A 373 -33.58 -44.59 -24.14
C ARG A 373 -34.90 -45.04 -23.51
N ALA A 374 -34.94 -45.15 -22.18
CA ALA A 374 -36.13 -45.61 -21.49
C ALA A 374 -37.28 -44.62 -21.60
N GLU A 375 -37.04 -43.35 -21.26
CA GLU A 375 -38.08 -42.35 -21.37
C GLU A 375 -38.47 -42.06 -22.80
N GLY A 376 -37.61 -42.37 -23.77
CA GLY A 376 -37.84 -41.97 -25.14
C GLY A 376 -37.89 -40.46 -25.30
N PRO A 377 -37.83 -39.99 -26.55
CA PRO A 377 -37.84 -38.53 -26.79
C PRO A 377 -38.98 -37.82 -26.09
N GLN A 378 -38.71 -36.57 -25.71
CA GLN A 378 -39.62 -35.75 -24.93
C GLN A 378 -39.99 -34.51 -25.74
N GLU A 379 -41.22 -34.47 -26.23
CA GLU A 379 -41.55 -33.40 -27.15
C GLU A 379 -41.53 -32.06 -26.46
N TRP A 380 -41.91 -32.01 -25.18
CA TRP A 380 -41.93 -30.74 -24.46
C TRP A 380 -40.53 -30.13 -24.37
N VAL A 381 -39.51 -31.00 -24.25
CA VAL A 381 -38.12 -30.58 -24.23
C VAL A 381 -37.79 -29.87 -25.53
N PHE A 382 -37.98 -30.59 -26.64
CA PHE A 382 -37.76 -30.00 -27.95
C PHE A 382 -38.55 -28.71 -28.09
N GLN A 383 -39.79 -28.71 -27.65
CA GLN A 383 -40.58 -27.50 -27.82
C GLN A 383 -39.99 -26.34 -27.01
N GLU A 384 -39.47 -26.64 -25.80
CA GLU A 384 -38.83 -25.61 -25.00
C GLU A 384 -37.63 -25.02 -25.72
N LEU A 385 -36.82 -25.87 -26.37
CA LEU A 385 -35.67 -25.37 -27.12
C LEU A 385 -36.14 -24.47 -28.27
N LYS A 386 -37.17 -24.92 -28.99
CA LYS A 386 -37.67 -24.16 -30.13
C LYS A 386 -38.08 -22.75 -29.73
N ASP A 387 -38.90 -22.63 -28.67
CA ASP A 387 -39.46 -21.34 -28.28
C ASP A 387 -38.42 -20.42 -27.65
N LEU A 388 -37.41 -20.98 -26.97
CA LEU A 388 -36.30 -20.18 -26.48
C LEU A 388 -35.45 -19.66 -27.64
N ASN A 389 -34.98 -20.58 -28.51
CA ASN A 389 -34.24 -20.16 -29.68
C ASN A 389 -34.99 -19.08 -30.45
N ALA A 390 -36.30 -19.28 -30.62
CA ALA A 390 -37.12 -18.31 -31.32
C ALA A 390 -37.03 -16.94 -30.65
N VAL A 391 -37.16 -16.89 -29.32
CA VAL A 391 -37.06 -15.61 -28.62
C VAL A 391 -35.68 -15.04 -28.76
N ALA A 392 -34.65 -15.89 -28.60
CA ALA A 392 -33.29 -15.48 -28.84
C ALA A 392 -33.13 -14.77 -30.17
N PHE A 393 -33.70 -15.36 -31.22
CA PHE A 393 -33.54 -14.81 -32.57
C PHE A 393 -34.30 -13.50 -32.72
N ARG A 394 -35.48 -13.40 -32.11
CA ARG A 394 -36.26 -12.18 -32.23
C ARG A 394 -35.53 -10.98 -31.66
N PHE A 395 -34.82 -11.17 -30.54
CA PHE A 395 -34.15 -10.06 -29.84
C PHE A 395 -32.64 -10.11 -29.97
N LYS A 396 -32.13 -10.81 -30.97
CA LYS A 396 -30.68 -10.92 -31.19
C LYS A 396 -30.03 -9.53 -31.24
N ASP A 397 -28.89 -9.37 -30.56
CA ASP A 397 -28.16 -8.12 -30.65
C ASP A 397 -27.65 -7.90 -32.09
N LYS A 398 -27.49 -6.63 -32.47
CA LYS A 398 -26.98 -6.31 -33.79
C LYS A 398 -25.49 -6.58 -33.87
N GLU A 399 -25.07 -7.39 -34.84
CA GLU A 399 -23.69 -7.79 -34.97
C GLU A 399 -22.80 -6.67 -35.52
N ARG A 400 -21.49 -6.79 -35.27
CA ARG A 400 -20.55 -5.96 -35.99
C ARG A 400 -20.40 -6.47 -37.41
N PRO A 401 -20.21 -5.56 -38.38
CA PRO A 401 -20.13 -5.97 -39.78
C PRO A 401 -19.13 -7.10 -40.04
N ARG A 402 -17.88 -6.91 -39.63
CA ARG A 402 -16.80 -7.82 -40.02
C ARG A 402 -17.14 -9.27 -39.70
N GLY A 403 -17.62 -9.53 -38.48
CA GLY A 403 -17.96 -10.88 -38.10
C GLY A 403 -19.24 -11.36 -38.76
N TYR A 404 -20.22 -10.46 -38.90
CA TYR A 404 -21.50 -10.82 -39.51
C TYR A 404 -21.31 -11.33 -40.93
N THR A 405 -20.61 -10.55 -41.77
CA THR A 405 -20.37 -10.95 -43.15
C THR A 405 -19.61 -12.26 -43.24
N SER A 406 -18.52 -12.41 -42.46
CA SER A 406 -17.76 -13.65 -42.48
C SER A 406 -18.61 -14.83 -42.03
N LYS A 407 -19.45 -14.62 -41.02
CA LYS A 407 -20.32 -15.70 -40.55
C LYS A 407 -21.27 -16.15 -41.64
N ILE A 408 -21.99 -15.20 -42.22
CA ILE A 408 -23.02 -15.52 -43.20
C ILE A 408 -22.39 -16.11 -44.44
N ALA A 409 -21.33 -15.46 -44.95
CA ALA A 409 -20.59 -16.01 -46.09
C ALA A 409 -20.26 -17.49 -45.88
N GLY A 410 -20.13 -17.94 -44.64
CA GLY A 410 -19.82 -19.33 -44.44
C GLY A 410 -21.00 -20.25 -44.59
N ILE A 411 -22.18 -19.82 -44.15
CA ILE A 411 -23.32 -20.72 -44.12
C ILE A 411 -24.14 -20.69 -45.41
N LEU A 412 -23.95 -19.65 -46.25
CA LEU A 412 -24.65 -19.59 -47.53
C LEU A 412 -24.56 -20.89 -48.31
N HIS A 413 -23.46 -21.64 -48.12
CA HIS A 413 -23.25 -22.89 -48.84
C HIS A 413 -24.20 -24.00 -48.39
N TYR A 414 -24.90 -23.82 -47.27
CA TYR A 414 -25.63 -24.90 -46.62
C TYR A 414 -27.14 -24.70 -46.62
N TYR A 415 -27.62 -23.51 -46.95
CA TYR A 415 -29.02 -23.14 -46.84
C TYR A 415 -29.43 -22.27 -48.02
N PRO A 416 -30.71 -22.27 -48.37
CA PRO A 416 -31.18 -21.37 -49.41
C PRO A 416 -31.10 -19.92 -48.97
N LEU A 417 -31.19 -19.02 -49.95
CA LEU A 417 -30.95 -17.62 -49.66
C LEU A 417 -31.97 -17.05 -48.69
N GLU A 418 -33.24 -17.44 -48.84
CA GLU A 418 -34.29 -16.79 -48.06
C GLU A 418 -34.29 -17.21 -46.60
N GLU A 419 -33.49 -18.22 -46.25
CA GLU A 419 -33.42 -18.71 -44.88
C GLU A 419 -32.01 -18.70 -44.29
N VAL A 420 -31.07 -17.98 -44.90
CA VAL A 420 -29.73 -18.08 -44.37
C VAL A 420 -29.65 -17.41 -42.99
N LEU A 421 -30.38 -16.32 -42.79
CA LEU A 421 -30.33 -15.65 -41.49
C LEU A 421 -30.98 -16.48 -40.38
N THR A 422 -31.98 -17.31 -40.71
CA THR A 422 -32.69 -18.04 -39.66
C THR A 422 -32.27 -19.49 -39.53
N ALA A 423 -31.58 -20.06 -40.52
CA ALA A 423 -31.40 -21.52 -40.52
C ALA A 423 -30.73 -22.01 -39.26
N GLU A 424 -29.90 -21.18 -38.64
CA GLU A 424 -29.11 -21.65 -37.50
C GLU A 424 -29.69 -21.26 -36.15
N TYR A 425 -30.85 -20.61 -36.12
CA TYR A 425 -31.54 -20.30 -34.88
C TYR A 425 -32.82 -21.06 -34.68
N LEU A 426 -33.58 -21.26 -35.76
CA LEU A 426 -34.85 -21.98 -35.68
C LEU A 426 -34.65 -23.48 -35.93
N LEU A 427 -35.68 -24.12 -35.42
CA LEU A 427 -35.93 -25.52 -35.35
C LEU A 427 -37.32 -25.77 -35.84
N GLU A 428 -37.59 -26.93 -36.42
CA GLU A 428 -38.92 -27.19 -36.90
C GLU A 428 -39.80 -28.34 -36.35
N GLU A 429 -39.42 -29.62 -36.27
CA GLU A 429 -40.33 -30.64 -35.70
C GLU A 429 -39.64 -31.71 -34.78
N PHE A 430 -40.24 -32.31 -33.74
CA PHE A 430 -39.41 -33.08 -32.83
C PHE A 430 -38.61 -34.12 -33.59
N ARG A 431 -39.26 -34.76 -34.56
CA ARG A 431 -38.65 -35.81 -35.38
C ARG A 431 -37.95 -36.85 -34.51
N PRO A 432 -38.68 -37.37 -33.52
CA PRO A 432 -38.14 -38.38 -32.57
C PRO A 432 -37.48 -39.58 -33.23
N ASP A 433 -37.80 -39.90 -34.49
CA ASP A 433 -37.13 -41.02 -35.14
C ASP A 433 -35.63 -40.79 -35.28
N LEU A 434 -35.23 -39.55 -35.60
CA LEU A 434 -33.81 -39.23 -35.74
C LEU A 434 -33.11 -39.23 -34.39
N ILE A 435 -33.78 -38.68 -33.37
CA ILE A 435 -33.24 -38.74 -32.02
C ILE A 435 -32.95 -40.19 -31.64
N GLU A 436 -33.94 -41.07 -31.80
CA GLU A 436 -33.67 -42.48 -31.50
C GLU A 436 -32.55 -43.03 -32.37
N MET A 437 -32.45 -42.58 -33.62
CA MET A 437 -31.42 -43.10 -34.52
C MET A 437 -30.03 -42.75 -34.03
N VAL A 438 -29.83 -41.49 -33.65
CA VAL A 438 -28.55 -41.02 -33.14
C VAL A 438 -28.24 -41.70 -31.81
N LEU A 439 -29.21 -41.65 -30.88
CA LEU A 439 -29.05 -42.30 -29.59
C LEU A 439 -28.57 -43.73 -29.75
N ASP A 440 -28.98 -44.39 -30.82
CA ASP A 440 -28.57 -45.77 -31.06
C ASP A 440 -27.09 -45.89 -31.35
N LYS A 441 -26.44 -44.81 -31.80
CA LYS A 441 -24.99 -44.82 -32.02
C LYS A 441 -24.19 -44.62 -30.74
N LEU A 442 -24.84 -44.19 -29.66
CA LEU A 442 -24.16 -43.93 -28.39
C LEU A 442 -24.17 -45.19 -27.55
N ARG A 443 -23.32 -46.14 -27.96
CA ARG A 443 -23.25 -47.47 -27.36
C ARG A 443 -21.81 -47.88 -27.15
N PRO A 444 -21.54 -48.69 -26.13
CA PRO A 444 -20.17 -49.13 -25.83
C PRO A 444 -19.39 -49.68 -27.02
N GLU A 445 -20.05 -50.36 -27.95
CA GLU A 445 -19.31 -50.91 -29.07
C GLU A 445 -18.94 -49.85 -30.12
N ASN A 446 -19.46 -48.61 -30.02
CA ASN A 446 -19.00 -47.52 -30.89
C ASN A 446 -18.15 -46.49 -30.17
N VAL A 447 -17.58 -46.82 -29.03
CA VAL A 447 -16.94 -45.78 -28.24
C VAL A 447 -15.44 -45.77 -28.47
N ARG A 448 -14.88 -44.56 -28.42
CA ARG A 448 -13.45 -44.30 -28.32
C ARG A 448 -13.20 -43.46 -27.06
N VAL A 449 -12.17 -43.83 -26.28
CA VAL A 449 -11.91 -43.20 -25.00
C VAL A 449 -10.46 -42.75 -24.94
N ALA A 450 -10.25 -41.50 -24.53
CA ALA A 450 -8.91 -40.95 -24.37
C ALA A 450 -8.79 -40.28 -23.01
N ILE A 451 -7.71 -40.60 -22.29
CA ILE A 451 -7.42 -40.03 -20.98
C ILE A 451 -6.11 -39.26 -21.06
N VAL A 452 -6.13 -38.02 -20.57
CA VAL A 452 -4.96 -37.14 -20.58
C VAL A 452 -4.53 -36.88 -19.15
N SER A 453 -3.35 -37.39 -18.76
CA SER A 453 -2.84 -37.16 -17.42
C SER A 453 -1.34 -37.25 -17.45
N LYS A 454 -0.67 -36.38 -16.67
CA LYS A 454 0.79 -36.51 -16.58
C LYS A 454 1.22 -37.85 -15.95
N SER A 455 0.28 -38.62 -15.38
CA SER A 455 0.58 -39.90 -14.74
C SER A 455 0.97 -40.99 -15.74
N PHE A 456 0.86 -40.71 -17.02
CA PHE A 456 1.27 -41.63 -18.06
C PHE A 456 2.69 -41.38 -18.48
N GLU A 457 3.35 -40.40 -17.86
CA GLU A 457 4.72 -40.08 -18.20
C GLU A 457 5.61 -41.31 -18.10
N GLY A 458 6.38 -41.56 -19.17
CA GLY A 458 7.26 -42.71 -19.24
C GLY A 458 6.56 -44.03 -19.48
N LYS A 459 5.23 -44.08 -19.42
CA LYS A 459 4.46 -45.29 -19.62
C LYS A 459 3.86 -45.36 -21.03
N THR A 460 4.29 -44.51 -21.95
CA THR A 460 3.76 -44.51 -23.29
C THR A 460 4.73 -45.24 -24.21
N ASP A 461 4.25 -45.56 -25.42
CA ASP A 461 5.06 -46.28 -26.40
C ASP A 461 4.94 -45.71 -27.82
N ARG A 462 4.25 -44.60 -28.01
CA ARG A 462 4.01 -44.09 -29.35
C ARG A 462 4.27 -42.60 -29.37
N THR A 463 4.64 -42.07 -30.53
CA THR A 463 4.88 -40.65 -30.73
C THR A 463 4.13 -40.19 -31.96
N GLU A 464 3.30 -39.15 -31.80
CA GLU A 464 2.61 -38.54 -32.93
C GLU A 464 3.60 -37.69 -33.71
N GLU A 465 3.68 -37.97 -35.01
CA GLU A 465 4.65 -37.40 -35.93
C GLU A 465 4.77 -35.87 -35.84
N TRP A 466 3.65 -35.17 -35.98
CA TRP A 466 3.71 -33.74 -36.25
C TRP A 466 4.05 -32.95 -34.99
N TYR A 467 3.40 -33.27 -33.88
CA TYR A 467 3.57 -32.53 -32.64
C TYR A 467 4.50 -33.22 -31.66
N GLY A 468 4.73 -34.52 -31.83
CA GLY A 468 5.58 -35.30 -30.96
C GLY A 468 4.90 -35.90 -29.76
N THR A 469 3.57 -35.80 -29.68
CA THR A 469 2.81 -36.16 -28.49
C THR A 469 3.09 -37.60 -28.06
N GLN A 470 3.30 -37.80 -26.75
CA GLN A 470 3.61 -39.14 -26.20
C GLN A 470 2.32 -39.82 -25.75
N TYR A 471 1.99 -40.94 -26.38
CA TYR A 471 0.76 -41.64 -26.00
C TYR A 471 0.93 -43.13 -26.16
N LYS A 472 -0.08 -43.85 -25.70
CA LYS A 472 -0.17 -45.30 -25.73
C LYS A 472 -1.55 -45.66 -26.21
N GLN A 473 -1.65 -46.73 -26.98
CA GLN A 473 -2.97 -47.20 -27.42
C GLN A 473 -3.15 -48.63 -26.98
N GLU A 474 -4.30 -48.90 -26.38
CA GLU A 474 -4.69 -50.27 -26.08
C GLU A 474 -6.18 -50.43 -26.33
N ALA A 475 -6.59 -51.68 -26.52
CA ALA A 475 -7.99 -51.99 -26.74
C ALA A 475 -8.71 -52.13 -25.41
N ILE A 476 -9.94 -51.65 -25.37
CA ILE A 476 -10.78 -51.73 -24.18
C ILE A 476 -11.18 -53.19 -23.95
N PRO A 477 -10.82 -53.78 -22.80
CA PRO A 477 -11.08 -55.21 -22.60
C PRO A 477 -12.55 -55.52 -22.80
N ASP A 478 -12.81 -56.63 -23.50
CA ASP A 478 -14.18 -56.93 -23.85
C ASP A 478 -15.05 -57.06 -22.58
N GLU A 479 -14.47 -57.54 -21.47
CA GLU A 479 -15.22 -57.59 -20.22
C GLU A 479 -15.76 -56.22 -19.84
N VAL A 480 -15.00 -55.16 -20.13
CA VAL A 480 -15.37 -53.80 -19.74
C VAL A 480 -16.43 -53.24 -20.67
N ILE A 481 -16.32 -53.58 -21.96
CA ILE A 481 -17.40 -53.23 -22.86
C ILE A 481 -18.69 -53.88 -22.39
N LYS A 482 -18.62 -55.14 -21.97
CA LYS A 482 -19.86 -55.81 -21.62
C LYS A 482 -20.51 -55.15 -20.41
N LYS A 483 -19.73 -54.85 -19.36
CA LYS A 483 -20.33 -54.18 -18.20
C LYS A 483 -21.03 -52.89 -18.60
N TRP A 484 -20.40 -52.10 -19.47
CA TRP A 484 -21.03 -50.88 -19.94
C TRP A 484 -22.31 -51.16 -20.72
N GLN A 485 -22.34 -52.28 -21.44
CA GLN A 485 -23.53 -52.60 -22.22
C GLN A 485 -24.71 -52.93 -21.32
N ASN A 486 -24.45 -53.48 -20.14
CA ASN A 486 -25.50 -53.86 -19.20
C ASN A 486 -25.85 -52.73 -18.22
N ALA A 487 -25.55 -51.48 -18.56
CA ALA A 487 -25.76 -50.38 -17.63
C ALA A 487 -27.20 -50.33 -17.15
N ASP A 488 -27.40 -50.48 -15.83
CA ASP A 488 -28.71 -50.35 -15.21
C ASP A 488 -29.17 -48.90 -15.22
N LEU A 489 -30.43 -48.69 -14.85
CA LEU A 489 -30.89 -47.33 -14.60
C LEU A 489 -30.48 -46.88 -13.21
N ASN A 490 -30.07 -45.64 -13.13
CA ASN A 490 -29.54 -45.06 -11.91
C ASN A 490 -30.54 -44.02 -11.40
N GLY A 491 -31.07 -44.25 -10.20
CA GLY A 491 -32.07 -43.35 -9.64
C GLY A 491 -31.59 -41.92 -9.43
N LYS A 492 -30.30 -41.65 -9.58
CA LYS A 492 -29.80 -40.30 -9.38
C LYS A 492 -29.95 -39.45 -10.62
N PHE A 493 -30.16 -40.08 -11.78
CA PHE A 493 -30.34 -39.38 -13.03
C PHE A 493 -31.81 -39.15 -13.33
N LYS A 494 -32.13 -37.91 -13.68
CA LYS A 494 -33.50 -37.57 -13.98
C LYS A 494 -33.50 -36.42 -15.00
N LEU A 495 -34.45 -36.48 -15.93
CA LEU A 495 -34.53 -35.47 -16.97
C LEU A 495 -34.64 -34.08 -16.35
N PRO A 496 -34.34 -33.04 -17.11
CA PRO A 496 -34.50 -31.69 -16.58
C PRO A 496 -35.95 -31.37 -16.25
N THR A 497 -36.13 -30.37 -15.41
CA THR A 497 -37.43 -29.81 -15.11
C THR A 497 -37.68 -28.62 -16.02
N LYS A 498 -38.94 -28.20 -16.10
CA LYS A 498 -39.26 -27.05 -16.93
C LYS A 498 -38.43 -25.85 -16.50
N ASN A 499 -37.81 -25.19 -17.47
CA ASN A 499 -36.96 -24.06 -17.18
C ASN A 499 -37.80 -22.95 -16.55
N GLU A 500 -37.47 -22.59 -15.31
CA GLU A 500 -38.23 -21.59 -14.59
C GLU A 500 -37.78 -20.17 -14.90
N PHE A 501 -36.69 -20.00 -15.64
CA PHE A 501 -36.14 -18.69 -15.90
C PHE A 501 -36.55 -18.13 -17.24
N ILE A 502 -37.25 -18.91 -18.05
CA ILE A 502 -37.73 -18.44 -19.36
C ILE A 502 -38.38 -17.09 -19.19
N PRO A 503 -37.99 -16.09 -19.99
CA PRO A 503 -38.56 -14.75 -19.82
C PRO A 503 -39.95 -14.65 -20.42
N THR A 504 -40.77 -13.77 -19.84
CA THR A 504 -42.16 -13.59 -20.28
C THR A 504 -42.60 -12.15 -20.45
N ASN A 505 -41.93 -11.18 -19.85
CA ASN A 505 -42.32 -9.78 -19.97
C ASN A 505 -41.27 -9.11 -20.86
N PHE A 506 -41.57 -8.99 -22.15
CA PHE A 506 -40.67 -8.35 -23.10
C PHE A 506 -40.99 -6.87 -23.32
N GLU A 507 -41.79 -6.28 -22.46
CA GLU A 507 -42.19 -4.90 -22.66
C GLU A 507 -40.98 -3.98 -22.56
N ILE A 508 -40.84 -3.08 -23.54
CA ILE A 508 -39.79 -2.06 -23.49
C ILE A 508 -40.35 -0.84 -22.76
N LEU A 509 -39.81 -0.55 -21.58
CA LEU A 509 -40.30 0.57 -20.79
C LEU A 509 -40.13 1.86 -21.58
N PRO A 510 -41.08 2.80 -21.46
CA PRO A 510 -40.99 4.05 -22.22
C PRO A 510 -39.87 4.91 -21.70
N LEU A 511 -39.20 5.67 -22.58
CA LEU A 511 -38.17 6.58 -22.06
C LEU A 511 -38.72 7.57 -21.08
N GLU A 512 -38.22 7.51 -19.86
CA GLU A 512 -38.55 8.47 -18.81
C GLU A 512 -38.28 9.89 -19.32
N LYS A 513 -38.97 10.87 -18.77
CA LYS A 513 -38.90 12.15 -19.45
C LYS A 513 -37.58 12.83 -19.19
N GLU A 514 -36.89 12.47 -18.11
CA GLU A 514 -35.58 13.04 -17.85
C GLU A 514 -34.45 12.04 -18.08
N ALA A 515 -34.66 11.08 -18.99
CA ALA A 515 -33.60 10.18 -19.40
C ALA A 515 -32.38 10.97 -19.89
N THR A 516 -31.21 10.33 -19.84
CA THR A 516 -29.94 10.97 -20.16
C THR A 516 -29.28 10.23 -21.31
N PRO A 517 -28.55 10.93 -22.16
CA PRO A 517 -27.80 10.25 -23.24
C PRO A 517 -26.65 9.43 -22.72
N TYR A 518 -26.03 9.86 -21.62
CA TYR A 518 -24.92 9.23 -20.95
C TYR A 518 -25.30 8.88 -19.53
N PRO A 519 -24.60 7.94 -18.90
CA PRO A 519 -24.98 7.50 -17.56
C PRO A 519 -24.91 8.67 -16.59
N ALA A 520 -25.87 8.69 -15.67
CA ALA A 520 -26.00 9.77 -14.71
C ALA A 520 -25.76 9.21 -13.32
N LEU A 521 -25.03 9.98 -12.50
CA LEU A 521 -24.77 9.55 -11.13
C LEU A 521 -26.02 9.83 -10.29
N ILE A 522 -26.85 8.80 -10.11
CA ILE A 522 -28.15 8.95 -9.47
C ILE A 522 -28.11 8.52 -8.00
N LYS A 523 -26.94 8.25 -7.45
CA LYS A 523 -26.84 7.97 -6.02
C LYS A 523 -25.38 8.02 -5.62
N ASP A 524 -25.10 8.56 -4.43
CA ASP A 524 -23.73 8.77 -4.01
C ASP A 524 -23.63 8.82 -2.48
N THR A 525 -23.65 7.65 -1.84
CA THR A 525 -23.45 7.53 -0.41
C THR A 525 -22.04 6.98 -0.14
N ALA A 526 -21.69 6.88 1.14
CA ALA A 526 -20.42 6.26 1.50
C ALA A 526 -20.40 4.80 1.09
N MET A 527 -21.59 4.19 1.05
CA MET A 527 -21.74 2.82 0.61
C MET A 527 -21.57 2.69 -0.91
N SER A 528 -22.21 3.57 -1.67
CA SER A 528 -22.55 3.30 -3.06
C SER A 528 -22.37 4.51 -3.97
N LYS A 529 -21.83 4.26 -5.15
CA LYS A 529 -21.94 5.16 -6.28
C LYS A 529 -22.71 4.41 -7.37
N LEU A 530 -23.90 4.92 -7.73
CA LEU A 530 -24.76 4.25 -8.71
C LEU A 530 -24.91 5.08 -9.98
N TRP A 531 -24.37 4.55 -11.09
CA TRP A 531 -24.49 5.15 -12.42
C TRP A 531 -25.62 4.49 -13.18
N PHE A 532 -26.50 5.31 -13.76
CA PHE A 532 -27.71 4.81 -14.40
C PHE A 532 -27.94 5.44 -15.76
N LYS A 533 -28.28 4.61 -16.74
CA LYS A 533 -28.75 5.09 -18.03
C LYS A 533 -29.83 4.18 -18.56
N GLN A 534 -30.95 4.76 -18.93
CA GLN A 534 -31.98 4.03 -19.65
C GLN A 534 -31.58 3.90 -21.11
N ASP A 535 -31.67 2.69 -21.64
CA ASP A 535 -31.30 2.45 -23.02
C ASP A 535 -32.14 3.32 -23.97
N ASP A 536 -31.47 4.08 -24.82
CA ASP A 536 -32.15 4.91 -25.82
C ASP A 536 -31.64 4.64 -27.23
N LYS A 537 -31.08 3.48 -27.49
CA LYS A 537 -30.58 3.18 -28.82
C LYS A 537 -31.13 1.88 -29.37
N PHE A 538 -31.19 0.83 -28.56
CA PHE A 538 -31.36 -0.53 -29.05
C PHE A 538 -32.72 -1.12 -28.75
N PHE A 539 -33.39 -0.70 -27.68
CA PHE A 539 -34.79 -1.02 -27.42
C PHE A 539 -35.06 -2.51 -27.52
N LEU A 540 -34.16 -3.30 -26.92
CA LEU A 540 -34.37 -4.70 -26.65
C LEU A 540 -34.71 -4.91 -25.18
N PRO A 541 -35.44 -5.99 -24.86
CA PRO A 541 -35.81 -6.28 -23.46
C PRO A 541 -34.67 -6.90 -22.65
N LYS A 542 -33.56 -6.17 -22.55
CA LYS A 542 -32.35 -6.63 -21.90
C LYS A 542 -31.79 -5.54 -21.00
N ALA A 543 -30.99 -5.94 -20.02
CA ALA A 543 -30.30 -4.99 -19.16
C ALA A 543 -28.91 -5.52 -18.84
N ASN A 544 -28.00 -4.60 -18.51
CA ASN A 544 -26.67 -4.93 -18.05
C ASN A 544 -26.47 -4.31 -16.67
N LEU A 545 -26.13 -5.14 -15.68
CA LEU A 545 -25.95 -4.70 -14.30
C LEU A 545 -24.50 -4.97 -13.92
N ASN A 546 -23.75 -3.89 -13.68
CA ASN A 546 -22.32 -3.98 -13.40
C ASN A 546 -22.00 -3.45 -12.01
N PHE A 547 -21.37 -4.27 -11.18
CA PHE A 547 -21.01 -3.88 -9.83
C PHE A 547 -19.54 -4.09 -9.55
N GLU A 548 -18.92 -3.09 -8.92
CA GLU A 548 -17.53 -3.16 -8.44
C GLU A 548 -17.53 -3.11 -6.93
N PHE A 549 -17.29 -4.24 -6.28
CA PHE A 549 -17.17 -4.30 -4.83
C PHE A 549 -15.72 -4.05 -4.45
N PHE A 550 -15.44 -2.90 -3.85
CA PHE A 550 -14.08 -2.57 -3.45
C PHE A 550 -13.85 -2.94 -1.97
N SER A 551 -12.77 -3.69 -1.71
CA SER A 551 -12.32 -3.99 -0.31
C SER A 551 -10.81 -4.18 -0.28
N PRO A 552 -10.10 -3.48 0.61
CA PRO A 552 -8.64 -3.62 0.65
C PRO A 552 -8.17 -5.03 0.90
N PHE A 553 -9.01 -5.86 1.53
CA PHE A 553 -8.63 -7.21 1.94
C PHE A 553 -8.75 -8.20 0.83
N ALA A 554 -9.03 -7.73 -0.38
CA ALA A 554 -9.06 -8.62 -1.52
C ALA A 554 -7.66 -8.90 -2.04
N TYR A 555 -6.75 -7.94 -1.87
CA TYR A 555 -5.45 -8.05 -2.52
C TYR A 555 -4.28 -7.75 -1.56
N VAL A 556 -4.54 -7.72 -0.25
CA VAL A 556 -3.56 -7.18 0.68
C VAL A 556 -2.27 -7.98 0.67
N ASP A 557 -2.36 -9.29 0.47
CA ASP A 557 -1.17 -10.14 0.38
C ASP A 557 -1.53 -11.37 -0.43
N PRO A 558 -0.53 -12.17 -0.81
CA PRO A 558 -0.83 -13.37 -1.60
C PRO A 558 -1.83 -14.29 -0.92
N LEU A 559 -1.77 -14.48 0.39
CA LEU A 559 -2.74 -15.36 1.02
C LEU A 559 -4.17 -14.84 0.81
N HIS A 560 -4.39 -13.56 1.07
CA HIS A 560 -5.73 -13.03 0.91
C HIS A 560 -6.18 -13.05 -0.54
N SER A 561 -5.27 -12.73 -1.44
CA SER A 561 -5.59 -12.77 -2.86
C SER A 561 -6.07 -14.18 -3.27
N ASN A 562 -5.37 -15.24 -2.80
CA ASN A 562 -5.84 -16.60 -3.05
C ASN A 562 -7.21 -16.86 -2.43
N MET A 563 -7.51 -16.25 -1.31
CA MET A 563 -8.76 -16.57 -0.68
C MET A 563 -9.92 -15.91 -1.39
N ALA A 564 -9.70 -14.71 -1.94
CA ALA A 564 -10.75 -14.08 -2.74
C ALA A 564 -11.10 -14.95 -3.93
N TYR A 565 -10.09 -15.36 -4.69
CA TYR A 565 -10.31 -16.24 -5.82
C TYR A 565 -11.13 -17.45 -5.42
N LEU A 566 -10.64 -18.21 -4.43
CA LEU A 566 -11.29 -19.45 -4.01
C LEU A 566 -12.71 -19.21 -3.56
N TYR A 567 -12.94 -18.11 -2.87
CA TYR A 567 -14.29 -17.78 -2.43
C TYR A 567 -15.24 -17.69 -3.61
N LEU A 568 -14.89 -16.86 -4.60
CA LEU A 568 -15.75 -16.69 -5.76
C LEU A 568 -15.85 -17.98 -6.59
N GLU A 569 -14.73 -18.66 -6.84
CA GLU A 569 -14.84 -19.96 -7.52
C GLU A 569 -15.79 -20.89 -6.79
N LEU A 570 -15.64 -21.00 -5.46
CA LEU A 570 -16.49 -21.90 -4.69
C LEU A 570 -17.92 -21.45 -4.75
N LEU A 571 -18.13 -20.14 -4.68
CA LEU A 571 -19.47 -19.58 -4.71
C LEU A 571 -20.15 -19.91 -6.03
N LYS A 572 -19.42 -19.76 -7.14
CA LYS A 572 -19.98 -20.03 -8.46
C LYS A 572 -20.23 -21.52 -8.63
N ASP A 573 -19.30 -22.35 -8.18
CA ASP A 573 -19.52 -23.79 -8.13
C ASP A 573 -20.84 -24.11 -7.43
N SER A 574 -21.10 -23.46 -6.31
CA SER A 574 -22.35 -23.66 -5.59
C SER A 574 -23.55 -23.26 -6.44
N LEU A 575 -23.50 -22.06 -7.01
CA LEU A 575 -24.64 -21.55 -7.75
C LEU A 575 -24.90 -22.28 -9.04
N ASN A 576 -23.95 -23.07 -9.53
CA ASN A 576 -23.99 -23.50 -10.93
C ASN A 576 -25.30 -24.20 -11.27
N GLU A 577 -25.70 -25.17 -10.47
CA GLU A 577 -26.93 -25.93 -10.72
C GLU A 577 -28.16 -25.03 -10.89
N TYR A 578 -28.28 -24.04 -10.02
CA TYR A 578 -29.41 -23.11 -10.05
C TYR A 578 -29.32 -22.16 -11.23
N ALA A 579 -28.12 -21.64 -11.53
CA ALA A 579 -27.95 -20.61 -12.53
C ALA A 579 -27.82 -21.14 -13.96
N TYR A 580 -27.63 -22.45 -14.14
CA TYR A 580 -27.59 -23.01 -15.49
C TYR A 580 -28.88 -22.72 -16.24
N ALA A 581 -30.02 -23.04 -15.63
CA ALA A 581 -31.30 -22.74 -16.26
C ALA A 581 -31.35 -21.29 -16.74
N ALA A 582 -31.03 -20.34 -15.85
CA ALA A 582 -31.09 -18.93 -16.24
C ALA A 582 -30.20 -18.68 -17.45
N GLU A 583 -29.00 -19.27 -17.47
CA GLU A 583 -28.07 -19.06 -18.58
C GLU A 583 -28.68 -19.53 -19.89
N LEU A 584 -29.36 -20.68 -19.85
CA LEU A 584 -30.09 -21.20 -21.01
C LEU A 584 -31.23 -20.28 -21.44
N ALA A 585 -31.90 -19.65 -20.47
CA ALA A 585 -32.95 -18.69 -20.79
C ALA A 585 -32.43 -17.26 -20.97
N GLY A 586 -31.19 -17.08 -21.44
CA GLY A 586 -30.67 -15.77 -21.83
C GLY A 586 -30.31 -14.81 -20.72
N LEU A 587 -30.00 -15.34 -19.52
CA LEU A 587 -29.72 -14.55 -18.32
C LEU A 587 -28.43 -15.09 -17.72
N SER A 588 -27.36 -14.31 -17.78
CA SER A 588 -26.06 -14.82 -17.40
C SER A 588 -25.38 -13.87 -16.42
N TYR A 589 -24.36 -14.39 -15.75
CA TYR A 589 -23.64 -13.58 -14.79
C TYR A 589 -22.18 -13.99 -14.80
N ASP A 590 -21.35 -13.03 -14.43
CA ASP A 590 -19.91 -13.20 -14.31
C ASP A 590 -19.51 -12.67 -12.94
N LEU A 591 -18.83 -13.51 -12.16
CA LEU A 591 -18.37 -13.14 -10.83
C LEU A 591 -16.87 -13.36 -10.80
N GLN A 592 -16.11 -12.28 -10.55
CA GLN A 592 -14.66 -12.21 -10.79
C GLN A 592 -14.00 -11.49 -9.63
N ASN A 593 -12.86 -12.00 -9.15
CA ASN A 593 -12.06 -11.21 -8.23
C ASN A 593 -11.06 -10.35 -8.98
N THR A 594 -10.78 -9.16 -8.44
CA THR A 594 -9.95 -8.14 -9.06
C THR A 594 -8.97 -7.62 -8.02
N ILE A 595 -7.99 -6.81 -8.43
CA ILE A 595 -7.02 -6.30 -7.46
C ILE A 595 -7.60 -5.25 -6.53
N TYR A 596 -8.84 -4.84 -6.74
CA TYR A 596 -9.49 -3.92 -5.85
C TYR A 596 -10.67 -4.53 -5.10
N GLY A 597 -11.04 -5.77 -5.42
CA GLY A 597 -12.14 -6.40 -4.73
C GLY A 597 -12.86 -7.48 -5.54
N MET A 598 -14.13 -7.24 -5.87
CA MET A 598 -14.93 -8.20 -6.62
C MET A 598 -15.71 -7.48 -7.70
N TYR A 599 -15.86 -8.18 -8.83
CA TYR A 599 -16.63 -7.72 -9.98
C TYR A 599 -17.75 -8.69 -10.25
N LEU A 600 -18.98 -8.19 -10.30
CA LEU A 600 -20.14 -8.99 -10.63
C LEU A 600 -20.90 -8.35 -11.78
N SER A 601 -21.25 -9.15 -12.78
CA SER A 601 -21.95 -8.67 -13.95
C SER A 601 -23.17 -9.55 -14.22
N VAL A 602 -24.32 -8.91 -14.43
CA VAL A 602 -25.53 -9.62 -14.81
C VAL A 602 -26.07 -8.99 -16.08
N LYS A 603 -26.19 -9.80 -17.12
CA LYS A 603 -26.60 -9.37 -18.44
C LYS A 603 -27.69 -10.29 -18.93
N GLY A 604 -28.66 -9.76 -19.67
CA GLY A 604 -29.66 -10.60 -20.29
C GLY A 604 -31.02 -9.93 -20.27
N TYR A 605 -32.05 -10.77 -20.36
CA TYR A 605 -33.41 -10.25 -20.38
C TYR A 605 -33.75 -9.55 -19.08
N ASN A 606 -34.23 -8.32 -19.21
CA ASN A 606 -34.49 -7.46 -18.07
C ASN A 606 -35.73 -7.92 -17.34
N ASP A 607 -36.02 -9.21 -17.42
CA ASP A 607 -37.25 -9.70 -16.84
C ASP A 607 -36.99 -10.37 -15.51
N LYS A 608 -36.43 -11.57 -15.58
CA LYS A 608 -36.11 -12.32 -14.38
C LYS A 608 -34.82 -11.84 -13.70
N GLN A 609 -34.15 -10.75 -14.13
CA GLN A 609 -32.88 -10.40 -13.50
C GLN A 609 -32.93 -10.25 -12.00
N PRO A 610 -33.87 -9.53 -11.41
CA PRO A 610 -33.83 -9.40 -9.96
C PRO A 610 -33.84 -10.73 -9.22
N ILE A 611 -34.45 -11.78 -9.75
CA ILE A 611 -34.40 -13.07 -9.08
C ILE A 611 -32.97 -13.57 -8.98
N LEU A 612 -32.26 -13.60 -10.10
CA LEU A 612 -30.88 -14.06 -10.10
C LEU A 612 -29.99 -13.15 -9.28
N LEU A 613 -30.10 -11.84 -9.48
CA LEU A 613 -29.21 -10.95 -8.75
C LEU A 613 -29.37 -11.16 -7.25
N LYS A 614 -30.61 -11.18 -6.74
CA LYS A 614 -30.80 -11.37 -5.31
C LYS A 614 -30.26 -12.72 -4.87
N LYS A 615 -30.41 -13.76 -5.68
CA LYS A 615 -29.93 -15.06 -5.26
C LYS A 615 -28.41 -15.02 -5.09
N ILE A 616 -27.71 -14.30 -5.97
CA ILE A 616 -26.25 -14.23 -5.92
C ILE A 616 -25.77 -13.44 -4.70
N ILE A 617 -26.37 -12.26 -4.46
CA ILE A 617 -25.95 -11.46 -3.32
C ILE A 617 -26.24 -12.18 -2.02
N GLU A 618 -27.40 -12.84 -1.93
CA GLU A 618 -27.69 -13.61 -0.73
C GLU A 618 -26.70 -14.75 -0.55
N LYS A 619 -26.36 -15.48 -1.62
CA LYS A 619 -25.42 -16.57 -1.42
C LYS A 619 -24.01 -16.05 -1.10
N MET A 620 -23.60 -14.93 -1.68
CA MET A 620 -22.35 -14.31 -1.25
C MET A 620 -22.33 -14.11 0.26
N ALA A 621 -23.34 -13.43 0.80
CA ALA A 621 -23.30 -12.97 2.17
C ALA A 621 -23.48 -14.08 3.19
N THR A 622 -24.04 -15.24 2.80
CA THR A 622 -24.37 -16.33 3.72
C THR A 622 -23.78 -17.65 3.24
N PHE A 623 -22.64 -17.59 2.55
CA PHE A 623 -22.07 -18.78 1.95
C PHE A 623 -21.61 -19.79 3.01
N GLU A 624 -21.85 -21.08 2.75
CA GLU A 624 -21.36 -22.17 3.60
C GLU A 624 -20.51 -23.07 2.73
N ILE A 625 -19.21 -23.12 3.02
CA ILE A 625 -18.27 -23.83 2.14
C ILE A 625 -18.39 -25.34 2.33
N ASP A 626 -18.50 -26.08 1.23
CA ASP A 626 -18.50 -27.54 1.27
C ASP A 626 -17.05 -28.04 1.22
N GLU A 627 -16.63 -28.71 2.28
CA GLU A 627 -15.22 -29.06 2.39
C GLU A 627 -14.69 -29.81 1.16
N LYS A 628 -15.46 -30.76 0.61
CA LYS A 628 -14.98 -31.51 -0.55
C LYS A 628 -14.81 -30.61 -1.76
N ARG A 629 -15.78 -29.72 -1.98
CA ARG A 629 -15.65 -28.71 -3.03
C ARG A 629 -14.40 -27.88 -2.83
N PHE A 630 -14.16 -27.45 -1.59
CA PHE A 630 -12.98 -26.64 -1.27
C PHE A 630 -11.69 -27.39 -1.59
N GLU A 631 -11.57 -28.64 -1.14
CA GLU A 631 -10.37 -29.39 -1.49
C GLU A 631 -10.20 -29.51 -2.99
N ILE A 632 -11.29 -29.81 -3.71
CA ILE A 632 -11.17 -30.10 -5.14
C ILE A 632 -10.80 -28.84 -5.92
N ILE A 633 -11.43 -27.71 -5.58
CA ILE A 633 -11.18 -26.48 -6.32
C ILE A 633 -9.79 -25.93 -6.00
N LYS A 634 -9.38 -25.99 -4.73
CA LYS A 634 -8.02 -25.61 -4.35
C LYS A 634 -6.98 -26.35 -5.21
N GLU A 635 -7.06 -27.68 -5.23
CA GLU A 635 -6.11 -28.48 -6.01
C GLU A 635 -6.09 -28.06 -7.46
N ALA A 636 -7.27 -27.84 -8.04
CA ALA A 636 -7.37 -27.30 -9.38
C ALA A 636 -6.61 -25.99 -9.50
N TYR A 637 -6.85 -25.08 -8.56
CA TYR A 637 -6.18 -23.77 -8.57
C TYR A 637 -4.67 -23.92 -8.48
N MET A 638 -4.19 -24.85 -7.65
CA MET A 638 -2.75 -25.11 -7.59
C MET A 638 -2.21 -25.41 -8.99
N ARG A 639 -2.78 -26.44 -9.64
CA ARG A 639 -2.38 -26.78 -10.99
C ARG A 639 -2.51 -25.60 -11.92
N SER A 640 -3.61 -24.87 -11.81
CA SER A 640 -3.79 -23.67 -12.62
C SER A 640 -2.55 -22.79 -12.53
N LEU A 641 -2.09 -22.52 -11.31
CA LEU A 641 -0.96 -21.61 -11.12
C LEU A 641 0.30 -22.19 -11.74
N ASN A 642 0.57 -23.47 -11.51
CA ASN A 642 1.75 -24.11 -12.08
C ASN A 642 1.72 -24.07 -13.61
N ASN A 643 0.55 -24.28 -14.19
CA ASN A 643 0.46 -24.46 -15.62
C ASN A 643 0.81 -23.20 -16.38
N PHE A 644 0.96 -22.08 -15.68
CA PHE A 644 1.40 -20.86 -16.37
C PHE A 644 2.78 -21.02 -17.00
N ARG A 645 3.58 -21.94 -16.47
CA ARG A 645 4.89 -22.18 -17.03
C ARG A 645 4.82 -22.54 -18.50
N ALA A 646 3.70 -23.11 -18.94
CA ALA A 646 3.49 -23.60 -20.30
C ALA A 646 2.77 -22.62 -21.20
N GLU A 647 2.51 -21.40 -20.72
CA GLU A 647 2.01 -20.33 -21.55
C GLU A 647 3.02 -19.91 -22.60
N GLN A 648 2.65 -18.95 -23.46
CA GLN A 648 3.56 -18.65 -24.55
C GLN A 648 4.50 -17.50 -24.22
N PRO A 649 5.66 -17.45 -24.87
CA PRO A 649 6.66 -16.43 -24.52
C PRO A 649 6.13 -15.00 -24.56
N HIS A 650 5.37 -14.62 -25.58
CA HIS A 650 4.85 -13.27 -25.60
C HIS A 650 3.82 -13.05 -24.50
N GLN A 651 3.11 -14.12 -24.10
CA GLN A 651 2.28 -14.04 -22.91
C GLN A 651 3.13 -13.74 -21.69
N HIS A 652 4.12 -14.61 -21.40
CA HIS A 652 5.04 -14.36 -20.30
C HIS A 652 5.59 -12.94 -20.34
N ALA A 653 5.98 -12.45 -21.51
CA ALA A 653 6.55 -11.12 -21.58
C ALA A 653 5.57 -10.08 -21.06
N MET A 654 4.33 -10.09 -21.55
CA MET A 654 3.35 -9.10 -21.13
C MET A 654 3.08 -9.18 -19.64
N TYR A 655 3.15 -10.39 -19.08
CA TYR A 655 2.93 -10.59 -17.66
C TYR A 655 4.03 -9.93 -16.84
N TYR A 656 5.28 -10.28 -17.11
CA TYR A 656 6.39 -9.63 -16.41
C TYR A 656 6.30 -8.11 -16.51
N LEU A 657 6.00 -7.58 -17.70
CA LEU A 657 5.91 -6.12 -17.81
C LEU A 657 4.84 -5.56 -16.88
N ARG A 658 3.70 -6.27 -16.77
CA ARG A 658 2.63 -5.80 -15.89
C ARG A 658 3.06 -5.86 -14.42
N LEU A 659 3.86 -6.87 -14.06
CA LEU A 659 4.39 -6.93 -12.70
C LEU A 659 5.35 -5.77 -12.44
N LEU A 660 6.25 -5.49 -13.39
CA LEU A 660 7.25 -4.45 -13.17
C LEU A 660 6.63 -3.07 -12.99
N MET A 661 5.59 -2.75 -13.75
CA MET A 661 5.20 -1.35 -13.86
C MET A 661 4.09 -0.95 -12.88
N THR A 662 3.60 -1.88 -12.06
CA THR A 662 2.50 -1.59 -11.13
C THR A 662 3.00 -1.57 -9.69
N GLU A 663 2.49 -0.60 -8.93
CA GLU A 663 2.80 -0.48 -7.50
C GLU A 663 2.85 -1.81 -6.79
N VAL A 664 1.76 -2.57 -6.84
CA VAL A 664 1.63 -3.85 -6.13
C VAL A 664 1.23 -4.91 -7.13
N ALA A 665 1.82 -6.11 -7.01
CA ALA A 665 1.50 -7.22 -7.90
C ALA A 665 2.07 -8.55 -7.43
N TRP A 666 1.21 -9.53 -7.14
CA TRP A 666 1.70 -10.82 -6.66
C TRP A 666 1.95 -11.78 -7.80
N THR A 667 3.13 -12.38 -7.82
CA THR A 667 3.50 -13.35 -8.83
C THR A 667 2.88 -14.72 -8.57
N LYS A 668 2.91 -15.55 -9.62
CA LYS A 668 2.37 -16.90 -9.50
C LYS A 668 3.08 -17.70 -8.43
N ASP A 669 4.40 -17.56 -8.33
CA ASP A 669 5.13 -18.29 -7.28
C ASP A 669 4.70 -17.82 -5.89
N GLU A 670 4.59 -16.51 -5.69
CA GLU A 670 4.11 -15.99 -4.41
C GLU A 670 2.72 -16.53 -4.09
N LEU A 671 1.78 -16.42 -5.02
CA LEU A 671 0.44 -16.98 -4.81
C LEU A 671 0.52 -18.48 -4.53
N LYS A 672 1.35 -19.19 -5.28
CA LYS A 672 1.40 -20.64 -5.19
C LYS A 672 1.98 -21.10 -3.85
N GLU A 673 2.91 -20.34 -3.27
CA GLU A 673 3.43 -20.66 -1.95
C GLU A 673 2.42 -20.38 -0.85
N ALA A 674 1.68 -19.27 -0.99
CA ALA A 674 0.63 -18.93 -0.04
C ALA A 674 -0.54 -19.89 -0.09
N LEU A 675 -0.67 -20.64 -1.17
CA LEU A 675 -1.84 -21.49 -1.33
C LEU A 675 -1.86 -22.61 -0.30
N ASP A 676 -0.69 -23.16 0.04
CA ASP A 676 -0.69 -24.28 0.96
C ASP A 676 -1.21 -23.86 2.33
N ASP A 677 -1.19 -22.57 2.61
CA ASP A 677 -1.61 -22.04 3.90
C ASP A 677 -3.08 -21.62 3.93
N VAL A 678 -3.82 -21.75 2.83
CA VAL A 678 -5.25 -21.53 2.85
C VAL A 678 -5.89 -22.79 3.40
N THR A 679 -6.51 -22.70 4.56
CA THR A 679 -7.23 -23.81 5.15
C THR A 679 -8.71 -23.46 5.23
N LEU A 680 -9.53 -24.50 5.29
CA LEU A 680 -10.98 -24.25 5.33
C LEU A 680 -11.34 -23.29 6.45
N PRO A 681 -10.83 -23.43 7.67
CA PRO A 681 -11.12 -22.42 8.70
C PRO A 681 -10.71 -21.04 8.24
N ARG A 682 -9.49 -20.92 7.71
CA ARG A 682 -9.00 -19.59 7.38
C ARG A 682 -9.86 -18.95 6.29
N LEU A 683 -10.26 -19.73 5.29
CA LEU A 683 -11.18 -19.21 4.29
C LEU A 683 -12.49 -18.80 4.93
N LYS A 684 -13.03 -19.62 5.85
CA LYS A 684 -14.31 -19.29 6.49
C LYS A 684 -14.22 -17.96 7.23
N ALA A 685 -13.09 -17.70 7.88
CA ALA A 685 -12.89 -16.43 8.57
C ALA A 685 -12.72 -15.28 7.57
N PHE A 686 -12.14 -15.58 6.42
CA PHE A 686 -11.82 -14.54 5.45
C PHE A 686 -13.07 -13.85 4.90
N ILE A 687 -14.13 -14.61 4.64
CA ILE A 687 -15.26 -14.10 3.85
C ILE A 687 -16.00 -13.01 4.61
N PRO A 688 -16.40 -13.25 5.85
CA PRO A 688 -17.07 -12.16 6.60
C PRO A 688 -16.19 -10.94 6.78
N GLN A 689 -14.87 -11.14 6.89
CA GLN A 689 -13.92 -10.02 6.97
C GLN A 689 -13.90 -9.24 5.67
N LEU A 690 -13.79 -9.94 4.55
CA LEU A 690 -13.84 -9.29 3.25
C LEU A 690 -15.09 -8.45 3.11
N LEU A 691 -16.23 -9.04 3.46
CA LEU A 691 -17.53 -8.42 3.32
C LEU A 691 -17.79 -7.34 4.37
N SER A 692 -17.07 -7.37 5.49
CA SER A 692 -17.40 -6.48 6.61
C SER A 692 -17.45 -5.02 6.20
N ARG A 693 -16.53 -4.57 5.34
CA ARG A 693 -16.59 -3.20 4.84
C ARG A 693 -16.24 -3.11 3.36
N LEU A 694 -17.06 -2.33 2.65
CA LEU A 694 -17.11 -2.35 1.20
C LEU A 694 -17.53 -0.98 0.70
N HIS A 695 -17.14 -0.73 -0.55
CA HIS A 695 -17.71 0.36 -1.35
C HIS A 695 -18.16 -0.25 -2.67
N ILE A 696 -19.36 0.11 -3.10
CA ILE A 696 -20.00 -0.52 -4.25
C ILE A 696 -20.18 0.55 -5.30
N GLU A 697 -19.51 0.37 -6.44
CA GLU A 697 -19.72 1.24 -7.60
C GLU A 697 -20.38 0.42 -8.68
N ALA A 698 -21.49 0.92 -9.22
CA ALA A 698 -22.36 0.15 -10.11
C ALA A 698 -22.77 0.96 -11.33
N LEU A 699 -22.82 0.29 -12.48
CA LEU A 699 -23.43 0.81 -13.68
C LEU A 699 -24.63 -0.07 -14.02
N LEU A 700 -25.81 0.54 -14.09
CA LEU A 700 -27.04 -0.17 -14.46
C LEU A 700 -27.56 0.46 -15.73
N HIS A 701 -27.62 -0.32 -16.80
CA HIS A 701 -27.84 0.18 -18.15
C HIS A 701 -28.78 -0.75 -18.89
N GLY A 702 -29.90 -0.23 -19.35
CA GLY A 702 -30.75 -1.04 -20.20
C GLY A 702 -32.21 -0.68 -20.00
N ASN A 703 -33.05 -1.72 -20.15
CA ASN A 703 -34.51 -1.56 -20.11
C ASN A 703 -34.98 -1.52 -18.67
N ILE A 704 -34.69 -0.40 -18.02
CA ILE A 704 -34.98 -0.20 -16.60
C ILE A 704 -35.15 1.28 -16.35
N THR A 705 -36.06 1.60 -15.45
CA THR A 705 -36.28 2.99 -15.11
C THR A 705 -35.39 3.39 -13.94
N LYS A 706 -35.24 4.70 -13.76
CA LYS A 706 -34.44 5.19 -12.64
C LYS A 706 -34.90 4.58 -11.32
N GLN A 707 -36.22 4.58 -11.07
CA GLN A 707 -36.75 3.93 -9.88
C GLN A 707 -36.27 2.49 -9.77
N ALA A 708 -36.39 1.72 -10.84
CA ALA A 708 -35.96 0.33 -10.80
C ALA A 708 -34.48 0.22 -10.46
N ALA A 709 -33.67 1.12 -11.02
CA ALA A 709 -32.23 1.06 -10.77
C ALA A 709 -31.94 1.25 -9.28
N LEU A 710 -32.49 2.33 -8.69
CA LEU A 710 -32.34 2.57 -7.26
C LEU A 710 -32.80 1.37 -6.43
N GLY A 711 -33.84 0.68 -6.89
CA GLY A 711 -34.33 -0.45 -6.14
C GLY A 711 -33.45 -1.67 -6.26
N ILE A 712 -32.80 -1.84 -7.41
CA ILE A 712 -31.81 -2.90 -7.52
C ILE A 712 -30.63 -2.60 -6.60
N MET A 713 -30.07 -1.39 -6.73
CA MET A 713 -28.98 -0.98 -5.84
C MET A 713 -29.37 -1.17 -4.39
N GLN A 714 -30.52 -0.62 -3.99
CA GLN A 714 -30.96 -0.74 -2.60
C GLN A 714 -31.05 -2.21 -2.17
N MET A 715 -31.54 -3.09 -3.03
CA MET A 715 -31.64 -4.50 -2.67
C MET A 715 -30.27 -5.11 -2.42
N VAL A 716 -29.28 -4.73 -3.23
CA VAL A 716 -27.91 -5.21 -3.03
C VAL A 716 -27.37 -4.74 -1.68
N GLU A 717 -27.42 -3.43 -1.42
CA GLU A 717 -27.00 -2.89 -0.12
C GLU A 717 -27.71 -3.58 1.04
N ASP A 718 -29.03 -3.71 0.95
CA ASP A 718 -29.79 -4.26 2.07
C ASP A 718 -29.45 -5.71 2.33
N THR A 719 -29.21 -6.47 1.27
CA THR A 719 -28.83 -7.87 1.46
C THR A 719 -27.45 -8.01 2.09
N LEU A 720 -26.51 -7.13 1.69
CA LEU A 720 -25.19 -7.17 2.32
C LEU A 720 -25.26 -6.68 3.76
N ILE A 721 -26.03 -5.63 4.01
CA ILE A 721 -26.09 -5.10 5.37
C ILE A 721 -26.75 -6.11 6.31
N GLU A 722 -27.86 -6.71 5.88
CA GLU A 722 -28.59 -7.62 6.77
C GLU A 722 -27.80 -8.88 7.07
N HIS A 723 -27.24 -9.51 6.04
CA HIS A 723 -26.59 -10.82 6.22
C HIS A 723 -25.10 -10.76 6.53
N ALA A 724 -24.39 -9.69 6.19
CA ALA A 724 -22.96 -9.62 6.41
C ALA A 724 -22.54 -8.34 7.15
N HIS A 725 -23.50 -7.52 7.59
CA HIS A 725 -23.23 -6.37 8.46
C HIS A 725 -22.26 -5.36 7.86
N THR A 726 -22.29 -5.24 6.53
CA THR A 726 -21.40 -4.35 5.79
C THR A 726 -21.42 -2.89 6.24
N LYS A 727 -20.23 -2.36 6.48
CA LYS A 727 -20.04 -0.98 6.88
C LYS A 727 -19.32 -0.29 5.72
N PRO A 728 -19.53 1.02 5.54
CA PRO A 728 -18.86 1.61 4.40
C PRO A 728 -17.34 1.76 4.61
N LEU A 729 -16.66 2.00 3.49
CA LEU A 729 -15.23 2.27 3.61
C LEU A 729 -15.01 3.78 3.73
N LEU A 730 -13.84 4.14 4.19
CA LEU A 730 -13.52 5.57 4.23
C LEU A 730 -13.07 6.05 2.85
N PRO A 731 -13.37 7.29 2.50
CA PRO A 731 -12.86 7.83 1.23
C PRO A 731 -11.38 7.59 1.09
N SER A 732 -10.64 7.82 2.17
CA SER A 732 -9.20 7.67 2.18
C SER A 732 -8.74 6.23 1.94
N GLN A 733 -9.63 5.24 1.99
CA GLN A 733 -9.21 3.86 1.73
C GLN A 733 -9.36 3.44 0.28
N LEU A 734 -10.04 4.23 -0.54
CA LEU A 734 -10.36 3.84 -1.91
C LEU A 734 -9.24 4.30 -2.85
N VAL A 735 -8.08 3.68 -2.70
CA VAL A 735 -6.92 4.08 -3.49
C VAL A 735 -6.66 3.05 -4.57
N ARG A 736 -6.34 3.56 -5.76
CA ARG A 736 -5.86 2.76 -6.87
C ARG A 736 -4.33 2.76 -6.95
N TYR A 737 -3.78 1.67 -7.49
CA TYR A 737 -2.34 1.54 -7.62
C TYR A 737 -1.81 2.46 -8.71
N ARG A 738 -0.56 2.89 -8.53
CA ARG A 738 0.10 3.77 -9.49
C ARG A 738 1.02 2.97 -10.39
N GLU A 739 1.48 3.61 -11.45
CA GLU A 739 2.48 3.00 -12.31
C GLU A 739 3.85 3.63 -12.09
N VAL A 740 4.88 2.77 -12.12
CA VAL A 740 6.25 3.22 -11.88
C VAL A 740 6.60 4.34 -12.84
N GLN A 741 7.25 5.39 -12.33
CA GLN A 741 7.65 6.52 -13.15
C GLN A 741 9.10 6.36 -13.56
N LEU A 742 9.32 6.05 -14.84
CA LEU A 742 10.66 5.80 -15.32
C LEU A 742 11.44 7.09 -15.53
N PRO A 743 12.75 7.02 -15.39
CA PRO A 743 13.60 8.20 -15.52
C PRO A 743 13.82 8.60 -16.97
N ASP A 744 13.95 9.92 -17.19
CA ASP A 744 14.32 10.42 -18.51
C ASP A 744 15.60 9.74 -19.01
N ARG A 745 15.55 9.24 -20.24
CA ARG A 745 16.66 8.54 -20.89
C ARG A 745 17.01 7.20 -20.27
N GLY A 746 16.15 6.64 -19.42
CA GLY A 746 16.42 5.33 -18.84
C GLY A 746 16.05 4.19 -19.77
N TRP A 747 16.77 3.07 -19.64
CA TRP A 747 16.43 1.85 -20.37
C TRP A 747 16.70 0.65 -19.48
N PHE A 748 15.63 -0.02 -19.06
CA PHE A 748 15.72 -1.19 -18.18
C PHE A 748 15.36 -2.43 -18.97
N VAL A 749 16.02 -3.53 -18.65
CA VAL A 749 15.75 -4.81 -19.28
C VAL A 749 15.54 -5.83 -18.19
N TYR A 750 14.56 -6.71 -18.36
CA TYR A 750 14.29 -7.80 -17.43
C TYR A 750 14.26 -9.08 -18.23
N GLN A 751 14.94 -10.11 -17.74
CA GLN A 751 15.21 -11.33 -18.50
C GLN A 751 14.67 -12.52 -17.73
N GLN A 752 13.86 -13.32 -18.39
CA GLN A 752 13.37 -14.57 -17.83
C GLN A 752 13.44 -15.64 -18.92
N ARG A 753 13.35 -16.90 -18.52
CA ARG A 753 13.30 -18.00 -19.46
C ARG A 753 11.94 -18.64 -19.43
N ASN A 754 11.42 -18.98 -20.61
CA ASN A 754 10.26 -19.84 -20.77
C ASN A 754 10.74 -21.28 -20.89
N GLU A 755 10.38 -22.12 -19.93
CA GLU A 755 10.95 -23.46 -19.90
C GLU A 755 10.21 -24.47 -20.77
N VAL A 756 9.23 -24.05 -21.60
CA VAL A 756 8.37 -24.97 -22.34
C VAL A 756 8.45 -24.74 -23.84
N HIS A 757 8.39 -23.48 -24.27
CA HIS A 757 8.41 -23.15 -25.69
C HIS A 757 9.81 -22.82 -26.17
N ASN A 758 10.17 -23.34 -27.35
CA ASN A 758 11.44 -23.00 -27.96
C ASN A 758 11.35 -21.85 -28.96
N ASN A 759 10.48 -20.86 -28.71
CA ASN A 759 10.60 -19.50 -29.21
C ASN A 759 10.89 -18.56 -28.04
N SER A 760 11.22 -17.32 -28.37
CA SER A 760 11.40 -16.28 -27.39
C SER A 760 10.33 -15.23 -27.58
N GLY A 761 10.18 -14.37 -26.56
CA GLY A 761 9.27 -13.27 -26.62
C GLY A 761 9.93 -11.99 -26.14
N ILE A 762 9.30 -10.88 -26.51
CA ILE A 762 9.79 -9.57 -26.11
C ILE A 762 8.61 -8.63 -26.06
N GLU A 763 8.46 -7.88 -24.98
CA GLU A 763 7.65 -6.67 -25.03
C GLU A 763 8.56 -5.47 -24.81
N ILE A 764 8.37 -4.43 -25.61
CA ILE A 764 9.12 -3.19 -25.47
C ILE A 764 8.11 -2.08 -25.19
N TYR A 765 8.35 -1.33 -24.13
CA TYR A 765 7.43 -0.29 -23.66
C TYR A 765 8.16 1.04 -23.65
N TYR A 766 7.65 1.99 -24.44
CA TYR A 766 8.07 3.39 -24.41
C TYR A 766 7.02 4.17 -23.62
N GLN A 767 7.25 4.29 -22.32
CA GLN A 767 6.33 5.02 -21.48
C GLN A 767 6.41 6.48 -21.86
N THR A 768 5.26 7.11 -22.12
CA THR A 768 5.32 8.52 -22.47
C THR A 768 4.98 9.38 -21.27
N ASP A 769 3.70 9.56 -20.98
CA ASP A 769 3.28 10.44 -19.89
C ASP A 769 1.88 10.04 -19.45
N MET A 770 1.33 10.83 -18.55
CA MET A 770 0.02 10.52 -18.01
C MET A 770 -1.02 10.74 -19.08
N GLN A 771 -2.07 9.92 -19.06
CA GLN A 771 -3.15 10.11 -20.02
C GLN A 771 -3.72 11.52 -19.90
N SER A 772 -4.03 12.10 -21.05
CA SER A 772 -4.65 13.41 -21.18
C SER A 772 -5.00 13.57 -22.65
N THR A 773 -5.87 14.55 -22.95
CA THR A 773 -6.38 14.63 -24.32
C THR A 773 -5.25 14.81 -25.34
N SER A 774 -4.28 15.69 -25.05
CA SER A 774 -3.15 15.86 -25.96
C SER A 774 -2.29 14.59 -26.03
N GLU A 775 -1.82 14.11 -24.88
CA GLU A 775 -0.94 12.95 -24.91
C GLU A 775 -1.66 11.72 -25.46
N ASN A 776 -2.97 11.59 -25.20
CA ASN A 776 -3.71 10.45 -25.73
C ASN A 776 -3.67 10.43 -27.23
N MET A 777 -3.85 11.60 -27.85
CA MET A 777 -4.01 11.68 -29.28
C MET A 777 -2.67 11.68 -30.01
N PHE A 778 -1.63 12.29 -29.43
CA PHE A 778 -0.29 12.09 -29.97
C PHE A 778 0.00 10.61 -30.11
N LEU A 779 -0.14 9.88 -28.99
CA LEU A 779 0.14 8.45 -28.99
C LEU A 779 -0.78 7.72 -29.94
N GLU A 780 -2.08 8.00 -29.91
CA GLU A 780 -2.98 7.26 -30.79
C GLU A 780 -2.68 7.54 -32.26
N LEU A 781 -2.40 8.80 -32.62
CA LEU A 781 -2.07 9.12 -34.00
C LEU A 781 -0.79 8.43 -34.45
N PHE A 782 0.25 8.49 -33.63
CA PHE A 782 1.49 7.81 -34.00
C PHE A 782 1.26 6.32 -34.18
N ALA A 783 0.57 5.68 -33.24
CA ALA A 783 0.29 4.26 -33.37
C ALA A 783 -0.42 3.97 -34.69
N GLN A 784 -1.37 4.82 -35.06
CA GLN A 784 -2.10 4.63 -36.31
C GLN A 784 -1.17 4.75 -37.50
N ILE A 785 -0.28 5.74 -37.48
CA ILE A 785 0.62 5.96 -38.60
C ILE A 785 1.62 4.83 -38.73
N ILE A 786 2.02 4.22 -37.62
CA ILE A 786 3.03 3.15 -37.67
C ILE A 786 2.42 1.76 -37.70
N SER A 787 1.09 1.63 -37.54
CA SER A 787 0.47 0.34 -37.33
C SER A 787 0.76 -0.63 -38.47
N GLU A 788 0.35 -0.25 -39.69
CA GLU A 788 0.57 -1.12 -40.84
C GLU A 788 2.05 -1.25 -41.14
N PRO A 789 2.80 -0.15 -41.33
CA PRO A 789 4.25 -0.26 -41.51
C PRO A 789 4.89 -1.26 -40.55
N ALA A 790 4.47 -1.20 -39.27
CA ALA A 790 5.03 -2.09 -38.26
C ALA A 790 4.84 -3.55 -38.64
N PHE A 791 3.61 -3.94 -39.01
CA PHE A 791 3.32 -5.31 -39.40
C PHE A 791 4.06 -5.69 -40.67
N ASN A 792 4.07 -4.77 -41.65
CA ASN A 792 4.69 -5.04 -42.95
C ASN A 792 6.19 -5.26 -42.79
N THR A 793 6.85 -4.38 -42.02
CA THR A 793 8.31 -4.41 -41.91
C THR A 793 8.79 -5.58 -41.06
N LEU A 794 8.20 -5.77 -39.88
CA LEU A 794 8.69 -6.76 -38.91
C LEU A 794 8.14 -8.16 -39.16
N ARG A 795 6.95 -8.27 -39.73
CA ARG A 795 6.50 -9.61 -40.11
C ARG A 795 6.68 -9.85 -41.60
N THR A 796 5.91 -9.15 -42.44
CA THR A 796 5.90 -9.45 -43.87
C THR A 796 7.29 -9.42 -44.47
N LYS A 797 8.07 -8.36 -44.20
CA LYS A 797 9.37 -8.26 -44.85
C LYS A 797 10.46 -9.01 -44.10
N GLU A 798 10.69 -8.71 -42.82
CA GLU A 798 11.81 -9.36 -42.14
C GLU A 798 11.44 -10.71 -41.52
N GLN A 799 10.14 -11.05 -41.45
CA GLN A 799 9.66 -12.36 -40.98
C GLN A 799 10.28 -12.76 -39.65
N LEU A 800 10.23 -11.82 -38.70
CA LEU A 800 10.68 -12.06 -37.34
C LEU A 800 9.85 -13.14 -36.65
N GLY A 801 8.55 -13.13 -36.88
CA GLY A 801 7.71 -14.19 -36.35
C GLY A 801 6.27 -13.97 -36.76
N TYR A 802 5.44 -14.96 -36.42
CA TYR A 802 4.02 -14.86 -36.74
C TYR A 802 3.36 -13.80 -35.87
N ILE A 803 3.70 -13.74 -34.58
CA ILE A 803 3.09 -12.75 -33.70
C ILE A 803 3.94 -11.49 -33.68
N VAL A 804 3.39 -10.41 -34.24
CA VAL A 804 4.01 -9.10 -34.23
C VAL A 804 2.92 -8.06 -33.96
N PHE A 805 3.15 -7.20 -32.97
CA PHE A 805 2.09 -6.31 -32.53
C PHE A 805 2.70 -5.00 -32.11
N SER A 806 2.12 -3.93 -32.56
CA SER A 806 2.43 -2.61 -32.07
C SER A 806 1.11 -1.96 -31.67
N GLY A 807 1.15 -1.15 -30.63
CA GLY A 807 0.01 -0.37 -30.25
C GLY A 807 0.26 0.47 -29.02
N PRO A 808 -0.78 1.17 -28.56
CA PRO A 808 -0.71 1.80 -27.24
C PRO A 808 -0.78 0.79 -26.10
N ARG A 809 -0.24 1.21 -24.96
CA ARG A 809 -0.46 0.55 -23.69
C ARG A 809 -1.04 1.58 -22.74
N ARG A 810 -2.10 1.19 -22.04
CA ARG A 810 -2.73 2.01 -21.00
C ARG A 810 -2.81 1.21 -19.70
N ALA A 811 -2.23 1.74 -18.64
CA ALA A 811 -2.26 1.09 -17.33
C ALA A 811 -2.22 2.15 -16.25
N ASN A 812 -3.11 2.03 -15.26
CA ASN A 812 -3.09 2.90 -14.09
C ASN A 812 -3.04 4.38 -14.44
N GLY A 813 -3.70 4.78 -15.54
CA GLY A 813 -3.75 6.17 -15.94
C GLY A 813 -2.53 6.68 -16.69
N ILE A 814 -1.50 5.87 -16.85
CA ILE A 814 -0.37 6.20 -17.66
C ILE A 814 -0.50 5.48 -19.00
N GLN A 815 0.35 5.83 -19.96
CA GLN A 815 0.28 5.22 -21.27
C GLN A 815 1.66 5.28 -21.90
N GLY A 816 1.79 4.55 -23.01
CA GLY A 816 3.01 4.54 -23.78
C GLY A 816 2.79 3.73 -25.03
N LEU A 817 3.86 3.61 -25.82
CA LEU A 817 3.87 2.78 -27.02
C LEU A 817 4.49 1.43 -26.69
N ARG A 818 4.00 0.37 -27.31
CA ARG A 818 4.56 -0.95 -27.05
C ARG A 818 4.64 -1.79 -28.31
N PHE A 819 5.69 -2.61 -28.37
CA PHE A 819 5.89 -3.60 -29.40
C PHE A 819 5.92 -4.96 -28.71
N ILE A 820 5.18 -5.93 -29.25
CA ILE A 820 5.24 -7.31 -28.76
C ILE A 820 5.56 -8.22 -29.94
N ILE A 821 6.45 -9.17 -29.72
CA ILE A 821 6.92 -10.02 -30.80
C ILE A 821 7.26 -11.37 -30.23
N GLN A 822 6.84 -12.42 -30.90
CA GLN A 822 7.28 -13.76 -30.55
C GLN A 822 8.05 -14.29 -31.74
N SER A 823 9.26 -14.79 -31.49
CA SER A 823 10.18 -15.13 -32.57
C SER A 823 11.10 -16.25 -32.14
N GLU A 824 11.78 -16.85 -33.13
CA GLU A 824 12.88 -17.75 -32.82
C GLU A 824 14.20 -17.00 -32.67
N LYS A 825 14.26 -15.75 -33.13
CA LYS A 825 15.46 -14.96 -33.00
C LYS A 825 15.62 -14.54 -31.53
N PRO A 826 16.86 -14.29 -31.08
CA PRO A 826 17.06 -13.84 -29.71
C PRO A 826 16.44 -12.45 -29.51
N PRO A 827 16.01 -12.15 -28.28
CA PRO A 827 15.27 -10.88 -28.11
C PRO A 827 16.12 -9.65 -28.36
N HIS A 828 17.42 -9.67 -28.04
CA HIS A 828 18.23 -8.48 -28.28
C HIS A 828 18.32 -8.14 -29.76
N TYR A 829 18.33 -9.17 -30.62
CA TYR A 829 18.18 -8.89 -32.06
C TYR A 829 16.87 -8.20 -32.33
N LEU A 830 15.77 -8.77 -31.79
CA LEU A 830 14.48 -8.16 -31.98
C LEU A 830 14.50 -6.70 -31.56
N GLU A 831 15.32 -6.37 -30.55
CA GLU A 831 15.40 -4.98 -30.08
C GLU A 831 15.96 -4.07 -31.17
N SER A 832 17.10 -4.43 -31.74
CA SER A 832 17.67 -3.59 -32.77
C SER A 832 16.72 -3.44 -33.96
N ARG A 833 15.98 -4.51 -34.30
CA ARG A 833 15.10 -4.46 -35.47
C ARG A 833 13.93 -3.50 -35.26
N VAL A 834 13.38 -3.48 -34.04
CA VAL A 834 12.34 -2.50 -33.72
C VAL A 834 12.92 -1.09 -33.73
N GLU A 835 14.14 -0.94 -33.20
CA GLU A 835 14.81 0.36 -33.20
C GLU A 835 15.10 0.83 -34.62
N ALA A 836 15.62 -0.07 -35.46
CA ALA A 836 15.80 0.25 -36.87
C ALA A 836 14.48 0.68 -37.47
N PHE A 837 13.42 -0.10 -37.24
CA PHE A 837 12.13 0.23 -37.80
C PHE A 837 11.70 1.64 -37.41
N LEU A 838 11.92 2.02 -36.16
CA LEU A 838 11.46 3.34 -35.71
C LEU A 838 12.13 4.45 -36.51
N ILE A 839 13.44 4.31 -36.72
CA ILE A 839 14.18 5.30 -37.51
C ILE A 839 13.60 5.41 -38.90
N THR A 840 13.43 4.27 -39.58
CA THR A 840 12.83 4.31 -40.91
C THR A 840 11.45 4.95 -40.85
N MET A 841 10.73 4.81 -39.74
CA MET A 841 9.46 5.53 -39.58
C MET A 841 9.66 7.02 -39.39
N GLU A 842 10.78 7.43 -38.78
CA GLU A 842 11.06 8.86 -38.70
C GLU A 842 11.17 9.45 -40.09
N LYS A 843 11.91 8.77 -40.97
CA LYS A 843 12.01 9.23 -42.35
C LYS A 843 10.63 9.23 -43.01
N SER A 844 9.92 8.11 -42.92
CA SER A 844 8.61 7.97 -43.58
C SER A 844 7.63 9.04 -43.15
N ILE A 845 7.59 9.39 -41.86
CA ILE A 845 6.66 10.43 -41.46
C ILE A 845 7.04 11.76 -42.04
N GLU A 846 8.34 12.02 -42.18
CA GLU A 846 8.77 13.35 -42.58
C GLU A 846 8.75 13.50 -44.10
N ASP A 847 8.95 12.39 -44.83
CA ASP A 847 8.61 12.31 -46.26
C ASP A 847 7.11 12.21 -46.51
N MET A 848 6.30 11.95 -45.49
CA MET A 848 4.88 11.71 -45.72
C MET A 848 4.18 12.96 -46.23
N THR A 849 3.37 12.78 -47.26
CA THR A 849 2.62 13.88 -47.83
C THR A 849 1.59 14.39 -46.83
N GLU A 850 1.19 15.64 -47.01
CA GLU A 850 0.10 16.13 -46.16
C GLU A 850 -1.21 15.40 -46.44
N GLU A 851 -1.39 14.90 -47.65
CA GLU A 851 -2.64 14.23 -47.95
C GLU A 851 -2.71 12.86 -47.28
N ALA A 852 -1.58 12.15 -47.24
CA ALA A 852 -1.51 10.88 -46.53
C ALA A 852 -1.74 11.08 -45.04
N PHE A 853 -0.99 12.01 -44.44
CA PHE A 853 -1.20 12.36 -43.04
C PHE A 853 -2.69 12.50 -42.73
N GLN A 854 -3.40 13.32 -43.48
CA GLN A 854 -4.81 13.51 -43.18
C GLN A 854 -5.62 12.23 -43.38
N LYS A 855 -5.19 11.34 -44.27
CA LYS A 855 -5.87 10.04 -44.41
C LYS A 855 -5.79 9.29 -43.08
N HIS A 856 -4.63 9.37 -42.41
CA HIS A 856 -4.45 8.69 -41.13
C HIS A 856 -5.31 9.35 -40.05
N ILE A 857 -5.37 10.69 -40.04
CA ILE A 857 -6.27 11.36 -39.12
C ILE A 857 -7.70 10.86 -39.30
N GLN A 858 -8.18 10.79 -40.55
CA GLN A 858 -9.57 10.38 -40.74
C GLN A 858 -9.79 8.92 -40.33
N ALA A 859 -8.82 8.04 -40.64
CA ALA A 859 -8.96 6.63 -40.27
C ALA A 859 -9.13 6.50 -38.77
N LEU A 860 -8.32 7.23 -38.00
CA LEU A 860 -8.43 7.16 -36.55
C LEU A 860 -9.78 7.70 -36.09
N ALA A 861 -10.20 8.85 -36.63
CA ALA A 861 -11.51 9.39 -36.28
C ALA A 861 -12.61 8.35 -36.51
N ILE A 862 -12.60 7.70 -37.67
CA ILE A 862 -13.64 6.70 -37.92
C ILE A 862 -13.61 5.61 -36.86
N ARG A 863 -12.42 5.12 -36.49
CA ARG A 863 -12.34 4.08 -35.47
C ARG A 863 -12.91 4.58 -34.15
N ARG A 864 -12.44 5.75 -33.70
CA ARG A 864 -12.86 6.25 -32.39
C ARG A 864 -14.34 6.52 -32.35
N LEU A 865 -14.91 7.02 -33.44
CA LEU A 865 -16.31 7.42 -33.47
C LEU A 865 -17.24 6.33 -33.95
N ASP A 866 -16.72 5.14 -34.26
CA ASP A 866 -17.60 4.03 -34.62
C ASP A 866 -18.61 3.82 -33.50
N LYS A 867 -19.91 3.76 -33.86
CA LYS A 867 -20.80 3.68 -32.71
C LYS A 867 -21.10 2.25 -32.30
N PRO A 868 -21.37 2.04 -31.00
CA PRO A 868 -21.59 0.69 -30.50
C PRO A 868 -22.88 0.10 -31.07
N LYS A 869 -22.83 -1.19 -31.44
CA LYS A 869 -23.99 -1.75 -32.13
C LYS A 869 -24.93 -2.55 -31.23
N LYS A 870 -24.51 -2.91 -30.01
CA LYS A 870 -25.37 -3.65 -29.07
C LYS A 870 -25.20 -3.08 -27.68
N LEU A 871 -26.20 -3.34 -26.82
CA LEU A 871 -26.18 -2.80 -25.46
C LEU A 871 -24.86 -3.07 -24.75
N SER A 872 -24.40 -4.33 -24.76
CA SER A 872 -23.17 -4.71 -24.08
C SER A 872 -21.99 -3.83 -24.47
N ALA A 873 -21.88 -3.47 -25.75
CA ALA A 873 -20.75 -2.67 -26.23
C ALA A 873 -20.77 -1.26 -25.65
N GLU A 874 -21.94 -0.60 -25.69
CA GLU A 874 -22.07 0.72 -25.07
C GLU A 874 -21.83 0.63 -23.57
N SER A 875 -22.38 -0.41 -22.93
CA SER A 875 -22.17 -0.63 -21.51
C SER A 875 -20.68 -0.72 -21.18
N ALA A 876 -19.94 -1.52 -21.95
CA ALA A 876 -18.52 -1.69 -21.65
C ALA A 876 -17.73 -0.41 -21.93
N LYS A 877 -18.18 0.41 -22.87
CA LYS A 877 -17.55 1.72 -23.04
C LYS A 877 -17.68 2.55 -21.77
N TYR A 878 -18.86 2.56 -21.16
CA TYR A 878 -19.07 3.36 -19.96
C TYR A 878 -18.35 2.76 -18.75
N TRP A 879 -18.40 1.43 -18.62
CA TRP A 879 -17.72 0.77 -17.52
C TRP A 879 -16.23 1.07 -17.54
N GLY A 880 -15.63 1.09 -18.73
CA GLY A 880 -14.24 1.49 -18.85
C GLY A 880 -13.97 2.86 -18.26
N GLU A 881 -14.83 3.83 -18.56
CA GLU A 881 -14.72 5.17 -17.96
C GLU A 881 -14.89 5.14 -16.45
N ILE A 882 -15.73 4.23 -15.94
CA ILE A 882 -16.07 4.23 -14.51
C ILE A 882 -15.01 3.54 -13.68
N ILE A 883 -14.63 2.31 -14.04
CA ILE A 883 -13.57 1.62 -13.28
C ILE A 883 -12.27 2.37 -13.38
N SER A 884 -12.03 3.05 -14.50
CA SER A 884 -10.79 3.79 -14.67
C SER A 884 -10.82 5.11 -13.94
N GLN A 885 -11.96 5.47 -13.34
CA GLN A 885 -12.04 6.58 -12.40
C GLN A 885 -11.95 7.92 -13.12
N GLN A 886 -12.14 7.92 -14.44
CA GLN A 886 -12.00 9.13 -15.25
C GLN A 886 -13.34 9.72 -15.62
N TYR A 887 -14.33 8.88 -15.86
CA TYR A 887 -15.72 9.32 -16.01
C TYR A 887 -15.91 10.31 -17.15
N ASN A 888 -15.16 10.13 -18.25
CA ASN A 888 -15.26 11.03 -19.39
C ASN A 888 -16.12 10.36 -20.47
N PHE A 889 -17.45 10.42 -20.26
CA PHE A 889 -18.38 9.67 -21.11
C PHE A 889 -18.52 10.25 -22.49
N ASP A 890 -18.15 11.52 -22.68
CA ASP A 890 -18.14 12.18 -23.97
C ASP A 890 -16.74 12.20 -24.59
N ARG A 891 -15.85 11.34 -24.10
CA ARG A 891 -14.44 11.42 -24.46
C ARG A 891 -14.23 11.39 -25.97
N ASP A 892 -15.01 10.58 -26.69
CA ASP A 892 -14.74 10.41 -28.11
C ASP A 892 -14.88 11.71 -28.86
N ASN A 893 -16.00 12.41 -28.67
CA ASN A 893 -16.19 13.67 -29.38
C ASN A 893 -15.02 14.61 -29.14
N THR A 894 -14.79 14.98 -27.87
CA THR A 894 -13.75 15.95 -27.56
C THR A 894 -12.37 15.48 -28.02
N GLU A 895 -12.06 14.18 -27.88
CA GLU A 895 -10.74 13.71 -28.27
C GLU A 895 -10.60 13.66 -29.79
N VAL A 896 -11.66 13.28 -30.50
CA VAL A 896 -11.60 13.27 -31.96
C VAL A 896 -11.42 14.70 -32.48
N ALA A 897 -12.17 15.64 -31.87
CA ALA A 897 -12.07 17.06 -32.19
C ALA A 897 -10.64 17.58 -32.05
N TYR A 898 -10.03 17.36 -30.89
CA TYR A 898 -8.63 17.71 -30.77
C TYR A 898 -7.80 17.01 -31.84
N LEU A 899 -8.08 15.73 -32.10
CA LEU A 899 -7.29 14.95 -33.06
C LEU A 899 -7.19 15.70 -34.38
N LYS A 900 -8.33 16.19 -34.87
CA LYS A 900 -8.40 16.76 -36.21
C LYS A 900 -7.50 17.97 -36.38
N THR A 901 -7.07 18.58 -35.28
CA THR A 901 -6.24 19.78 -35.29
C THR A 901 -4.75 19.49 -35.22
N LEU A 902 -4.36 18.23 -35.06
CA LEU A 902 -2.94 17.91 -34.98
C LEU A 902 -2.29 18.02 -36.35
N THR A 903 -1.06 18.51 -36.37
CA THR A 903 -0.32 18.68 -37.62
C THR A 903 0.76 17.61 -37.73
N LYS A 904 1.29 17.42 -38.94
CA LYS A 904 2.37 16.47 -39.09
C LYS A 904 3.60 16.89 -38.29
N GLU A 905 3.75 18.19 -38.01
CA GLU A 905 4.91 18.61 -37.24
C GLU A 905 4.74 18.32 -35.75
N ASP A 906 3.52 18.51 -35.23
CA ASP A 906 3.20 18.07 -33.87
C ASP A 906 3.69 16.64 -33.63
N ILE A 907 3.34 15.72 -34.55
CA ILE A 907 3.70 14.33 -34.39
C ILE A 907 5.21 14.15 -34.48
N ILE A 908 5.88 14.92 -35.34
CA ILE A 908 7.33 14.78 -35.44
C ILE A 908 7.99 15.31 -34.17
N LYS A 909 7.45 16.39 -33.61
CA LYS A 909 8.02 16.92 -32.36
C LYS A 909 7.85 15.91 -31.24
N PHE A 910 6.65 15.33 -31.15
CA PHE A 910 6.34 14.34 -30.11
C PHE A 910 7.26 13.13 -30.22
N TYR A 911 7.49 12.64 -31.44
CA TYR A 911 8.39 11.51 -31.63
C TYR A 911 9.81 11.85 -31.18
N LYS A 912 10.33 13.00 -31.61
CA LYS A 912 11.70 13.36 -31.25
C LYS A 912 11.83 13.70 -29.77
N GLU A 913 10.73 14.12 -29.12
CA GLU A 913 10.79 14.41 -27.69
C GLU A 913 10.62 13.15 -26.84
N MET A 914 9.76 12.21 -27.26
CA MET A 914 9.33 11.12 -26.38
C MET A 914 9.84 9.75 -26.79
N LEU A 915 10.10 9.49 -28.07
CA LEU A 915 10.23 8.14 -28.61
C LEU A 915 11.57 7.84 -29.28
N ALA A 916 12.17 8.81 -29.97
CA ALA A 916 13.40 8.60 -30.71
C ALA A 916 14.52 8.09 -29.80
N VAL A 917 15.44 7.32 -30.38
CA VAL A 917 16.55 6.79 -29.59
C VAL A 917 17.28 7.92 -28.87
N ASP A 918 17.24 9.12 -29.43
CA ASP A 918 17.94 10.27 -28.90
C ASP A 918 17.00 11.20 -28.16
N ALA A 919 15.78 10.75 -27.85
CA ALA A 919 14.81 11.67 -27.28
C ALA A 919 15.21 12.01 -25.84
N PRO A 920 15.04 13.27 -25.42
CA PRO A 920 15.43 13.64 -24.06
C PRO A 920 14.55 13.03 -22.98
N ARG A 921 13.33 12.65 -23.29
CA ARG A 921 12.42 12.10 -22.30
C ARG A 921 12.05 10.68 -22.66
N ARG A 922 13.02 9.93 -23.16
CA ARG A 922 12.75 8.56 -23.59
C ARG A 922 12.53 7.68 -22.38
N HIS A 923 11.48 6.87 -22.35
CA HIS A 923 11.34 6.05 -21.14
C HIS A 923 11.13 4.61 -21.54
N LYS A 924 12.21 3.86 -21.66
CA LYS A 924 12.16 2.54 -22.27
C LYS A 924 12.45 1.42 -21.26
N VAL A 925 11.52 0.50 -21.14
CA VAL A 925 11.73 -0.76 -20.42
C VAL A 925 11.37 -1.93 -21.34
N SER A 926 12.14 -3.02 -21.23
CA SER A 926 12.02 -4.15 -22.14
C SER A 926 12.03 -5.43 -21.34
N VAL A 927 11.10 -6.34 -21.63
CA VAL A 927 11.08 -7.67 -21.03
C VAL A 927 11.49 -8.65 -22.10
N HIS A 928 12.45 -9.52 -21.78
CA HIS A 928 12.97 -10.51 -22.71
C HIS A 928 12.64 -11.88 -22.15
N VAL A 929 11.91 -12.68 -22.89
CA VAL A 929 11.66 -14.07 -22.49
C VAL A 929 12.46 -14.95 -23.43
N LEU A 930 13.42 -15.67 -22.89
CA LEU A 930 14.27 -16.55 -23.69
C LEU A 930 13.58 -17.89 -23.92
N ALA A 931 13.75 -18.44 -25.12
CA ALA A 931 13.15 -19.73 -25.47
C ALA A 931 13.74 -20.83 -24.59
N ARG A 932 13.25 -22.05 -24.77
CA ARG A 932 13.74 -23.20 -24.01
C ARG A 932 15.24 -23.38 -24.19
N GLU A 933 15.65 -23.69 -25.41
CA GLU A 933 17.07 -23.89 -25.72
C GLU A 933 17.64 -22.60 -26.29
N MET A 934 17.92 -21.64 -25.41
CA MET A 934 18.47 -20.36 -25.83
C MET A 934 19.51 -19.87 -24.82
N ASP A 935 20.13 -18.71 -25.13
CA ASP A 935 21.44 -18.37 -24.54
C ASP A 935 21.45 -16.94 -24.01
N SER A 936 22.21 -16.72 -22.95
CA SER A 936 22.06 -15.51 -22.17
C SER A 936 22.99 -14.37 -22.61
N ASN A 950 20.59 -4.75 -48.35
CA ASN A 950 20.76 -5.60 -47.19
C ASN A 950 19.56 -5.27 -46.29
N LEU A 951 19.78 -4.94 -45.02
CA LEU A 951 18.70 -4.46 -44.15
C LEU A 951 19.01 -3.06 -43.66
N SER A 952 17.96 -2.33 -43.27
CA SER A 952 18.14 -1.02 -42.69
C SER A 952 18.96 -1.13 -41.40
N GLN A 953 19.85 -0.16 -41.18
CA GLN A 953 20.81 -0.27 -40.09
C GLN A 953 20.14 0.08 -38.76
N ALA A 954 20.38 -0.78 -37.77
CA ALA A 954 19.86 -0.52 -36.44
C ALA A 954 20.72 0.57 -35.77
N PRO A 955 20.11 1.46 -34.99
CA PRO A 955 20.90 2.43 -34.23
C PRO A 955 21.72 1.76 -33.15
N ALA A 956 22.63 2.54 -32.58
CA ALA A 956 23.48 2.07 -31.50
C ALA A 956 22.76 2.29 -30.18
N LEU A 957 22.83 1.29 -29.32
CA LEU A 957 21.97 1.39 -28.16
C LEU A 957 22.79 1.53 -26.89
N PRO A 958 22.34 2.38 -25.96
CA PRO A 958 22.99 2.47 -24.65
C PRO A 958 23.04 1.14 -23.90
N GLN A 959 23.84 1.09 -22.84
CA GLN A 959 23.86 -0.09 -21.99
C GLN A 959 22.56 -0.14 -21.21
N PRO A 960 21.82 -1.24 -21.24
CA PRO A 960 20.60 -1.32 -20.45
C PRO A 960 20.96 -1.60 -19.01
N GLU A 961 20.21 -1.00 -18.10
CA GLU A 961 20.33 -1.31 -16.69
C GLU A 961 19.46 -2.53 -16.43
N VAL A 962 20.08 -3.59 -15.90
CA VAL A 962 19.47 -4.91 -15.89
C VAL A 962 18.78 -5.15 -14.55
N ILE A 963 17.47 -5.34 -14.61
CA ILE A 963 16.62 -5.56 -13.44
C ILE A 963 16.82 -6.97 -12.94
N GLN A 964 17.36 -7.09 -11.73
CA GLN A 964 17.56 -8.35 -11.05
C GLN A 964 16.44 -8.67 -10.07
N ASN A 965 15.70 -7.66 -9.63
CA ASN A 965 14.74 -7.83 -8.55
C ASN A 965 13.64 -6.80 -8.73
N MET A 966 12.39 -7.25 -8.88
CA MET A 966 11.34 -6.29 -9.16
C MET A 966 11.07 -5.35 -7.99
N THR A 967 11.22 -5.86 -6.77
CA THR A 967 11.00 -5.03 -5.60
C THR A 967 12.02 -3.90 -5.54
N GLU A 968 13.31 -4.23 -5.71
CA GLU A 968 14.37 -3.23 -5.73
C GLU A 968 14.19 -2.25 -6.86
N PHE A 969 13.81 -2.74 -8.04
CA PHE A 969 13.54 -1.87 -9.17
C PHE A 969 12.51 -0.80 -8.81
N LYS A 970 11.39 -1.24 -8.24
CA LYS A 970 10.29 -0.33 -7.98
C LYS A 970 10.65 0.68 -6.89
N ARG A 971 11.34 0.21 -5.85
CA ARG A 971 11.69 1.07 -4.73
C ARG A 971 12.54 2.25 -5.18
N GLY A 972 13.41 2.04 -6.16
CA GLY A 972 14.30 3.08 -6.63
C GLY A 972 13.71 4.07 -7.61
N LEU A 973 12.44 3.96 -7.95
CA LEU A 973 11.80 4.91 -8.84
C LEU A 973 10.63 5.61 -8.17
N PRO A 974 10.18 6.72 -8.73
CA PRO A 974 8.99 7.39 -8.23
C PRO A 974 7.75 6.66 -8.70
N LEU A 975 6.60 7.13 -8.21
CA LEU A 975 5.31 6.62 -8.64
C LEU A 975 4.49 7.75 -9.25
N PHE A 976 3.91 7.49 -10.42
CA PHE A 976 3.12 8.54 -11.05
C PHE A 976 1.98 8.96 -10.15
N PRO A 977 1.43 10.15 -10.38
CA PRO A 977 0.12 10.49 -9.79
C PRO A 977 -0.95 9.57 -10.29
N LEU A 978 -2.19 9.89 -9.94
CA LEU A 978 -3.36 9.28 -10.55
C LEU A 978 -4.14 10.34 -11.31
N VAL A 979 -4.87 9.91 -12.33
CA VAL A 979 -5.56 10.88 -13.15
C VAL A 979 -6.64 11.56 -12.32
N LYS A 980 -6.97 12.81 -12.69
CA LYS A 980 -8.08 13.47 -11.98
C LYS A 980 -9.40 13.14 -12.67
N PRO A 981 -10.46 12.84 -11.92
CA PRO A 981 -11.74 12.51 -12.57
C PRO A 981 -12.25 13.69 -13.39
N HIS A 982 -13.17 13.40 -14.32
CA HIS A 982 -13.79 14.44 -15.13
C HIS A 982 -15.00 15.07 -14.43
N ILE A 983 -15.81 14.25 -13.77
CA ILE A 983 -16.91 14.70 -12.89
C ILE A 983 -17.77 13.50 -12.52
N GLY B 10 56.01 20.48 55.65
CA GLY B 10 55.78 21.90 55.42
C GLY B 10 54.33 22.20 55.05
N ILE B 11 53.76 23.27 55.63
CA ILE B 11 52.36 23.63 55.41
C ILE B 11 52.25 24.33 54.06
N PRO B 12 51.05 24.51 53.51
CA PRO B 12 50.91 24.94 52.11
C PRO B 12 50.92 26.45 51.90
N MET B 13 51.07 26.84 50.62
CA MET B 13 51.06 28.24 50.15
C MET B 13 49.64 28.60 49.71
N ASN B 14 48.89 29.23 50.61
CA ASN B 14 47.42 29.33 50.50
C ASN B 14 47.09 30.40 49.46
N ASN B 15 46.50 30.01 48.33
CA ASN B 15 45.88 30.97 47.41
C ASN B 15 44.69 31.65 48.09
N PRO B 16 44.65 32.98 48.14
CA PRO B 16 43.60 33.67 48.90
C PRO B 16 42.26 33.76 48.19
N ALA B 17 42.16 33.44 46.90
CA ALA B 17 40.85 33.38 46.28
C ALA B 17 40.11 32.10 46.62
N ILE B 18 40.79 31.13 47.22
CA ILE B 18 40.24 29.80 47.47
C ILE B 18 40.11 29.63 48.97
N LYS B 19 38.87 29.59 49.47
CA LYS B 19 38.66 29.36 50.91
C LYS B 19 39.08 27.95 51.33
N ARG B 20 38.95 26.96 50.45
CA ARG B 20 39.36 25.58 50.77
C ARG B 20 39.17 24.65 49.57
N ILE B 21 39.99 23.62 49.49
CA ILE B 21 39.90 22.62 48.43
C ILE B 21 39.48 21.30 49.04
N GLY B 22 38.46 20.69 48.44
CA GLY B 22 37.90 19.49 49.00
C GLY B 22 38.85 18.31 48.94
N ASN B 23 38.46 17.27 49.66
CA ASN B 23 39.16 16.00 49.66
C ASN B 23 38.70 15.19 48.44
N HIS B 24 39.07 13.91 48.38
CA HIS B 24 38.71 13.12 47.22
C HIS B 24 37.20 13.17 47.03
N ILE B 25 36.77 13.58 45.83
CA ILE B 25 35.37 13.48 45.45
C ILE B 25 35.05 12.03 45.13
N THR B 26 34.17 11.42 45.92
CA THR B 26 33.89 10.01 45.72
C THR B 26 33.15 9.80 44.42
N LYS B 27 33.64 8.87 43.58
CA LYS B 27 33.04 8.64 42.28
C LYS B 27 32.88 7.15 41.99
N SER B 28 32.10 6.87 40.94
CA SER B 28 31.99 5.51 40.46
C SER B 28 33.35 4.99 40.01
N PRO B 29 33.71 3.76 40.35
CA PRO B 29 35.00 3.21 39.88
C PRO B 29 35.04 3.05 38.38
N GLU B 30 33.89 3.07 37.73
CA GLU B 30 33.85 3.04 36.27
C GLU B 30 34.00 4.42 35.66
N ASP B 31 33.86 5.48 36.47
CA ASP B 31 33.88 6.87 36.01
C ASP B 31 35.32 7.32 35.83
N LYS B 32 35.69 7.61 34.58
CA LYS B 32 37.07 7.97 34.24
C LYS B 32 37.34 9.46 34.32
N ARG B 33 36.30 10.27 34.49
CA ARG B 33 36.47 11.71 34.66
C ARG B 33 37.17 11.98 35.99
N GLU B 34 37.94 13.07 36.03
CA GLU B 34 38.67 13.47 37.23
C GLU B 34 37.98 14.69 37.84
N TYR B 35 37.93 14.75 39.16
CA TYR B 35 37.10 15.74 39.83
C TYR B 35 37.89 16.49 40.89
N ARG B 36 37.54 17.76 41.07
CA ARG B 36 38.01 18.54 42.21
C ARG B 36 36.89 19.46 42.68
N GLY B 37 36.65 19.45 43.98
CA GLY B 37 35.75 20.39 44.59
C GLY B 37 36.53 21.44 45.34
N LEU B 38 35.89 22.59 45.53
CA LEU B 38 36.50 23.67 46.30
C LEU B 38 35.46 24.76 46.49
N GLU B 39 35.73 25.63 47.46
CA GLU B 39 34.88 26.77 47.78
C GLU B 39 35.70 28.04 47.59
N LEU B 40 35.17 28.98 46.82
CA LEU B 40 35.93 30.19 46.60
C LEU B 40 35.93 31.03 47.87
N ALA B 41 36.79 32.05 47.87
CA ALA B 41 36.81 33.00 48.98
C ALA B 41 35.46 33.67 49.15
N ASN B 42 34.80 34.03 48.06
CA ASN B 42 33.47 34.62 48.15
C ASN B 42 32.35 33.60 48.35
N GLY B 43 32.64 32.35 48.71
CA GLY B 43 31.60 31.40 49.08
C GLY B 43 30.91 30.68 47.95
N ILE B 44 31.38 30.85 46.71
CA ILE B 44 30.87 30.05 45.60
C ILE B 44 31.38 28.63 45.74
N LYS B 45 30.47 27.67 45.66
CA LYS B 45 30.82 26.26 45.71
C LYS B 45 31.03 25.76 44.28
N VAL B 46 32.14 25.07 44.05
CA VAL B 46 32.62 24.77 42.70
C VAL B 46 32.99 23.31 42.61
N LEU B 47 32.54 22.64 41.55
CA LEU B 47 33.05 21.33 41.17
C LEU B 47 33.69 21.43 39.79
N LEU B 48 34.93 20.93 39.67
CA LEU B 48 35.64 20.92 38.40
C LEU B 48 35.73 19.50 37.87
N ILE B 49 35.35 19.31 36.61
CA ILE B 49 35.28 18.01 35.97
C ILE B 49 36.24 18.05 34.77
N SER B 50 37.33 17.30 34.86
CA SER B 50 38.30 17.18 33.78
C SER B 50 38.05 15.88 33.01
N ASP B 51 37.83 16.00 31.70
CA ASP B 51 37.50 14.86 30.85
C ASP B 51 38.20 15.09 29.51
N PRO B 52 39.42 14.57 29.36
CA PRO B 52 40.24 14.92 28.18
C PRO B 52 39.71 14.35 26.87
N THR B 53 38.67 13.53 26.90
CA THR B 53 38.08 12.96 25.69
C THR B 53 36.87 13.74 25.20
N THR B 54 36.32 14.64 26.01
CA THR B 54 35.04 15.23 25.70
C THR B 54 35.14 16.13 24.49
N ASP B 55 34.14 16.05 23.61
CA ASP B 55 34.16 16.91 22.45
C ASP B 55 33.50 18.23 22.73
N LYS B 56 32.50 18.25 23.60
CA LYS B 56 31.92 19.49 24.07
C LYS B 56 32.30 19.69 25.54
N SER B 57 32.64 20.93 25.90
CA SER B 57 32.78 21.34 27.29
C SER B 57 31.48 22.01 27.74
N SER B 58 31.39 22.23 29.06
CA SER B 58 30.14 22.70 29.63
C SER B 58 30.40 23.36 30.97
N ALA B 59 29.59 24.36 31.29
CA ALA B 59 29.56 24.91 32.64
C ALA B 59 28.12 25.27 32.99
N ALA B 60 27.86 25.34 34.29
CA ALA B 60 26.54 25.69 34.80
C ALA B 60 26.75 26.46 36.08
N LEU B 61 25.78 27.33 36.37
CA LEU B 61 25.75 28.05 37.62
C LEU B 61 24.32 28.02 38.14
N ASP B 62 24.18 27.61 39.39
CA ASP B 62 22.89 27.55 40.04
C ASP B 62 22.92 28.55 41.19
N VAL B 63 22.03 29.53 41.14
CA VAL B 63 21.84 30.48 42.22
C VAL B 63 20.72 29.91 43.07
N HIS B 64 20.91 29.90 44.40
CA HIS B 64 19.92 29.28 45.28
C HIS B 64 18.72 30.20 45.52
N ILE B 65 18.33 31.02 44.55
CA ILE B 65 17.16 31.88 44.66
C ILE B 65 16.21 31.55 43.54
N GLY B 66 14.93 31.62 43.81
CA GLY B 66 13.92 31.33 42.83
C GLY B 66 12.60 32.00 43.16
N SER B 67 11.56 31.59 42.46
CA SER B 67 10.36 32.40 42.44
C SER B 67 9.58 32.39 43.76
N LEU B 68 9.98 31.61 44.77
CA LEU B 68 9.36 31.84 46.07
C LEU B 68 9.77 33.18 46.66
N SER B 69 10.89 33.72 46.22
CA SER B 69 11.36 35.03 46.65
C SER B 69 10.97 36.14 45.68
N ASP B 70 10.06 35.88 44.75
CA ASP B 70 9.55 36.97 43.94
C ASP B 70 9.13 38.08 44.90
N PRO B 71 9.24 39.36 44.51
CA PRO B 71 8.54 40.40 45.24
C PRO B 71 7.06 40.13 45.20
N PRO B 72 6.32 40.44 46.26
CA PRO B 72 4.89 40.10 46.29
C PRO B 72 4.07 40.85 45.26
N ASN B 73 4.48 42.06 44.89
CA ASN B 73 3.75 42.87 43.92
C ASN B 73 4.18 42.66 42.47
N ILE B 74 5.27 41.93 42.23
CA ILE B 74 5.74 41.65 40.88
C ILE B 74 5.94 40.16 40.69
N ALA B 75 4.86 39.45 40.34
CA ALA B 75 4.89 38.00 40.16
C ALA B 75 5.70 37.64 38.94
N GLY B 76 6.71 36.81 39.14
CA GLY B 76 7.50 36.28 38.06
C GLY B 76 8.80 37.01 37.80
N LEU B 77 9.25 37.85 38.72
CA LEU B 77 10.46 38.63 38.46
C LEU B 77 11.69 37.72 38.35
N SER B 78 11.87 36.79 39.30
CA SER B 78 12.97 35.82 39.19
C SER B 78 13.03 35.23 37.80
N HIS B 79 11.89 34.74 37.34
CA HIS B 79 11.80 34.09 36.05
C HIS B 79 12.18 35.06 34.93
N PHE B 80 11.58 36.25 34.94
CA PHE B 80 11.89 37.25 33.94
C PHE B 80 13.38 37.61 33.94
N LEU B 81 13.96 37.82 35.12
CA LEU B 81 15.39 38.11 35.19
C LEU B 81 16.20 37.01 34.50
N GLU B 82 15.74 35.77 34.68
CA GLU B 82 16.35 34.62 34.06
C GLU B 82 16.45 34.86 32.57
N HIS B 83 15.34 35.25 31.95
CA HIS B 83 15.38 35.52 30.52
C HIS B 83 16.34 36.67 30.20
N MET B 84 16.29 37.73 31.00
CA MET B 84 17.01 38.95 30.64
C MET B 84 18.51 38.78 30.70
N LEU B 85 19.03 37.83 31.47
CA LEU B 85 20.49 37.75 31.53
C LEU B 85 21.11 37.32 30.20
N PHE B 86 20.34 36.70 29.30
CA PHE B 86 20.93 36.30 28.02
C PHE B 86 21.15 37.50 27.11
N LEU B 87 20.43 38.59 27.35
CA LEU B 87 20.26 39.71 26.43
C LEU B 87 21.26 40.84 26.66
N GLY B 88 22.46 40.54 27.15
CA GLY B 88 23.50 41.54 27.14
C GLY B 88 24.09 41.93 28.48
N THR B 89 25.41 42.06 28.50
CA THR B 89 26.13 42.48 29.69
C THR B 89 26.94 43.73 29.35
N LYS B 90 27.58 44.30 30.38
CA LYS B 90 28.44 45.45 30.14
C LYS B 90 29.65 45.07 29.30
N LYS B 91 30.36 43.98 29.64
CA LYS B 91 31.51 43.64 28.81
C LYS B 91 31.15 43.08 27.45
N TYR B 92 29.93 42.60 27.26
CA TYR B 92 29.54 41.92 26.03
C TYR B 92 28.14 42.40 25.73
N PRO B 93 28.02 43.62 25.24
CA PRO B 93 26.72 44.32 25.20
C PRO B 93 25.87 44.06 23.96
N LYS B 94 26.38 43.33 22.97
CA LYS B 94 25.56 42.90 21.85
C LYS B 94 24.45 41.99 22.35
N GLU B 95 23.20 42.41 22.15
CA GLU B 95 22.11 41.69 22.79
C GLU B 95 22.23 40.17 22.65
N ASN B 96 22.67 39.67 21.49
CA ASN B 96 22.73 38.23 21.29
C ASN B 96 24.17 37.71 21.18
N GLU B 97 25.13 38.40 21.82
CA GLU B 97 26.50 37.91 21.83
C GLU B 97 26.58 36.49 22.38
N TYR B 98 25.94 36.25 23.53
CA TYR B 98 26.08 34.94 24.17
C TYR B 98 25.53 33.83 23.28
N SER B 99 24.26 33.95 22.85
CA SER B 99 23.70 32.96 21.94
C SER B 99 24.54 32.83 20.67
N GLN B 100 24.97 33.93 20.10
CA GLN B 100 25.72 33.86 18.84
C GLN B 100 27.04 33.12 19.04
N PHE B 101 27.76 33.45 20.10
CA PHE B 101 29.04 32.80 20.33
C PHE B 101 28.88 31.29 20.45
N LEU B 102 27.92 30.83 21.26
CA LEU B 102 27.70 29.39 21.38
C LEU B 102 27.33 28.76 20.04
N SER B 103 26.38 29.35 19.31
CA SER B 103 25.95 28.75 18.06
C SER B 103 27.14 28.52 17.15
N GLU B 104 27.98 29.54 17.01
CA GLU B 104 29.12 29.45 16.12
C GLU B 104 30.21 28.56 16.67
N HIS B 105 30.05 28.00 17.87
CA HIS B 105 31.08 27.10 18.37
C HIS B 105 30.49 25.77 18.86
N ALA B 106 29.40 25.34 18.22
CA ALA B 106 28.77 24.04 18.49
C ALA B 106 28.10 24.03 19.86
N GLY B 107 27.68 25.20 20.34
CA GLY B 107 27.16 25.36 21.68
C GLY B 107 25.66 25.53 21.73
N SER B 108 25.15 25.35 22.93
CA SER B 108 23.78 25.67 23.27
C SER B 108 23.73 25.97 24.75
N SER B 109 22.68 26.66 25.18
CA SER B 109 22.49 26.88 26.59
C SER B 109 21.01 26.92 26.89
N ASN B 110 20.70 26.81 28.16
CA ASN B 110 19.34 26.92 28.64
C ASN B 110 19.40 27.38 30.08
N ALA B 111 18.24 27.63 30.64
CA ALA B 111 18.16 27.96 32.05
C ALA B 111 16.73 27.70 32.46
N PHE B 112 16.51 27.63 33.77
CA PHE B 112 15.15 27.44 34.30
C PHE B 112 15.10 28.06 35.68
N THR B 113 13.89 28.36 36.11
CA THR B 113 13.64 29.02 37.39
C THR B 113 12.65 28.17 38.17
N SER B 114 13.10 27.55 39.27
CA SER B 114 12.25 26.85 40.21
C SER B 114 11.94 27.77 41.39
N GLY B 115 11.31 27.22 42.43
CA GLY B 115 10.95 28.07 43.56
C GLY B 115 12.15 28.54 44.38
N GLU B 116 13.24 27.76 44.38
CA GLU B 116 14.40 28.10 45.16
C GLU B 116 15.68 28.17 44.36
N HIS B 117 15.64 27.91 43.06
CA HIS B 117 16.84 27.89 42.26
C HIS B 117 16.60 28.59 40.93
N THR B 118 17.62 29.28 40.43
CA THR B 118 17.69 29.66 39.04
C THR B 118 18.99 29.09 38.48
N ASN B 119 18.86 28.25 37.45
CA ASN B 119 19.94 27.37 37.02
C ASN B 119 20.24 27.69 35.55
N TYR B 120 21.50 28.01 35.26
CA TYR B 120 21.98 28.43 33.94
C TYR B 120 23.08 27.49 33.46
N TYR B 121 22.98 27.02 32.21
CA TYR B 121 23.98 26.10 31.71
C TYR B 121 24.16 26.24 30.20
N PHE B 122 25.37 25.88 29.74
CA PHE B 122 25.68 25.80 28.31
C PHE B 122 26.62 24.63 28.07
N ASP B 123 26.79 24.31 26.80
CA ASP B 123 27.69 23.26 26.33
C ASP B 123 28.17 23.59 24.90
N VAL B 124 29.48 23.78 24.72
CA VAL B 124 30.03 24.12 23.40
C VAL B 124 31.25 23.28 22.99
N SER B 125 31.97 23.73 21.96
CA SER B 125 33.14 23.01 21.50
C SER B 125 34.23 23.10 22.55
N HIS B 126 34.92 21.98 22.81
CA HIS B 126 35.85 21.99 23.93
C HIS B 126 36.95 23.01 23.77
N GLU B 127 37.23 23.46 22.53
CA GLU B 127 38.26 24.46 22.33
C GLU B 127 37.82 25.86 22.70
N HIS B 128 36.58 26.08 23.03
CA HIS B 128 36.08 27.43 23.22
C HIS B 128 35.38 27.53 24.57
N LEU B 129 35.79 26.67 25.49
CA LEU B 129 35.31 26.76 26.85
C LEU B 129 35.47 28.18 27.38
N GLU B 130 36.73 28.65 27.44
CA GLU B 130 37.02 29.91 28.11
C GLU B 130 36.20 31.06 27.52
N GLY B 131 36.13 31.12 26.19
CA GLY B 131 35.34 32.17 25.57
C GLY B 131 33.91 32.13 26.03
N ALA B 132 33.31 30.94 25.96
CA ALA B 132 31.94 30.77 26.44
C ALA B 132 31.84 31.15 27.91
N LEU B 133 32.74 30.62 28.74
CA LEU B 133 32.64 30.84 30.17
C LEU B 133 32.75 32.32 30.53
N ASP B 134 33.64 33.05 29.84
CA ASP B 134 33.75 34.50 30.06
C ASP B 134 32.44 35.21 29.72
N ARG B 135 31.86 34.94 28.55
CA ARG B 135 30.58 35.56 28.26
C ARG B 135 29.54 35.15 29.27
N PHE B 136 29.62 33.90 29.73
CA PHE B 136 28.69 33.39 30.73
C PHE B 136 28.82 34.15 32.05
N ALA B 137 30.06 34.35 32.51
CA ALA B 137 30.26 34.91 33.85
C ALA B 137 29.62 36.28 33.97
N GLN B 138 29.71 37.09 32.91
CA GLN B 138 29.15 38.43 32.98
C GLN B 138 27.67 38.44 33.34
N PHE B 139 26.96 37.33 33.19
CA PHE B 139 25.55 37.32 33.59
C PHE B 139 25.42 37.73 35.05
N PHE B 140 26.42 37.38 35.85
CA PHE B 140 26.32 37.46 37.30
C PHE B 140 27.12 38.63 37.84
N LEU B 141 27.53 39.53 36.97
CA LEU B 141 28.33 40.70 37.27
C LEU B 141 27.73 41.98 36.72
N SER B 142 27.26 41.99 35.47
CA SER B 142 26.98 43.23 34.75
C SER B 142 25.85 43.10 33.75
N PRO B 143 24.71 42.55 34.09
CA PRO B 143 23.61 42.51 33.12
C PRO B 143 23.24 43.92 32.71
N LEU B 144 22.87 44.07 31.43
CA LEU B 144 22.43 45.38 30.99
C LEU B 144 20.99 45.67 31.40
N PHE B 145 20.14 44.65 31.39
CA PHE B 145 18.70 44.87 31.52
C PHE B 145 18.31 46.06 30.64
N ASP B 146 18.54 45.91 29.34
CA ASP B 146 18.22 47.00 28.43
C ASP B 146 16.71 47.26 28.45
N GLU B 147 16.34 48.54 28.44
CA GLU B 147 14.92 48.88 28.60
C GLU B 147 14.11 48.42 27.39
N SER B 148 14.68 48.55 26.18
CA SER B 148 14.03 48.03 24.97
C SER B 148 13.93 46.51 25.02
N ALA B 149 15.04 45.85 25.38
CA ALA B 149 15.05 44.40 25.55
C ALA B 149 13.97 43.96 26.54
N LYS B 150 13.88 44.65 27.68
CA LYS B 150 12.88 44.28 28.67
C LYS B 150 11.47 44.42 28.11
N ASP B 151 11.25 45.41 27.26
CA ASP B 151 9.91 45.58 26.69
C ASP B 151 9.56 44.46 25.73
N ARG B 152 10.58 43.92 25.02
CA ARG B 152 10.33 42.83 24.06
C ARG B 152 10.23 41.48 24.76
N GLU B 153 11.21 41.17 25.61
CA GLU B 153 11.29 39.83 26.20
C GLU B 153 10.09 39.52 27.09
N VAL B 154 9.46 40.53 27.69
CA VAL B 154 8.25 40.26 28.45
C VAL B 154 7.22 39.54 27.59
N ASN B 155 7.28 39.72 26.29
CA ASN B 155 6.36 38.99 25.42
C ASN B 155 6.66 37.49 25.43
N ALA B 156 7.94 37.13 25.33
CA ALA B 156 8.33 35.73 25.39
C ALA B 156 7.76 35.04 26.63
N VAL B 157 7.93 35.67 27.80
CA VAL B 157 7.40 35.10 29.04
C VAL B 157 5.87 34.99 28.99
N ASP B 158 5.19 36.03 28.51
CA ASP B 158 3.75 35.91 28.35
C ASP B 158 3.41 34.70 27.49
N SER B 159 4.12 34.53 26.37
CA SER B 159 3.80 33.44 25.45
C SER B 159 4.15 32.08 26.08
N GLU B 160 5.15 32.04 26.95
CA GLU B 160 5.42 30.83 27.72
C GLU B 160 4.25 30.50 28.64
N HIS B 161 3.78 31.49 29.41
CA HIS B 161 2.61 31.23 30.25
C HIS B 161 1.40 30.84 29.42
N GLU B 162 1.17 31.51 28.28
CA GLU B 162 0.01 31.18 27.45
C GLU B 162 0.06 29.75 26.94
N LYS B 163 1.24 29.29 26.56
CA LYS B 163 1.51 27.88 26.34
C LYS B 163 0.89 27.00 27.42
N ASN B 164 1.06 27.38 28.68
CA ASN B 164 0.67 26.54 29.79
C ASN B 164 -0.79 26.69 30.21
N VAL B 165 -1.49 27.71 29.74
CA VAL B 165 -2.77 28.06 30.36
C VAL B 165 -3.79 26.94 30.21
N MET B 166 -3.82 26.28 29.06
CA MET B 166 -4.83 25.25 28.84
C MET B 166 -4.27 23.85 29.05
N ASN B 167 -3.18 23.74 29.81
CA ASN B 167 -2.51 22.48 30.10
C ASN B 167 -2.89 22.01 31.49
N ASP B 168 -3.50 20.81 31.57
CA ASP B 168 -4.10 20.37 32.82
C ASP B 168 -3.08 20.25 33.95
N ALA B 169 -1.81 19.94 33.63
CA ALA B 169 -0.78 19.75 34.65
C ALA B 169 -0.36 21.09 35.25
N TRP B 170 -0.27 22.13 34.42
CA TRP B 170 0.04 23.44 34.96
C TRP B 170 -1.13 23.99 35.76
N ARG B 171 -2.36 23.78 35.26
CA ARG B 171 -3.54 24.22 36.00
C ARG B 171 -3.56 23.61 37.40
N LEU B 172 -3.32 22.29 37.47
CA LEU B 172 -3.35 21.61 38.76
C LEU B 172 -2.20 22.08 39.64
N PHE B 173 -1.02 22.24 39.06
CA PHE B 173 0.14 22.66 39.83
C PHE B 173 -0.11 23.98 40.56
N GLN B 174 -0.63 25.00 39.85
CA GLN B 174 -0.94 26.28 40.48
C GLN B 174 -2.21 26.21 41.32
N LEU B 175 -3.19 25.40 40.94
CA LEU B 175 -4.36 25.25 41.80
C LEU B 175 -3.97 24.79 43.20
N GLU B 176 -3.08 23.82 43.30
CA GLU B 176 -2.66 23.40 44.63
C GLU B 176 -2.09 24.59 45.38
N LYS B 177 -1.21 25.35 44.74
CA LYS B 177 -0.62 26.49 45.43
C LYS B 177 -1.70 27.42 45.94
N ALA B 178 -2.80 27.55 45.20
CA ALA B 178 -3.86 28.49 45.53
C ALA B 178 -4.84 27.98 46.57
N THR B 179 -4.78 26.71 46.96
CA THR B 179 -5.68 26.19 48.00
C THR B 179 -5.02 26.13 49.37
N GLY B 180 -3.72 26.37 49.44
CA GLY B 180 -3.03 26.50 50.71
C GLY B 180 -3.07 27.93 51.20
N ASN B 181 -2.39 28.14 52.33
CA ASN B 181 -2.29 29.43 53.00
C ASN B 181 -1.98 30.56 52.02
N PRO B 182 -2.94 31.44 51.77
CA PRO B 182 -2.73 32.48 50.76
C PRO B 182 -1.59 33.40 51.08
N LYS B 183 -1.15 33.47 52.32
CA LYS B 183 -0.09 34.41 52.64
C LYS B 183 1.28 33.77 52.56
N HIS B 184 1.35 32.51 52.20
CA HIS B 184 2.59 31.75 52.15
C HIS B 184 3.21 31.89 50.75
N PRO B 185 4.53 32.01 50.64
CA PRO B 185 5.13 32.11 49.29
C PRO B 185 4.76 30.95 48.38
N PHE B 186 4.51 29.78 48.95
CA PHE B 186 4.11 28.64 48.16
C PHE B 186 2.94 28.98 47.25
N SER B 187 2.16 30.00 47.57
CA SER B 187 0.99 30.35 46.80
C SER B 187 1.30 31.30 45.66
N LYS B 188 2.57 31.67 45.47
CA LYS B 188 2.91 32.61 44.41
C LYS B 188 2.87 31.97 43.03
N PHE B 189 2.63 32.82 42.05
CA PHE B 189 2.60 32.48 40.66
C PHE B 189 3.97 32.82 40.12
N GLY B 190 4.70 31.81 39.64
CA GLY B 190 6.13 31.95 39.39
C GLY B 190 6.52 32.33 37.97
N THR B 191 5.74 31.85 36.99
CA THR B 191 6.01 32.16 35.58
C THR B 191 5.99 33.66 35.33
N GLY B 192 4.98 34.35 35.84
CA GLY B 192 4.73 35.71 35.42
C GLY B 192 4.10 35.74 34.04
N ASN B 193 3.68 36.91 33.57
CA ASN B 193 3.11 37.08 32.24
C ASN B 193 3.11 38.58 31.96
N LYS B 194 2.53 38.97 30.81
CA LYS B 194 2.54 40.38 30.44
C LYS B 194 1.83 41.25 31.46
N TYR B 195 0.72 40.77 32.05
CA TYR B 195 0.05 41.55 33.07
C TYR B 195 0.99 41.82 34.25
N THR B 196 1.45 40.76 34.91
CA THR B 196 2.17 40.94 36.17
C THR B 196 3.55 41.55 35.98
N LEU B 197 4.09 41.52 34.77
CA LEU B 197 5.44 42.01 34.51
C LEU B 197 5.48 43.30 33.73
N GLU B 198 4.34 43.76 33.23
CA GLU B 198 4.35 45.03 32.52
C GLU B 198 3.08 45.80 32.84
N THR B 199 1.93 45.38 32.30
CA THR B 199 0.68 46.09 32.52
C THR B 199 0.48 46.57 33.95
N ARG B 200 0.31 45.67 34.90
CA ARG B 200 0.13 46.08 36.30
C ARG B 200 1.25 46.98 36.80
N PRO B 201 2.53 46.67 36.59
CA PRO B 201 3.59 47.55 37.09
C PRO B 201 3.54 48.95 36.50
N ASN B 202 2.94 49.09 35.32
CA ASN B 202 2.74 50.41 34.78
C ASN B 202 1.60 51.12 35.49
N GLN B 203 0.45 50.44 35.66
CA GLN B 203 -0.63 50.99 36.48
C GLN B 203 -0.13 51.40 37.87
N GLU B 204 0.77 50.62 38.47
CA GLU B 204 1.22 50.88 39.82
C GLU B 204 2.52 51.67 39.86
N GLY B 205 2.95 52.18 38.71
CA GLY B 205 4.11 53.05 38.70
C GLY B 205 5.42 52.42 39.11
N ILE B 206 5.57 51.11 38.97
CA ILE B 206 6.85 50.46 39.22
C ILE B 206 7.74 50.61 37.99
N ASP B 207 9.02 50.84 38.21
CA ASP B 207 10.02 50.86 37.14
C ASP B 207 10.67 49.48 37.12
N VAL B 208 10.27 48.65 36.16
CA VAL B 208 10.67 47.25 36.20
C VAL B 208 12.17 47.09 36.11
N ARG B 209 12.82 47.92 35.28
CA ARG B 209 14.27 47.79 35.18
C ARG B 209 14.96 48.03 36.52
N GLN B 210 14.44 48.92 37.37
CA GLN B 210 15.03 49.04 38.70
C GLN B 210 14.75 47.80 39.52
N GLU B 211 13.54 47.27 39.45
CA GLU B 211 13.23 46.10 40.24
C GLU B 211 14.13 44.94 39.87
N LEU B 212 14.46 44.81 38.57
CA LEU B 212 15.41 43.79 38.12
C LEU B 212 16.79 44.03 38.71
N LEU B 213 17.36 45.21 38.47
CA LEU B 213 18.64 45.58 39.06
C LEU B 213 18.65 45.38 40.57
N LYS B 214 17.55 45.75 41.23
CA LYS B 214 17.45 45.61 42.68
C LYS B 214 17.54 44.15 43.08
N PHE B 215 16.72 43.29 42.45
CA PHE B 215 16.72 41.86 42.72
C PHE B 215 18.08 41.23 42.44
N HIS B 216 18.57 41.37 41.19
CA HIS B 216 19.90 40.85 40.86
C HIS B 216 20.90 41.19 41.93
N SER B 217 20.90 42.45 42.37
CA SER B 217 21.90 42.88 43.33
C SER B 217 21.56 42.35 44.74
N ALA B 218 20.28 42.26 45.12
CA ALA B 218 19.95 41.71 46.44
C ALA B 218 20.33 40.23 46.57
N TYR B 219 20.08 39.44 45.52
CA TYR B 219 20.11 38.00 45.67
C TYR B 219 21.17 37.28 44.85
N TYR B 220 21.61 37.84 43.74
CA TYR B 220 22.68 37.18 43.01
C TYR B 220 23.98 37.47 43.78
N SER B 221 24.02 36.94 44.99
CA SER B 221 25.16 37.03 45.87
C SER B 221 26.03 35.79 45.69
N SER B 222 27.34 35.97 45.80
CA SER B 222 28.21 34.82 45.59
C SER B 222 27.96 33.72 46.64
N ASN B 223 27.44 34.05 47.81
CA ASN B 223 27.32 32.99 48.81
C ASN B 223 26.15 32.05 48.53
N LEU B 224 25.33 32.35 47.54
CA LEU B 224 24.22 31.49 47.15
C LEU B 224 24.46 30.80 45.81
N MET B 225 25.72 30.67 45.40
CA MET B 225 26.07 30.26 44.05
C MET B 225 26.94 29.01 44.05
N ALA B 226 26.57 28.06 43.19
CA ALA B 226 27.34 26.87 42.88
C ALA B 226 27.59 26.84 41.38
N VAL B 227 28.84 26.57 40.98
CA VAL B 227 29.19 26.44 39.56
C VAL B 227 29.88 25.09 39.34
N VAL B 228 29.64 24.52 38.17
CA VAL B 228 30.32 23.31 37.71
C VAL B 228 30.88 23.58 36.31
N VAL B 229 32.15 23.26 36.11
CA VAL B 229 32.79 23.41 34.82
C VAL B 229 33.41 22.07 34.43
N LEU B 230 33.05 21.60 33.24
CA LEU B 230 33.56 20.37 32.67
C LEU B 230 34.31 20.75 31.38
N GLY B 231 35.57 20.30 31.29
CA GLY B 231 36.35 20.59 30.09
C GLY B 231 37.50 19.63 29.96
N ARG B 232 38.14 19.68 28.79
CA ARG B 232 39.30 18.83 28.50
C ARG B 232 40.52 19.24 29.33
N GLU B 233 40.48 20.44 29.91
CA GLU B 233 41.62 21.05 30.58
C GLU B 233 41.93 20.33 31.89
N SER B 234 43.18 20.45 32.34
CA SER B 234 43.55 19.79 33.59
C SER B 234 42.72 20.34 34.74
N LEU B 235 42.77 19.64 35.88
CA LEU B 235 42.06 20.16 37.05
C LEU B 235 42.69 21.46 37.54
N ASP B 236 44.01 21.55 37.49
CA ASP B 236 44.66 22.80 37.89
C ASP B 236 44.27 23.94 36.95
N ASP B 237 44.24 23.68 35.65
CA ASP B 237 43.90 24.75 34.72
C ASP B 237 42.44 25.14 34.88
N LEU B 238 41.55 24.18 35.12
CA LEU B 238 40.16 24.50 35.40
C LEU B 238 40.01 25.35 36.66
N THR B 239 40.88 25.15 37.65
CA THR B 239 40.80 25.95 38.87
C THR B 239 41.18 27.40 38.59
N ASN B 240 42.40 27.62 38.08
CA ASN B 240 42.82 28.98 37.70
C ASN B 240 41.71 29.66 36.92
N LEU B 241 41.13 28.95 35.95
CA LEU B 241 40.11 29.57 35.11
C LEU B 241 38.92 30.04 35.93
N VAL B 242 38.41 29.18 36.82
CA VAL B 242 37.19 29.53 37.55
C VAL B 242 37.48 30.65 38.53
N VAL B 243 38.62 30.56 39.21
CA VAL B 243 39.06 31.67 40.07
C VAL B 243 39.15 32.96 39.27
N LYS B 244 39.83 32.92 38.13
CA LYS B 244 39.92 34.09 37.27
C LYS B 244 38.54 34.68 36.99
N LEU B 245 37.60 33.88 36.49
CA LEU B 245 36.37 34.50 36.01
C LEU B 245 35.34 34.78 37.12
N PHE B 246 35.34 34.03 38.23
CA PHE B 246 34.25 34.19 39.19
C PHE B 246 34.62 34.74 40.54
N SER B 247 35.91 34.93 40.83
CA SER B 247 36.27 35.48 42.15
C SER B 247 35.66 36.85 42.36
N GLU B 248 35.45 37.61 41.29
CA GLU B 248 34.97 38.98 41.47
C GLU B 248 33.47 39.07 41.75
N VAL B 249 32.74 37.96 41.80
CA VAL B 249 31.32 38.02 42.17
C VAL B 249 31.21 38.40 43.64
N GLU B 250 30.40 39.41 43.92
CA GLU B 250 30.42 40.01 45.26
C GLU B 250 29.54 39.24 46.24
N ASN B 251 30.06 39.11 47.47
CA ASN B 251 29.41 38.36 48.55
C ASN B 251 28.57 39.30 49.41
N LYS B 252 27.25 39.34 49.17
CA LYS B 252 26.40 40.17 50.04
C LYS B 252 25.87 39.41 51.25
N ASN B 253 26.45 38.24 51.54
CA ASN B 253 26.07 37.41 52.67
C ASN B 253 24.57 37.34 52.86
N VAL B 254 23.86 36.95 51.81
CA VAL B 254 22.41 36.84 51.88
C VAL B 254 22.06 35.56 52.65
N PRO B 255 21.16 35.61 53.61
CA PRO B 255 20.76 34.38 54.29
C PRO B 255 19.85 33.55 53.39
N LEU B 256 20.05 32.25 53.43
CA LEU B 256 19.30 31.32 52.60
C LEU B 256 17.84 31.25 53.02
N PRO B 257 16.88 31.57 52.15
CA PRO B 257 15.47 31.56 52.57
C PRO B 257 15.02 30.22 53.11
N GLU B 258 14.22 30.26 54.18
CA GLU B 258 13.60 29.07 54.75
C GLU B 258 12.11 29.31 54.92
N PHE B 259 11.36 28.22 54.94
CA PHE B 259 9.90 28.23 54.91
C PHE B 259 9.39 27.22 55.92
N PRO B 260 9.67 27.46 57.19
CA PRO B 260 9.48 26.39 58.18
C PRO B 260 8.01 26.06 58.43
N GLU B 261 7.09 26.98 58.13
CA GLU B 261 5.68 26.72 58.32
C GLU B 261 5.07 26.11 57.07
N HIS B 262 4.37 24.99 57.23
CA HIS B 262 3.80 24.34 56.06
C HIS B 262 2.74 25.22 55.41
N PRO B 263 2.64 25.20 54.08
CA PRO B 263 1.57 25.95 53.41
C PRO B 263 0.21 25.36 53.64
N PHE B 264 0.13 24.15 54.17
CA PHE B 264 -1.14 23.52 54.47
C PHE B 264 -1.23 23.43 55.98
N GLN B 265 -2.06 24.29 56.55
CA GLN B 265 -2.34 24.25 57.98
C GLN B 265 -3.65 23.50 58.23
N GLU B 266 -4.00 23.36 59.51
CA GLU B 266 -5.16 22.55 59.88
C GLU B 266 -6.39 22.90 59.07
N GLU B 267 -6.64 24.18 58.81
CA GLU B 267 -7.89 24.44 58.08
C GLU B 267 -7.80 24.06 56.62
N HIS B 268 -6.62 23.66 56.15
CA HIS B 268 -6.45 23.13 54.82
C HIS B 268 -6.40 21.61 54.79
N LEU B 269 -6.63 20.94 55.93
CA LEU B 269 -6.65 19.49 55.95
C LEU B 269 -8.09 18.98 56.04
N LYS B 270 -8.25 17.68 55.80
CA LYS B 270 -9.55 17.03 55.65
C LYS B 270 -10.43 17.76 54.63
N GLN B 271 -9.80 18.34 53.62
CA GLN B 271 -10.51 19.02 52.53
C GLN B 271 -10.62 18.15 51.31
N LEU B 272 -11.66 18.39 50.53
CA LEU B 272 -11.88 17.73 49.25
C LEU B 272 -12.07 18.78 48.18
N TYR B 273 -11.48 18.55 47.00
CA TYR B 273 -11.57 19.51 45.91
C TYR B 273 -12.05 18.78 44.67
N LYS B 274 -12.98 19.40 43.95
CA LYS B 274 -13.54 18.83 42.74
C LYS B 274 -13.16 19.74 41.59
N ILE B 275 -12.44 19.20 40.61
CA ILE B 275 -11.76 20.02 39.61
C ILE B 275 -12.19 19.58 38.23
N VAL B 276 -12.34 20.55 37.34
CA VAL B 276 -12.74 20.29 35.96
C VAL B 276 -11.50 20.36 35.09
N PRO B 277 -11.19 19.31 34.33
CA PRO B 277 -10.04 19.33 33.45
C PRO B 277 -10.39 19.85 32.07
N ILE B 278 -9.33 20.19 31.34
CA ILE B 278 -9.46 20.50 29.92
C ILE B 278 -9.56 19.21 29.11
N LYS B 279 -8.61 18.29 29.27
CA LYS B 279 -8.80 16.99 28.64
C LYS B 279 -9.82 16.16 29.41
N ASP B 280 -10.33 15.12 28.76
CA ASP B 280 -11.21 14.18 29.43
C ASP B 280 -10.34 13.18 30.17
N ILE B 281 -10.16 13.42 31.46
CA ILE B 281 -9.34 12.58 32.31
C ILE B 281 -10.03 12.43 33.66
N ARG B 282 -9.64 11.38 34.38
CA ARG B 282 -10.22 11.07 35.69
C ARG B 282 -9.07 10.71 36.62
N ASN B 283 -8.70 11.65 37.48
CA ASN B 283 -7.60 11.40 38.39
C ASN B 283 -8.01 11.69 39.82
N LEU B 284 -7.35 10.97 40.73
CA LEU B 284 -7.48 11.10 42.17
C LEU B 284 -6.11 11.42 42.76
N TYR B 285 -6.05 12.50 43.54
CA TYR B 285 -4.79 12.96 44.12
C TYR B 285 -4.97 13.01 45.62
N VAL B 286 -4.26 12.15 46.35
CA VAL B 286 -4.25 12.15 47.81
C VAL B 286 -2.93 12.75 48.27
N THR B 287 -2.99 13.77 49.15
CA THR B 287 -1.77 14.46 49.61
C THR B 287 -1.74 14.50 51.12
N PHE B 288 -0.59 14.20 51.71
CA PHE B 288 -0.34 14.44 53.13
C PHE B 288 0.82 15.41 53.30
N PRO B 289 0.67 16.45 54.10
CA PRO B 289 1.84 17.28 54.45
C PRO B 289 2.77 16.52 55.37
N ILE B 290 4.06 16.68 55.14
CA ILE B 290 5.10 16.07 55.98
C ILE B 290 6.22 17.06 56.21
N PRO B 291 7.04 16.80 57.22
CA PRO B 291 8.21 17.65 57.46
C PRO B 291 9.23 17.57 56.32
N ASP B 292 10.18 18.50 56.38
CA ASP B 292 11.28 18.54 55.41
C ASP B 292 12.23 17.39 55.69
N LEU B 293 12.19 16.37 54.85
CA LEU B 293 13.03 15.20 55.04
C LEU B 293 14.41 15.32 54.39
N GLN B 294 14.69 16.42 53.69
CA GLN B 294 15.95 16.52 52.98
C GLN B 294 17.15 16.11 53.85
N LYS B 295 17.16 16.55 55.11
CA LYS B 295 18.37 16.35 55.92
C LYS B 295 18.66 14.88 56.20
N TYR B 296 17.65 14.00 56.10
CA TYR B 296 17.79 12.58 56.36
C TYR B 296 18.23 11.80 55.14
N TYR B 297 19.07 12.39 54.29
CA TYR B 297 19.23 11.81 52.97
C TYR B 297 19.98 10.48 53.00
N LYS B 298 20.66 10.17 54.09
CA LYS B 298 21.45 8.94 54.15
C LYS B 298 20.62 7.72 54.52
N SER B 299 19.34 7.92 54.85
CA SER B 299 18.37 6.85 55.09
C SER B 299 17.15 6.93 54.19
N ASN B 300 16.71 8.12 53.81
CA ASN B 300 15.60 8.30 52.88
C ASN B 300 14.35 7.59 53.35
N PRO B 301 13.84 7.96 54.52
CA PRO B 301 12.57 7.37 54.96
C PRO B 301 11.45 7.61 53.97
N GLY B 302 11.39 8.79 53.35
CA GLY B 302 10.37 9.02 52.36
C GLY B 302 10.34 7.95 51.28
N HIS B 303 11.51 7.62 50.73
CA HIS B 303 11.57 6.72 49.57
C HIS B 303 11.31 5.29 49.97
N TYR B 304 11.71 4.89 51.17
CA TYR B 304 11.29 3.59 51.68
C TYR B 304 9.78 3.46 51.56
N LEU B 305 9.05 4.42 52.13
CA LEU B 305 7.60 4.33 52.09
C LEU B 305 7.07 4.53 50.66
N GLY B 306 7.70 5.41 49.89
CA GLY B 306 7.34 5.52 48.49
C GLY B 306 7.51 4.20 47.75
N HIS B 307 8.58 3.47 48.07
CA HIS B 307 8.85 2.20 47.41
C HIS B 307 7.76 1.18 47.70
N LEU B 308 7.29 1.12 48.94
CA LEU B 308 6.29 0.13 49.29
C LEU B 308 4.89 0.55 48.85
N ILE B 309 4.47 1.74 49.25
CA ILE B 309 3.11 2.20 48.91
C ILE B 309 2.93 2.23 47.41
N GLY B 310 3.94 2.72 46.68
CA GLY B 310 3.82 2.80 45.23
C GLY B 310 4.27 1.57 44.48
N HIS B 311 4.26 0.42 45.13
CA HIS B 311 4.81 -0.75 44.49
C HIS B 311 3.74 -1.32 43.57
N GLU B 312 4.17 -1.98 42.48
CA GLU B 312 3.25 -2.47 41.45
C GLU B 312 3.20 -3.98 41.31
N GLY B 313 3.93 -4.71 42.13
CA GLY B 313 3.98 -6.14 42.00
C GLY B 313 2.92 -6.85 42.81
N PRO B 314 2.99 -8.17 42.79
CA PRO B 314 2.05 -8.99 43.57
C PRO B 314 1.88 -8.50 45.01
N GLY B 315 0.62 -8.40 45.43
CA GLY B 315 0.29 -8.06 46.79
C GLY B 315 0.20 -6.59 47.06
N SER B 316 0.48 -5.77 46.04
CA SER B 316 0.61 -4.34 46.13
C SER B 316 -0.75 -3.68 46.28
N LEU B 317 -0.72 -2.41 46.66
CA LEU B 317 -1.94 -1.60 46.67
C LEU B 317 -2.49 -1.44 45.27
N LEU B 318 -1.66 -0.96 44.35
CA LEU B 318 -2.15 -0.81 42.99
C LEU B 318 -2.77 -2.11 42.50
N SER B 319 -2.08 -3.21 42.75
CA SER B 319 -2.52 -4.53 42.31
C SER B 319 -4.00 -4.81 42.58
N GLU B 320 -4.45 -4.53 43.79
CA GLU B 320 -5.83 -4.77 44.17
C GLU B 320 -6.77 -3.74 43.55
N LEU B 321 -6.42 -2.45 43.62
CA LEU B 321 -7.22 -1.39 43.02
C LEU B 321 -7.46 -1.65 41.53
N LYS B 322 -6.52 -2.33 40.87
CA LYS B 322 -6.67 -2.66 39.46
C LYS B 322 -7.59 -3.86 39.28
N SER B 323 -7.50 -4.85 40.20
CA SER B 323 -8.41 -6.00 40.15
C SER B 323 -9.85 -5.60 40.43
N LYS B 324 -10.07 -4.66 41.34
CA LYS B 324 -11.41 -4.10 41.50
C LYS B 324 -11.89 -3.37 40.26
N GLY B 325 -11.02 -3.17 39.27
CA GLY B 325 -11.34 -2.38 38.11
C GLY B 325 -11.56 -0.91 38.38
N TRP B 326 -10.90 -0.35 39.39
CA TRP B 326 -11.07 1.05 39.79
C TRP B 326 -9.96 1.98 39.31
N VAL B 327 -8.70 1.53 39.32
CA VAL B 327 -7.59 2.37 38.87
C VAL B 327 -6.82 1.56 37.85
N ASN B 328 -5.95 2.25 37.09
CA ASN B 328 -5.02 1.57 36.18
C ASN B 328 -3.57 1.88 36.45
N THR B 329 -3.27 3.05 37.02
CA THR B 329 -1.92 3.42 37.38
C THR B 329 -1.93 4.12 38.72
N LEU B 330 -0.82 4.01 39.44
CA LEU B 330 -0.66 4.62 40.75
C LEU B 330 0.75 5.17 40.88
N VAL B 331 0.88 6.30 41.57
CA VAL B 331 2.18 6.89 41.87
C VAL B 331 2.19 7.28 43.34
N GLY B 332 3.17 6.77 44.09
CA GLY B 332 3.25 7.11 45.50
C GLY B 332 4.67 7.36 45.99
N GLY B 333 4.85 8.36 46.83
CA GLY B 333 6.16 8.69 47.35
C GLY B 333 6.16 10.12 47.86
N GLN B 334 7.36 10.62 48.16
CA GLN B 334 7.46 11.95 48.72
C GLN B 334 7.59 12.95 47.59
N LYS B 335 7.02 14.15 47.77
CA LYS B 335 7.03 15.19 46.76
C LYS B 335 7.71 16.44 47.33
N GLU B 336 8.66 16.99 46.57
CA GLU B 336 9.43 18.15 47.00
C GLU B 336 8.52 19.34 47.29
N GLY B 337 8.92 20.14 48.27
CA GLY B 337 8.19 21.37 48.53
C GLY B 337 9.14 22.55 48.50
N ALA B 338 9.90 22.70 49.58
CA ALA B 338 10.91 23.75 49.67
C ALA B 338 11.58 23.56 51.02
N ARG B 339 12.63 24.32 51.26
CA ARG B 339 13.34 24.18 52.53
C ARG B 339 12.38 24.44 53.68
N GLY B 340 11.94 23.38 54.36
CA GLY B 340 11.02 23.51 55.47
C GLY B 340 9.72 22.73 55.32
N PHE B 341 9.39 22.25 54.13
CA PHE B 341 8.21 21.40 54.02
C PHE B 341 8.32 20.49 52.82
N MET B 342 7.69 19.33 52.92
CA MET B 342 7.51 18.38 51.83
C MET B 342 6.09 17.83 51.89
N PHE B 343 5.74 17.05 50.88
CA PHE B 343 4.46 16.35 50.85
C PHE B 343 4.71 14.86 50.68
N PHE B 344 3.68 14.08 50.94
CA PHE B 344 3.67 12.67 50.57
C PHE B 344 2.39 12.41 49.83
N ILE B 345 2.51 11.85 48.62
CA ILE B 345 1.37 11.76 47.73
C ILE B 345 1.09 10.30 47.43
N ILE B 346 -0.16 10.05 47.07
CA ILE B 346 -0.60 8.83 46.40
C ILE B 346 -1.59 9.29 45.33
N ASN B 347 -1.24 9.14 44.06
CA ASN B 347 -2.06 9.59 42.96
C ASN B 347 -2.44 8.40 42.11
N VAL B 348 -3.68 8.37 41.62
CA VAL B 348 -4.14 7.28 40.77
C VAL B 348 -4.99 7.86 39.67
N ASP B 349 -5.04 7.17 38.53
CA ASP B 349 -6.06 7.52 37.56
C ASP B 349 -7.31 6.71 37.89
N LEU B 350 -8.42 7.06 37.26
CA LEU B 350 -9.71 6.48 37.66
C LEU B 350 -10.42 5.89 36.46
N THR B 351 -10.86 4.65 36.63
CA THR B 351 -11.80 4.08 35.68
C THR B 351 -13.15 4.76 35.86
N GLU B 352 -14.13 4.33 35.07
CA GLU B 352 -15.46 4.86 35.27
C GLU B 352 -16.02 4.41 36.61
N GLU B 353 -15.89 3.14 36.94
CA GLU B 353 -16.27 2.68 38.27
C GLU B 353 -15.46 3.41 39.33
N GLY B 354 -14.14 3.42 39.19
CA GLY B 354 -13.31 4.06 40.19
C GLY B 354 -13.83 5.43 40.58
N LEU B 355 -14.31 6.20 39.60
CA LEU B 355 -14.78 7.54 39.92
C LEU B 355 -15.94 7.49 40.89
N LEU B 356 -16.67 6.38 40.90
CA LEU B 356 -17.81 6.19 41.78
C LEU B 356 -17.42 5.56 43.11
N HIS B 357 -16.17 5.15 43.26
CA HIS B 357 -15.73 4.46 44.47
C HIS B 357 -14.52 5.14 45.09
N VAL B 358 -14.40 6.45 44.90
CA VAL B 358 -13.26 7.16 45.47
C VAL B 358 -13.15 6.89 46.96
N GLU B 359 -14.29 6.83 47.65
CA GLU B 359 -14.21 6.62 49.08
C GLU B 359 -13.57 5.29 49.40
N ASP B 360 -13.94 4.25 48.66
CA ASP B 360 -13.35 2.94 48.90
C ASP B 360 -11.91 2.88 48.43
N ILE B 361 -11.60 3.55 47.32
CA ILE B 361 -10.19 3.62 46.92
C ILE B 361 -9.36 4.18 48.07
N ILE B 362 -9.77 5.31 48.63
CA ILE B 362 -8.97 5.91 49.69
C ILE B 362 -8.90 4.97 50.89
N LEU B 363 -10.02 4.30 51.22
CA LEU B 363 -10.00 3.33 52.31
C LEU B 363 -8.97 2.24 52.07
N HIS B 364 -8.91 1.72 50.85
CA HIS B 364 -7.89 0.73 50.52
C HIS B 364 -6.47 1.29 50.69
N MET B 365 -6.25 2.55 50.28
CA MET B 365 -4.97 3.20 50.55
C MET B 365 -4.64 3.16 52.03
N PHE B 366 -5.62 3.48 52.88
CA PHE B 366 -5.33 3.48 54.31
C PHE B 366 -5.22 2.08 54.89
N GLN B 367 -5.83 1.09 54.25
CA GLN B 367 -5.60 -0.27 54.69
C GLN B 367 -4.17 -0.70 54.42
N TYR B 368 -3.64 -0.41 53.22
CA TYR B 368 -2.25 -0.77 52.95
C TYR B 368 -1.33 -0.04 53.92
N ILE B 369 -1.55 1.25 54.12
CA ILE B 369 -0.75 1.99 55.09
C ILE B 369 -0.80 1.32 56.46
N GLN B 370 -1.99 0.81 56.82
CA GLN B 370 -2.12 0.09 58.08
C GLN B 370 -1.28 -1.18 58.08
N LYS B 371 -1.28 -1.94 56.98
CA LYS B 371 -0.40 -3.11 56.89
C LYS B 371 1.05 -2.73 57.15
N LEU B 372 1.48 -1.58 56.63
CA LEU B 372 2.85 -1.15 56.88
C LEU B 372 3.07 -0.87 58.36
N ARG B 373 2.13 -0.17 59.00
CA ARG B 373 2.26 0.01 60.44
C ARG B 373 2.35 -1.33 61.14
N ALA B 374 1.54 -2.30 60.72
CA ALA B 374 1.52 -3.59 61.39
C ALA B 374 2.86 -4.30 61.30
N GLU B 375 3.50 -4.27 60.13
CA GLU B 375 4.75 -5.01 59.93
C GLU B 375 5.97 -4.25 60.41
N GLY B 376 5.91 -2.93 60.38
CA GLY B 376 6.98 -2.11 60.87
C GLY B 376 8.14 -2.14 59.92
N PRO B 377 9.15 -1.32 60.18
CA PRO B 377 10.25 -1.21 59.24
C PRO B 377 10.96 -2.54 59.02
N GLN B 378 11.47 -2.71 57.80
CA GLN B 378 12.04 -3.97 57.32
C GLN B 378 13.47 -3.70 56.88
N GLU B 379 14.45 -4.08 57.70
CA GLU B 379 15.82 -3.84 57.29
C GLU B 379 16.12 -4.52 55.96
N TRP B 380 15.50 -5.67 55.69
CA TRP B 380 15.82 -6.38 54.46
C TRP B 380 15.37 -5.60 53.23
N VAL B 381 14.25 -4.87 53.37
CA VAL B 381 13.76 -3.97 52.32
C VAL B 381 14.75 -2.83 52.13
N PHE B 382 15.09 -2.16 53.25
CA PHE B 382 16.14 -1.16 53.21
C PHE B 382 17.36 -1.71 52.50
N GLN B 383 17.71 -2.95 52.84
CA GLN B 383 18.85 -3.62 52.24
C GLN B 383 18.74 -3.64 50.72
N GLU B 384 17.57 -4.07 50.23
CA GLU B 384 17.32 -4.12 48.80
C GLU B 384 17.53 -2.75 48.17
N LEU B 385 16.95 -1.72 48.79
CA LEU B 385 17.08 -0.36 48.29
C LEU B 385 18.55 0.04 48.19
N LYS B 386 19.31 -0.21 49.25
CA LYS B 386 20.73 0.12 49.27
C LYS B 386 21.49 -0.57 48.16
N ASP B 387 21.29 -1.87 48.03
CA ASP B 387 22.07 -2.68 47.09
C ASP B 387 21.79 -2.26 45.66
N LEU B 388 20.52 -2.13 45.31
CA LEU B 388 20.16 -1.68 43.97
C LEU B 388 20.78 -0.33 43.67
N ASN B 389 20.60 0.64 44.58
CA ASN B 389 21.16 1.96 44.36
C ASN B 389 22.67 1.88 44.16
N ALA B 390 23.35 1.10 45.00
CA ALA B 390 24.79 0.92 44.88
C ALA B 390 25.18 0.45 43.49
N VAL B 391 24.54 -0.61 43.01
CA VAL B 391 24.86 -1.14 41.69
C VAL B 391 24.58 -0.08 40.63
N ALA B 392 23.42 0.56 40.72
CA ALA B 392 23.06 1.61 39.78
C ALA B 392 24.17 2.65 39.66
N PHE B 393 24.76 3.03 40.79
CA PHE B 393 25.81 4.04 40.78
C PHE B 393 27.13 3.49 40.26
N ARG B 394 27.46 2.25 40.62
CA ARG B 394 28.71 1.65 40.16
C ARG B 394 28.78 1.65 38.64
N PHE B 395 27.66 1.40 37.99
CA PHE B 395 27.60 1.21 36.56
C PHE B 395 26.78 2.31 35.90
N LYS B 396 26.81 3.50 36.48
CA LYS B 396 26.06 4.60 35.92
C LYS B 396 26.60 4.93 34.53
N ASP B 397 25.69 5.09 33.57
CA ASP B 397 26.08 5.58 32.25
C ASP B 397 26.80 6.93 32.39
N LYS B 398 27.65 7.25 31.42
CA LYS B 398 28.26 8.57 31.37
C LYS B 398 27.30 9.58 30.74
N GLU B 399 27.13 10.71 31.43
CA GLU B 399 26.14 11.73 31.11
C GLU B 399 26.61 12.65 29.99
N ARG B 400 25.66 13.37 29.40
CA ARG B 400 26.00 14.41 28.43
C ARG B 400 26.54 15.53 29.32
N PRO B 401 27.60 16.23 28.91
CA PRO B 401 28.10 17.18 29.91
C PRO B 401 27.11 18.27 30.28
N ARG B 402 26.33 18.82 29.33
CA ARG B 402 25.38 19.90 29.65
C ARG B 402 24.46 19.54 30.80
N GLY B 403 23.76 18.41 30.68
CA GLY B 403 22.88 17.99 31.76
C GLY B 403 23.62 17.72 33.05
N TYR B 404 24.85 17.20 32.95
CA TYR B 404 25.59 16.80 34.13
C TYR B 404 26.02 18.02 34.96
N THR B 405 26.58 19.04 34.31
CA THR B 405 26.93 20.27 35.02
C THR B 405 25.69 20.91 35.64
N SER B 406 24.57 20.88 34.92
CA SER B 406 23.35 21.47 35.45
C SER B 406 22.84 20.72 36.68
N LYS B 407 22.89 19.38 36.65
CA LYS B 407 22.41 18.66 37.81
C LYS B 407 23.28 18.92 39.03
N ILE B 408 24.60 18.74 38.86
CA ILE B 408 25.53 18.85 39.98
C ILE B 408 25.50 20.25 40.56
N ALA B 409 25.33 21.25 39.69
CA ALA B 409 25.33 22.64 40.14
C ALA B 409 24.17 22.93 41.07
N GLY B 410 23.03 22.29 40.85
CA GLY B 410 21.95 22.43 41.79
C GLY B 410 22.24 21.74 43.11
N ILE B 411 22.74 20.50 43.07
CA ILE B 411 22.83 19.75 44.32
C ILE B 411 24.08 20.08 45.11
N LEU B 412 25.03 20.84 44.57
CA LEU B 412 26.10 21.35 45.43
C LEU B 412 25.55 22.09 46.64
N HIS B 413 24.38 22.70 46.49
CA HIS B 413 23.77 23.42 47.60
C HIS B 413 23.37 22.52 48.74
N TYR B 414 23.25 21.22 48.51
CA TYR B 414 22.62 20.34 49.48
C TYR B 414 23.54 19.30 50.10
N TYR B 415 24.77 19.17 49.64
CA TYR B 415 25.64 18.07 50.07
C TYR B 415 27.08 18.55 50.19
N PRO B 416 27.85 17.97 51.11
CA PRO B 416 29.29 18.24 51.16
C PRO B 416 29.94 18.05 49.80
N LEU B 417 31.00 18.81 49.52
CA LEU B 417 31.68 18.67 48.23
C LEU B 417 31.95 17.20 47.91
N GLU B 418 32.58 16.48 48.86
CA GLU B 418 33.05 15.13 48.59
C GLU B 418 31.90 14.18 48.28
N GLU B 419 30.66 14.55 48.60
CA GLU B 419 29.53 13.67 48.39
C GLU B 419 28.61 14.08 47.26
N VAL B 420 28.84 15.19 46.53
CA VAL B 420 27.88 15.60 45.50
C VAL B 420 27.58 14.45 44.55
N LEU B 421 28.60 13.69 44.14
CA LEU B 421 28.34 12.61 43.19
C LEU B 421 27.51 11.48 43.81
N THR B 422 27.81 11.08 45.06
CA THR B 422 27.16 9.92 45.65
C THR B 422 25.92 10.22 46.46
N ALA B 423 25.77 11.42 46.99
CA ALA B 423 24.75 11.66 48.00
C ALA B 423 23.39 11.13 47.57
N GLU B 424 23.04 11.31 46.30
CA GLU B 424 21.71 10.91 45.86
C GLU B 424 21.58 9.42 45.55
N TYR B 425 22.68 8.68 45.53
CA TYR B 425 22.61 7.25 45.27
C TYR B 425 22.80 6.42 46.53
N LEU B 426 23.84 6.68 47.32
CA LEU B 426 24.24 5.72 48.35
C LEU B 426 23.44 5.94 49.64
N LEU B 427 22.88 4.84 50.15
CA LEU B 427 22.24 4.79 51.46
C LEU B 427 23.22 4.20 52.47
N GLU B 428 23.21 4.77 53.68
CA GLU B 428 24.20 4.35 54.67
C GLU B 428 23.56 3.92 55.98
N GLU B 429 22.44 4.56 56.34
CA GLU B 429 21.84 4.43 57.65
C GLU B 429 20.46 3.82 57.58
N PHE B 430 20.24 2.75 58.33
CA PHE B 430 18.90 2.20 58.53
C PHE B 430 18.26 2.89 59.72
N ARG B 431 17.18 3.68 59.46
CA ARG B 431 16.54 4.56 60.45
C ARG B 431 15.08 4.16 60.61
N PRO B 432 14.80 3.07 61.32
CA PRO B 432 13.39 2.70 61.53
C PRO B 432 12.61 3.77 62.25
N ASP B 433 13.24 4.57 63.12
CA ASP B 433 12.52 5.65 63.77
C ASP B 433 11.97 6.64 62.76
N LEU B 434 12.78 7.02 61.77
CA LEU B 434 12.35 7.98 60.76
C LEU B 434 11.23 7.39 59.92
N ILE B 435 11.33 6.09 59.58
CA ILE B 435 10.28 5.44 58.82
C ILE B 435 8.97 5.49 59.59
N GLU B 436 9.01 5.21 60.89
CA GLU B 436 7.79 5.27 61.68
C GLU B 436 7.28 6.71 61.78
N MET B 437 8.19 7.66 61.95
CA MET B 437 7.81 9.08 61.98
C MET B 437 7.00 9.47 60.75
N VAL B 438 7.56 9.23 59.56
CA VAL B 438 6.87 9.64 58.35
C VAL B 438 5.56 8.90 58.22
N LEU B 439 5.56 7.62 58.60
CA LEU B 439 4.38 6.81 58.42
C LEU B 439 3.24 7.29 59.31
N ASP B 440 3.57 7.87 60.46
CA ASP B 440 2.60 8.45 61.38
C ASP B 440 1.94 9.71 60.83
N LYS B 441 2.51 10.33 59.80
CA LYS B 441 1.91 11.52 59.21
C LYS B 441 0.87 11.17 58.16
N LEU B 442 0.74 9.89 57.82
CA LEU B 442 -0.14 9.44 56.74
C LEU B 442 -1.42 8.93 57.39
N ARG B 443 -2.25 9.87 57.78
CA ARG B 443 -3.43 9.53 58.56
C ARG B 443 -4.61 10.37 58.06
N PRO B 444 -5.82 9.85 58.17
CA PRO B 444 -6.96 10.58 57.56
C PRO B 444 -7.12 11.99 58.09
N GLU B 445 -6.69 12.27 59.32
CA GLU B 445 -6.85 13.62 59.83
C GLU B 445 -5.86 14.61 59.23
N ASN B 446 -4.98 14.16 58.33
CA ASN B 446 -4.00 15.03 57.69
C ASN B 446 -4.19 15.06 56.19
N VAL B 447 -5.16 14.39 55.68
CA VAL B 447 -5.23 14.09 54.25
C VAL B 447 -5.94 15.21 53.53
N ARG B 448 -5.47 15.48 52.30
CA ARG B 448 -6.15 16.35 51.34
C ARG B 448 -6.48 15.52 50.10
N VAL B 449 -7.70 15.62 49.61
CA VAL B 449 -8.18 14.81 48.50
C VAL B 449 -8.65 15.70 47.37
N ALA B 450 -8.17 15.41 46.15
CA ALA B 450 -8.57 16.12 44.93
C ALA B 450 -9.03 15.11 43.89
N ILE B 451 -10.14 15.44 43.22
CA ILE B 451 -10.71 14.63 42.14
C ILE B 451 -10.81 15.48 40.89
N VAL B 452 -10.32 14.96 39.77
CA VAL B 452 -10.37 15.64 38.49
C VAL B 452 -11.24 14.83 37.55
N SER B 453 -12.40 15.38 37.17
CA SER B 453 -13.30 14.71 36.23
C SER B 453 -14.16 15.75 35.52
N LYS B 454 -14.39 15.54 34.21
CA LYS B 454 -15.40 16.30 33.49
C LYS B 454 -16.78 16.25 34.15
N SER B 455 -17.04 15.22 34.96
CA SER B 455 -18.33 15.10 35.61
C SER B 455 -18.63 16.23 36.59
N PHE B 456 -17.63 17.00 37.02
CA PHE B 456 -17.89 18.17 37.85
C PHE B 456 -18.19 19.42 37.05
N GLU B 457 -17.99 19.38 35.74
CA GLU B 457 -18.50 20.37 34.80
C GLU B 457 -19.92 20.81 35.14
N GLY B 458 -20.09 22.11 35.38
CA GLY B 458 -21.36 22.62 35.84
C GLY B 458 -21.48 22.87 37.33
N LYS B 459 -20.89 21.99 38.15
CA LYS B 459 -21.14 21.97 39.59
C LYS B 459 -20.06 22.70 40.41
N THR B 460 -19.28 23.60 39.82
CA THR B 460 -18.23 24.26 40.56
C THR B 460 -18.67 25.66 40.93
N ASP B 461 -18.04 26.23 41.97
CA ASP B 461 -18.35 27.57 42.46
C ASP B 461 -17.12 28.44 42.66
N ARG B 462 -15.95 28.04 42.15
CA ARG B 462 -14.74 28.82 42.35
C ARG B 462 -13.96 28.81 41.05
N THR B 463 -13.02 29.74 40.95
CA THR B 463 -12.20 29.93 39.76
C THR B 463 -10.80 30.33 40.19
N GLU B 464 -9.81 29.44 39.99
CA GLU B 464 -8.42 29.80 40.23
C GLU B 464 -8.02 30.96 39.33
N GLU B 465 -7.31 31.94 39.89
CA GLU B 465 -7.19 33.23 39.21
C GLU B 465 -6.18 33.25 38.07
N TRP B 466 -5.11 32.47 38.13
CA TRP B 466 -4.12 32.57 37.07
C TRP B 466 -4.43 31.73 35.85
N TYR B 467 -5.02 30.55 36.02
CA TYR B 467 -5.29 29.67 34.90
C TYR B 467 -6.76 29.59 34.55
N GLY B 468 -7.66 29.94 35.46
CA GLY B 468 -9.07 29.81 35.21
C GLY B 468 -9.68 28.51 35.67
N THR B 469 -8.99 27.76 36.52
CA THR B 469 -9.40 26.40 36.82
C THR B 469 -10.76 26.41 37.54
N GLN B 470 -11.67 25.55 37.11
CA GLN B 470 -13.02 25.48 37.67
C GLN B 470 -13.12 24.39 38.73
N TYR B 471 -13.41 24.78 39.98
CA TYR B 471 -13.46 23.75 41.01
C TYR B 471 -14.37 24.16 42.17
N LYS B 472 -14.70 23.17 42.98
CA LYS B 472 -15.49 23.33 44.19
C LYS B 472 -14.69 22.76 45.36
N GLN B 473 -14.81 23.38 46.53
CA GLN B 473 -14.12 22.91 47.73
C GLN B 473 -15.13 22.48 48.79
N GLU B 474 -14.88 21.33 49.41
CA GLU B 474 -15.73 20.79 50.46
C GLU B 474 -14.88 20.24 51.59
N ALA B 475 -15.45 20.25 52.79
CA ALA B 475 -14.84 19.53 53.89
C ALA B 475 -15.21 18.06 53.82
N ILE B 476 -14.23 17.20 54.02
CA ILE B 476 -14.53 15.76 54.05
C ILE B 476 -15.43 15.47 55.24
N PRO B 477 -16.55 14.78 55.05
CA PRO B 477 -17.43 14.47 56.19
C PRO B 477 -16.69 13.73 57.27
N ASP B 478 -16.88 14.15 58.53
CA ASP B 478 -16.22 13.47 59.64
C ASP B 478 -16.61 12.01 59.74
N GLU B 479 -17.78 11.64 59.20
CA GLU B 479 -18.05 10.22 59.21
C GLU B 479 -17.12 9.47 58.26
N VAL B 480 -16.77 10.09 57.14
CA VAL B 480 -15.84 9.48 56.22
C VAL B 480 -14.44 9.41 56.84
N ILE B 481 -13.95 10.52 57.40
CA ILE B 481 -12.65 10.50 58.06
C ILE B 481 -12.58 9.37 59.07
N LYS B 482 -13.67 9.14 59.82
CA LYS B 482 -13.67 8.10 60.84
C LYS B 482 -13.61 6.70 60.24
N LYS B 483 -14.32 6.46 59.12
CA LYS B 483 -14.20 5.15 58.51
C LYS B 483 -12.79 4.87 58.01
N TRP B 484 -12.10 5.91 57.52
CA TRP B 484 -10.70 5.76 57.10
C TRP B 484 -9.80 5.53 58.31
N GLN B 485 -10.04 6.24 59.41
CA GLN B 485 -9.28 6.01 60.63
C GLN B 485 -9.37 4.54 61.07
N ASN B 486 -10.57 3.95 61.00
CA ASN B 486 -10.79 2.59 61.45
C ASN B 486 -10.47 1.55 60.39
N ALA B 487 -9.58 1.88 59.45
CA ALA B 487 -9.20 0.92 58.41
C ALA B 487 -8.51 -0.27 59.06
N ASP B 488 -9.18 -1.42 59.07
CA ASP B 488 -8.60 -2.64 59.60
C ASP B 488 -7.72 -3.26 58.52
N LEU B 489 -7.03 -4.36 58.84
CA LEU B 489 -6.19 -4.91 57.80
C LEU B 489 -7.03 -5.56 56.69
N ASN B 490 -6.41 -5.67 55.52
CA ASN B 490 -7.02 -6.23 54.32
C ASN B 490 -6.06 -7.30 53.81
N GLY B 491 -6.57 -8.51 53.65
CA GLY B 491 -5.69 -9.64 53.40
C GLY B 491 -5.13 -9.73 52.01
N LYS B 492 -5.63 -8.89 51.09
CA LYS B 492 -5.09 -8.85 49.75
C LYS B 492 -3.74 -8.15 49.72
N PHE B 493 -3.41 -7.39 50.76
CA PHE B 493 -2.20 -6.57 50.78
C PHE B 493 -1.09 -7.32 51.52
N LYS B 494 -0.12 -7.80 50.76
CA LYS B 494 1.11 -8.38 51.26
C LYS B 494 2.30 -7.50 50.87
N LEU B 495 3.29 -7.43 51.76
CA LEU B 495 4.54 -6.77 51.39
C LEU B 495 5.19 -7.49 50.20
N PRO B 496 6.06 -6.81 49.47
CA PRO B 496 6.76 -7.47 48.37
C PRO B 496 7.70 -8.51 48.91
N THR B 497 8.10 -9.42 48.03
CA THR B 497 9.08 -10.46 48.33
C THR B 497 10.41 -10.14 47.65
N LYS B 498 11.48 -10.83 48.09
CA LYS B 498 12.79 -10.59 47.51
C LYS B 498 12.69 -10.44 46.00
N ASN B 499 13.46 -9.50 45.48
CA ASN B 499 13.46 -9.16 44.07
C ASN B 499 14.36 -10.17 43.37
N GLU B 500 13.77 -11.12 42.66
CA GLU B 500 14.64 -12.11 42.04
C GLU B 500 15.18 -11.66 40.69
N PHE B 501 14.91 -10.41 40.29
CA PHE B 501 15.52 -9.85 39.10
C PHE B 501 16.78 -9.05 39.40
N ILE B 502 17.22 -9.01 40.66
CA ILE B 502 18.44 -8.29 41.01
C ILE B 502 19.60 -8.98 40.33
N PRO B 503 20.38 -8.26 39.52
CA PRO B 503 21.48 -8.90 38.79
C PRO B 503 22.66 -9.19 39.72
N THR B 504 23.37 -10.26 39.40
CA THR B 504 24.55 -10.65 40.15
C THR B 504 25.78 -10.89 39.29
N ASN B 505 25.61 -11.21 38.02
CA ASN B 505 26.72 -11.46 37.12
C ASN B 505 27.01 -10.16 36.36
N PHE B 506 28.04 -9.43 36.81
CA PHE B 506 28.48 -8.20 36.16
C PHE B 506 29.71 -8.39 35.31
N GLU B 507 30.09 -9.63 35.06
CA GLU B 507 31.31 -9.89 34.31
C GLU B 507 31.19 -9.34 32.91
N ILE B 508 32.24 -8.68 32.45
CA ILE B 508 32.31 -8.10 31.10
C ILE B 508 33.00 -9.12 30.19
N LEU B 509 32.22 -9.81 29.36
CA LEU B 509 32.80 -10.80 28.47
C LEU B 509 33.92 -10.18 27.63
N PRO B 510 34.96 -10.95 27.34
CA PRO B 510 36.14 -10.37 26.67
C PRO B 510 35.81 -10.13 25.21
N LEU B 511 36.53 -9.20 24.64
CA LEU B 511 36.12 -8.69 23.35
C LEU B 511 36.53 -9.70 22.28
N GLU B 512 35.54 -10.31 21.63
CA GLU B 512 35.82 -11.39 20.69
C GLU B 512 36.79 -10.95 19.59
N LYS B 513 37.55 -11.94 19.10
CA LYS B 513 38.60 -11.71 18.10
C LYS B 513 38.04 -11.13 16.81
N GLU B 514 36.86 -11.58 16.39
CA GLU B 514 36.24 -11.21 15.13
C GLU B 514 35.38 -9.95 15.23
N ALA B 515 35.47 -9.21 16.33
CA ALA B 515 34.53 -8.15 16.64
C ALA B 515 34.77 -6.90 15.78
N THR B 516 33.71 -6.14 15.55
CA THR B 516 33.66 -5.10 14.53
C THR B 516 33.34 -3.73 15.14
N PRO B 517 33.84 -2.65 14.53
CA PRO B 517 33.58 -1.32 15.09
C PRO B 517 32.12 -0.89 14.97
N TYR B 518 31.41 -1.38 13.94
CA TYR B 518 29.99 -1.12 13.71
C TYR B 518 29.18 -2.42 13.69
N PRO B 519 27.86 -2.36 13.80
CA PRO B 519 27.05 -3.58 13.85
C PRO B 519 27.20 -4.38 12.58
N ALA B 520 27.31 -5.69 12.73
CA ALA B 520 27.52 -6.59 11.61
C ALA B 520 26.28 -7.44 11.40
N LEU B 521 25.94 -7.66 10.14
CA LEU B 521 24.78 -8.47 9.78
C LEU B 521 25.12 -9.95 9.91
N ILE B 522 24.82 -10.53 11.08
CA ILE B 522 25.24 -11.89 11.35
C ILE B 522 24.12 -12.90 11.10
N LYS B 523 22.99 -12.46 10.56
CA LYS B 523 21.97 -13.43 10.20
C LYS B 523 20.99 -12.78 9.25
N ASP B 524 20.71 -13.45 8.13
CA ASP B 524 19.89 -12.88 7.06
C ASP B 524 19.05 -14.01 6.50
N THR B 525 17.82 -14.12 6.98
CA THR B 525 16.93 -15.19 6.55
C THR B 525 15.60 -14.56 6.16
N ALA B 526 14.69 -15.41 5.67
CA ALA B 526 13.36 -14.93 5.34
C ALA B 526 12.67 -14.39 6.57
N MET B 527 12.93 -15.04 7.71
CA MET B 527 12.30 -14.66 8.96
C MET B 527 12.97 -13.46 9.60
N SER B 528 14.30 -13.39 9.59
CA SER B 528 14.94 -12.45 10.48
C SER B 528 16.26 -11.94 9.92
N LYS B 529 16.59 -10.72 10.30
CA LYS B 529 17.79 -10.04 9.85
C LYS B 529 18.42 -9.48 11.11
N LEU B 530 19.49 -10.14 11.60
CA LEU B 530 20.10 -9.84 12.89
C LEU B 530 21.37 -9.00 12.72
N TRP B 531 21.35 -7.79 13.28
CA TRP B 531 22.50 -6.90 13.40
C TRP B 531 23.12 -7.05 14.80
N PHE B 532 24.44 -7.07 14.88
CA PHE B 532 25.08 -7.34 16.15
C PHE B 532 26.36 -6.57 16.33
N LYS B 533 26.59 -6.12 17.56
CA LYS B 533 27.84 -5.47 17.88
C LYS B 533 28.13 -5.70 19.34
N GLN B 534 29.26 -6.33 19.61
CA GLN B 534 29.72 -6.44 20.99
C GLN B 534 30.32 -5.11 21.38
N ASP B 535 29.91 -4.61 22.55
CA ASP B 535 30.32 -3.27 22.97
C ASP B 535 31.84 -3.18 23.12
N ASP B 536 32.43 -2.14 22.55
CA ASP B 536 33.88 -1.93 22.58
C ASP B 536 34.26 -0.56 23.14
N LYS B 537 33.38 0.09 23.89
CA LYS B 537 33.67 1.45 24.32
C LYS B 537 33.42 1.60 25.82
N PHE B 538 32.27 1.12 26.29
CA PHE B 538 31.76 1.47 27.61
C PHE B 538 31.96 0.41 28.68
N PHE B 539 31.84 -0.87 28.36
CA PHE B 539 32.26 -1.94 29.28
C PHE B 539 31.47 -1.93 30.58
N LEU B 540 30.20 -1.60 30.49
CA LEU B 540 29.35 -1.87 31.61
C LEU B 540 28.59 -3.16 31.35
N PRO B 541 28.09 -3.81 32.39
CA PRO B 541 27.42 -5.11 32.23
C PRO B 541 25.97 -4.94 31.78
N LYS B 542 25.80 -4.37 30.58
CA LYS B 542 24.49 -4.00 30.06
C LYS B 542 24.40 -4.33 28.57
N ALA B 543 23.17 -4.41 28.09
CA ALA B 543 22.91 -4.68 26.67
C ALA B 543 21.59 -4.05 26.25
N ASN B 544 21.51 -3.66 24.99
CA ASN B 544 20.25 -3.24 24.38
C ASN B 544 19.85 -4.22 23.30
N LEU B 545 18.60 -4.68 23.36
CA LEU B 545 18.05 -5.62 22.39
C LEU B 545 16.89 -4.92 21.70
N ASN B 546 17.02 -4.67 20.40
CA ASN B 546 16.00 -3.99 19.63
C ASN B 546 15.42 -4.93 18.59
N PHE B 547 14.08 -4.99 18.51
CA PHE B 547 13.40 -5.78 17.50
C PHE B 547 12.32 -4.96 16.82
N GLU B 548 12.39 -4.88 15.49
CA GLU B 548 11.29 -4.39 14.66
C GLU B 548 10.56 -5.59 14.05
N PHE B 549 9.28 -5.78 14.41
CA PHE B 549 8.44 -6.80 13.80
C PHE B 549 7.60 -6.18 12.68
N PHE B 550 7.74 -6.68 11.46
CA PHE B 550 6.93 -6.20 10.36
C PHE B 550 5.76 -7.14 10.14
N SER B 551 4.58 -6.56 9.94
CA SER B 551 3.40 -7.23 9.50
C SER B 551 2.63 -6.19 8.72
N PRO B 552 2.08 -6.55 7.56
CA PRO B 552 1.24 -5.59 6.82
C PRO B 552 -0.06 -5.33 7.50
N PHE B 553 -0.44 -6.14 8.48
CA PHE B 553 -1.72 -6.05 9.15
C PHE B 553 -1.70 -5.15 10.38
N ALA B 554 -0.58 -4.50 10.68
CA ALA B 554 -0.57 -3.59 11.81
C ALA B 554 -1.12 -2.22 11.45
N TYR B 555 -1.17 -1.88 10.16
CA TYR B 555 -1.61 -0.55 9.75
C TYR B 555 -2.50 -0.58 8.51
N VAL B 556 -2.96 -1.77 8.10
CA VAL B 556 -3.66 -1.93 6.84
C VAL B 556 -4.86 -0.98 6.75
N ASP B 557 -5.63 -0.84 7.83
CA ASP B 557 -6.72 0.14 7.90
C ASP B 557 -6.90 0.67 9.32
N PRO B 558 -7.81 1.62 9.55
CA PRO B 558 -8.00 2.12 10.91
C PRO B 558 -8.31 1.02 11.90
N LEU B 559 -9.28 0.17 11.58
CA LEU B 559 -9.69 -0.88 12.52
C LEU B 559 -8.49 -1.66 13.02
N HIS B 560 -7.67 -2.15 12.09
CA HIS B 560 -6.53 -2.99 12.47
C HIS B 560 -5.52 -2.20 13.27
N SER B 561 -5.23 -0.98 12.85
CA SER B 561 -4.37 -0.13 13.65
C SER B 561 -4.85 -0.08 15.10
N ASN B 562 -6.13 0.21 15.31
CA ASN B 562 -6.66 0.19 16.67
C ASN B 562 -6.36 -1.13 17.35
N MET B 563 -6.51 -2.24 16.64
CA MET B 563 -6.33 -3.52 17.29
C MET B 563 -4.86 -3.78 17.62
N ALA B 564 -3.95 -3.38 16.74
CA ALA B 564 -2.53 -3.48 17.08
C ALA B 564 -2.23 -2.70 18.35
N TYR B 565 -2.80 -1.51 18.48
CA TYR B 565 -2.55 -0.72 19.69
C TYR B 565 -3.07 -1.44 20.92
N LEU B 566 -4.36 -1.81 20.90
CA LEU B 566 -4.97 -2.41 22.09
C LEU B 566 -4.30 -3.72 22.45
N TYR B 567 -3.91 -4.51 21.44
CA TYR B 567 -3.20 -5.75 21.70
C TYR B 567 -1.97 -5.49 22.57
N LEU B 568 -1.08 -4.60 22.11
CA LEU B 568 0.12 -4.30 22.90
C LEU B 568 -0.22 -3.59 24.22
N GLU B 569 -1.24 -2.74 24.26
CA GLU B 569 -1.59 -2.12 25.54
C GLU B 569 -2.07 -3.16 26.55
N LEU B 570 -2.98 -4.05 26.11
CA LEU B 570 -3.43 -5.16 26.93
C LEU B 570 -2.27 -6.06 27.36
N LEU B 571 -1.31 -6.27 26.47
CA LEU B 571 -0.21 -7.17 26.78
C LEU B 571 0.67 -6.57 27.85
N LYS B 572 1.09 -5.32 27.65
CA LYS B 572 1.86 -4.63 28.67
C LYS B 572 1.14 -4.59 30.01
N ASP B 573 -0.19 -4.43 29.97
CA ASP B 573 -0.96 -4.40 31.21
C ASP B 573 -0.83 -5.71 31.98
N SER B 574 -0.83 -6.86 31.29
CA SER B 574 -0.80 -8.11 32.06
C SER B 574 0.60 -8.48 32.49
N LEU B 575 1.62 -8.06 31.74
CA LEU B 575 3.00 -8.27 32.16
C LEU B 575 3.44 -7.36 33.30
N ASN B 576 2.65 -6.33 33.64
CA ASN B 576 3.16 -5.27 34.51
C ASN B 576 3.60 -5.79 35.87
N GLU B 577 2.76 -6.58 36.56
CA GLU B 577 3.23 -7.03 37.87
C GLU B 577 4.49 -7.85 37.76
N TYR B 578 4.58 -8.70 36.73
CA TYR B 578 5.77 -9.52 36.61
C TYR B 578 6.98 -8.65 36.31
N ALA B 579 6.85 -7.73 35.34
CA ALA B 579 7.97 -6.93 34.89
C ALA B 579 8.40 -5.83 35.85
N TYR B 580 7.60 -5.50 36.89
CA TYR B 580 7.97 -4.39 37.77
C TYR B 580 9.26 -4.67 38.52
N ALA B 581 9.37 -5.86 39.12
CA ALA B 581 10.60 -6.19 39.82
C ALA B 581 11.81 -6.00 38.93
N ALA B 582 11.71 -6.38 37.65
CA ALA B 582 12.82 -6.17 36.73
C ALA B 582 13.08 -4.68 36.54
N GLU B 583 12.01 -3.88 36.43
CA GLU B 583 12.19 -2.44 36.27
C GLU B 583 13.04 -1.88 37.40
N LEU B 584 12.67 -2.18 38.64
CA LEU B 584 13.43 -1.77 39.82
C LEU B 584 14.87 -2.31 39.80
N ALA B 585 15.10 -3.45 39.16
CA ALA B 585 16.42 -4.07 39.15
C ALA B 585 17.21 -3.69 37.92
N GLY B 586 16.90 -2.55 37.30
CA GLY B 586 17.71 -2.04 36.22
C GLY B 586 17.51 -2.68 34.87
N LEU B 587 16.37 -3.33 34.66
CA LEU B 587 16.06 -4.09 33.45
C LEU B 587 14.66 -3.72 33.02
N SER B 588 14.54 -3.00 31.91
CA SER B 588 13.26 -2.44 31.48
C SER B 588 12.97 -2.81 30.03
N TYR B 589 11.71 -2.68 29.65
CA TYR B 589 11.36 -3.01 28.28
C TYR B 589 10.30 -2.05 27.75
N ASP B 590 10.33 -1.86 26.43
CA ASP B 590 9.36 -1.07 25.70
C ASP B 590 8.71 -1.89 24.60
N LEU B 591 7.39 -1.73 24.47
CA LEU B 591 6.58 -2.48 23.50
C LEU B 591 5.54 -1.54 22.95
N GLN B 592 5.56 -1.29 21.65
CA GLN B 592 4.65 -0.28 21.10
C GLN B 592 4.47 -0.48 19.59
N ASN B 593 3.24 -0.33 19.12
CA ASN B 593 2.92 -0.56 17.71
C ASN B 593 3.47 0.56 16.82
N THR B 594 3.80 0.21 15.57
CA THR B 594 4.33 1.14 14.59
C THR B 594 3.46 1.05 13.34
N ILE B 595 3.74 1.91 12.36
CA ILE B 595 2.96 1.81 11.13
C ILE B 595 3.42 0.63 10.30
N TYR B 596 4.46 -0.08 10.74
CA TYR B 596 4.91 -1.25 10.02
C TYR B 596 4.67 -2.53 10.82
N GLY B 597 4.22 -2.41 12.05
CA GLY B 597 4.01 -3.57 12.88
C GLY B 597 4.23 -3.27 14.35
N MET B 598 5.28 -3.84 14.93
CA MET B 598 5.54 -3.67 16.35
C MET B 598 7.03 -3.48 16.62
N TYR B 599 7.31 -2.74 17.67
CA TYR B 599 8.65 -2.42 18.11
C TYR B 599 8.83 -2.87 19.55
N LEU B 600 9.88 -3.64 19.82
CA LEU B 600 10.16 -4.10 21.18
C LEU B 600 11.60 -3.79 21.50
N SER B 601 11.83 -3.09 22.62
CA SER B 601 13.19 -2.84 23.11
C SER B 601 13.36 -3.34 24.52
N VAL B 602 14.50 -3.99 24.80
CA VAL B 602 14.84 -4.43 26.14
C VAL B 602 16.23 -3.90 26.47
N LYS B 603 16.33 -3.11 27.53
CA LYS B 603 17.56 -2.40 27.89
C LYS B 603 17.93 -2.67 29.34
N GLY B 604 19.22 -2.81 29.63
CA GLY B 604 19.60 -2.85 31.03
C GLY B 604 20.65 -3.89 31.31
N TYR B 605 20.84 -4.20 32.58
CA TYR B 605 21.80 -5.20 32.96
C TYR B 605 21.48 -6.49 32.22
N ASN B 606 22.43 -6.93 31.38
CA ASN B 606 22.30 -8.11 30.53
C ASN B 606 22.07 -9.38 31.31
N ASP B 607 22.49 -9.43 32.58
CA ASP B 607 22.38 -10.66 33.37
C ASP B 607 21.08 -11.39 33.08
N LYS B 608 19.95 -10.85 33.53
CA LYS B 608 18.69 -11.58 33.48
C LYS B 608 17.82 -11.20 32.30
N GLN B 609 18.33 -10.46 31.31
CA GLN B 609 17.51 -10.14 30.15
C GLN B 609 16.88 -11.35 29.48
N PRO B 610 17.62 -12.38 29.06
CA PRO B 610 16.97 -13.48 28.35
C PRO B 610 15.76 -14.02 29.07
N ILE B 611 15.68 -13.93 30.40
CA ILE B 611 14.47 -14.37 31.09
C ILE B 611 13.30 -13.45 30.79
N LEU B 612 13.50 -12.15 30.93
CA LEU B 612 12.43 -11.20 30.68
C LEU B 612 11.99 -11.24 29.22
N LEU B 613 12.96 -11.31 28.29
CA LEU B 613 12.60 -11.34 26.89
C LEU B 613 11.76 -12.56 26.55
N LYS B 614 12.14 -13.74 27.06
CA LYS B 614 11.35 -14.94 26.82
C LYS B 614 9.95 -14.78 27.36
N LYS B 615 9.81 -14.18 28.55
CA LYS B 615 8.48 -13.97 29.08
C LYS B 615 7.66 -13.07 28.17
N ILE B 616 8.27 -12.00 27.65
CA ILE B 616 7.56 -11.12 26.74
C ILE B 616 7.12 -11.87 25.48
N ILE B 617 8.04 -12.61 24.85
CA ILE B 617 7.68 -13.23 23.58
C ILE B 617 6.67 -14.35 23.80
N GLU B 618 6.85 -15.18 24.84
CA GLU B 618 5.83 -16.17 25.13
C GLU B 618 4.48 -15.52 25.34
N LYS B 619 4.44 -14.46 26.13
CA LYS B 619 3.13 -13.90 26.39
C LYS B 619 2.53 -13.22 25.15
N MET B 620 3.34 -12.74 24.21
CA MET B 620 2.75 -12.28 22.95
C MET B 620 2.06 -13.42 22.23
N ALA B 621 2.71 -14.56 22.15
CA ALA B 621 2.28 -15.61 21.25
C ALA B 621 1.09 -16.40 21.80
N THR B 622 0.78 -16.26 23.08
CA THR B 622 -0.20 -17.05 23.79
C THR B 622 -1.08 -16.16 24.65
N PHE B 623 -1.40 -14.99 24.14
CA PHE B 623 -2.08 -14.00 24.96
C PHE B 623 -3.54 -14.36 25.19
N GLU B 624 -4.00 -14.20 26.43
CA GLU B 624 -5.38 -14.43 26.78
C GLU B 624 -5.96 -13.11 27.27
N ILE B 625 -6.86 -12.51 26.50
CA ILE B 625 -7.40 -11.20 26.83
C ILE B 625 -8.44 -11.33 27.94
N ASP B 626 -8.27 -10.56 29.00
CA ASP B 626 -9.30 -10.46 30.04
C ASP B 626 -10.35 -9.45 29.61
N GLU B 627 -11.59 -9.91 29.45
CA GLU B 627 -12.65 -9.02 28.98
C GLU B 627 -12.72 -7.72 29.77
N LYS B 628 -12.45 -7.77 31.09
CA LYS B 628 -12.61 -6.57 31.90
C LYS B 628 -11.49 -5.56 31.64
N ARG B 629 -10.26 -6.05 31.47
CA ARG B 629 -9.17 -5.14 31.06
C ARG B 629 -9.38 -4.63 29.64
N PHE B 630 -9.90 -5.49 28.76
CA PHE B 630 -10.22 -5.06 27.40
C PHE B 630 -11.17 -3.86 27.39
N GLU B 631 -12.26 -3.94 28.16
CA GLU B 631 -13.21 -2.83 28.17
C GLU B 631 -12.56 -1.55 28.72
N ILE B 632 -11.80 -1.69 29.81
CA ILE B 632 -11.25 -0.50 30.46
C ILE B 632 -10.23 0.18 29.56
N ILE B 633 -9.37 -0.61 28.92
CA ILE B 633 -8.28 -0.03 28.14
C ILE B 633 -8.82 0.59 26.85
N LYS B 634 -9.83 -0.06 26.25
CA LYS B 634 -10.45 0.50 25.06
C LYS B 634 -11.09 1.85 25.39
N GLU B 635 -11.75 1.95 26.54
CA GLU B 635 -12.33 3.24 26.95
C GLU B 635 -11.28 4.30 27.13
N ALA B 636 -10.17 3.95 27.81
CA ALA B 636 -9.08 4.91 27.99
C ALA B 636 -8.52 5.34 26.66
N TYR B 637 -8.45 4.40 25.72
CA TYR B 637 -7.93 4.70 24.38
C TYR B 637 -8.86 5.65 23.64
N MET B 638 -10.17 5.40 23.74
CA MET B 638 -11.16 6.33 23.20
C MET B 638 -10.92 7.73 23.75
N ARG B 639 -10.74 7.85 25.06
CA ARG B 639 -10.48 9.17 25.63
C ARG B 639 -9.21 9.78 25.06
N SER B 640 -8.18 8.95 24.88
CA SER B 640 -6.89 9.45 24.44
C SER B 640 -6.98 10.08 23.04
N LEU B 641 -7.63 9.38 22.12
CA LEU B 641 -7.92 9.94 20.81
C LEU B 641 -8.61 11.28 20.96
N ASN B 642 -9.79 11.29 21.60
CA ASN B 642 -10.54 12.53 21.75
C ASN B 642 -9.68 13.63 22.35
N ASN B 643 -8.89 13.30 23.37
CA ASN B 643 -8.08 14.31 24.04
C ASN B 643 -7.06 14.96 23.12
N PHE B 644 -6.79 14.37 21.96
CA PHE B 644 -5.88 15.04 21.04
C PHE B 644 -6.33 16.47 20.77
N ARG B 645 -7.62 16.75 20.90
CA ARG B 645 -8.12 18.05 20.50
C ARG B 645 -7.54 19.17 21.35
N ALA B 646 -6.84 18.82 22.43
CA ALA B 646 -6.35 19.78 23.41
C ALA B 646 -4.84 19.91 23.41
N GLU B 647 -4.14 19.36 22.42
CA GLU B 647 -2.71 19.59 22.30
C GLU B 647 -2.44 20.99 21.80
N GLN B 648 -1.16 21.35 21.79
CA GLN B 648 -0.79 22.71 21.43
C GLN B 648 -1.00 22.94 19.94
N PRO B 649 -1.28 24.18 19.54
CA PRO B 649 -1.38 24.50 18.10
C PRO B 649 -0.21 23.98 17.26
N HIS B 650 1.03 24.23 17.67
CA HIS B 650 2.13 23.79 16.83
C HIS B 650 2.22 22.26 16.77
N GLN B 651 1.84 21.57 17.84
CA GLN B 651 1.76 20.11 17.79
C GLN B 651 0.81 19.67 16.70
N HIS B 652 -0.35 20.32 16.63
CA HIS B 652 -1.32 20.04 15.58
C HIS B 652 -0.72 20.27 14.20
N ALA B 653 -0.03 21.41 14.02
CA ALA B 653 0.59 21.71 12.75
C ALA B 653 1.48 20.57 12.31
N MET B 654 2.37 20.12 13.19
CA MET B 654 3.25 19.01 12.83
C MET B 654 2.45 17.74 12.57
N TYR B 655 1.42 17.49 13.37
CA TYR B 655 0.59 16.32 13.13
C TYR B 655 0.01 16.35 11.72
N TYR B 656 -0.64 17.46 11.35
CA TYR B 656 -1.26 17.57 10.04
C TYR B 656 -0.23 17.43 8.91
N LEU B 657 0.96 18.00 9.07
CA LEU B 657 1.99 17.86 8.05
C LEU B 657 2.31 16.38 7.80
N ARG B 658 2.60 15.61 8.86
CA ARG B 658 2.83 14.17 8.69
C ARG B 658 1.68 13.51 7.96
N LEU B 659 0.44 13.87 8.31
CA LEU B 659 -0.72 13.31 7.59
C LEU B 659 -0.64 13.64 6.11
N LEU B 660 -0.28 14.88 5.79
CA LEU B 660 -0.33 15.33 4.40
C LEU B 660 0.75 14.70 3.54
N MET B 661 1.94 14.50 4.10
CA MET B 661 3.13 14.15 3.33
C MET B 661 3.47 12.66 3.33
N THR B 662 2.68 11.81 3.98
CA THR B 662 2.94 10.38 3.92
C THR B 662 1.89 9.70 3.04
N GLU B 663 2.35 8.65 2.35
CA GLU B 663 1.48 7.82 1.54
C GLU B 663 0.21 7.38 2.29
N VAL B 664 0.36 6.64 3.39
CA VAL B 664 -0.79 6.20 4.18
C VAL B 664 -0.70 6.80 5.59
N ALA B 665 -1.85 7.10 6.19
CA ALA B 665 -1.90 7.76 7.49
C ALA B 665 -3.31 7.98 7.96
N TRP B 666 -3.70 7.30 9.04
CA TRP B 666 -5.06 7.34 9.54
C TRP B 666 -5.20 8.48 10.55
N THR B 667 -6.25 9.29 10.38
CA THR B 667 -6.40 10.44 11.26
C THR B 667 -7.05 10.02 12.58
N LYS B 668 -6.86 10.86 13.61
CA LYS B 668 -7.49 10.58 14.90
C LYS B 668 -8.97 10.30 14.72
N ASP B 669 -9.64 11.06 13.86
CA ASP B 669 -11.07 10.85 13.66
C ASP B 669 -11.36 9.48 13.05
N GLU B 670 -10.51 9.04 12.11
CA GLU B 670 -10.76 7.75 11.47
C GLU B 670 -10.53 6.61 12.45
N LEU B 671 -9.45 6.71 13.23
CA LEU B 671 -9.22 5.77 14.32
C LEU B 671 -10.41 5.70 15.25
N LYS B 672 -10.93 6.85 15.64
CA LYS B 672 -11.99 6.92 16.64
C LYS B 672 -13.29 6.32 16.11
N GLU B 673 -13.66 6.65 14.87
CA GLU B 673 -14.83 6.04 14.26
C GLU B 673 -14.68 4.53 14.20
N ALA B 674 -13.49 4.05 13.86
CA ALA B 674 -13.29 2.62 13.74
C ALA B 674 -13.30 1.92 15.08
N LEU B 675 -13.04 2.64 16.16
CA LEU B 675 -12.82 1.97 17.45
C LEU B 675 -14.05 1.17 17.87
N ASP B 676 -15.26 1.68 17.59
CA ASP B 676 -16.45 1.03 18.10
C ASP B 676 -16.66 -0.36 17.54
N ASP B 677 -16.15 -0.64 16.35
CA ASP B 677 -16.28 -1.97 15.77
C ASP B 677 -15.19 -2.94 16.26
N VAL B 678 -14.38 -2.55 17.24
CA VAL B 678 -13.37 -3.41 17.83
C VAL B 678 -14.05 -4.16 18.96
N THR B 679 -14.42 -5.41 18.71
CA THR B 679 -15.06 -6.23 19.73
C THR B 679 -14.06 -7.23 20.27
N LEU B 680 -14.31 -7.70 21.49
CA LEU B 680 -13.42 -8.71 22.05
C LEU B 680 -13.17 -9.85 21.10
N PRO B 681 -14.20 -10.45 20.50
CA PRO B 681 -13.96 -11.55 19.55
C PRO B 681 -13.12 -11.12 18.38
N ARG B 682 -13.40 -9.94 17.80
CA ARG B 682 -12.64 -9.44 16.67
C ARG B 682 -11.16 -9.30 17.03
N LEU B 683 -10.88 -8.70 18.19
CA LEU B 683 -9.49 -8.61 18.65
C LEU B 683 -8.87 -9.99 18.83
N LYS B 684 -9.61 -10.92 19.43
CA LYS B 684 -9.04 -12.25 19.61
C LYS B 684 -8.68 -12.88 18.28
N ALA B 685 -9.43 -12.54 17.22
CA ALA B 685 -9.10 -13.02 15.88
C ALA B 685 -7.87 -12.33 15.33
N PHE B 686 -7.77 -11.03 15.56
CA PHE B 686 -6.69 -10.23 14.98
C PHE B 686 -5.32 -10.68 15.46
N ILE B 687 -5.21 -10.97 16.75
CA ILE B 687 -3.96 -11.39 17.36
C ILE B 687 -3.18 -12.40 16.52
N PRO B 688 -3.75 -13.59 16.32
CA PRO B 688 -3.04 -14.63 15.57
C PRO B 688 -2.80 -14.25 14.13
N GLN B 689 -3.76 -13.54 13.52
CA GLN B 689 -3.59 -13.07 12.15
C GLN B 689 -2.34 -12.19 12.04
N LEU B 690 -2.14 -11.26 12.98
CA LEU B 690 -0.98 -10.38 12.93
C LEU B 690 0.31 -11.15 13.08
N LEU B 691 0.32 -12.14 13.96
CA LEU B 691 1.52 -12.94 14.25
C LEU B 691 1.78 -14.02 13.21
N SER B 692 0.90 -14.21 12.23
CA SER B 692 1.00 -15.39 11.35
C SER B 692 2.14 -15.28 10.35
N ARG B 693 2.41 -14.07 9.86
CA ARG B 693 3.52 -13.80 8.96
C ARG B 693 4.23 -12.57 9.47
N LEU B 694 5.55 -12.70 9.65
CA LEU B 694 6.36 -11.63 10.21
C LEU B 694 7.74 -11.61 9.58
N HIS B 695 8.37 -10.44 9.67
CA HIS B 695 9.80 -10.30 9.44
C HIS B 695 10.37 -9.55 10.63
N ILE B 696 11.47 -10.06 11.18
CA ILE B 696 12.08 -9.50 12.38
C ILE B 696 13.44 -8.97 12.00
N GLU B 697 13.65 -7.69 12.27
CA GLU B 697 14.96 -7.07 12.08
C GLU B 697 15.38 -6.58 13.45
N ALA B 698 16.55 -7.00 13.92
CA ALA B 698 16.96 -6.77 15.28
C ALA B 698 18.35 -6.19 15.31
N LEU B 699 18.60 -5.29 16.26
CA LEU B 699 19.93 -4.88 16.66
C LEU B 699 20.18 -5.36 18.10
N LEU B 700 21.20 -6.19 18.29
CA LEU B 700 21.60 -6.63 19.62
C LEU B 700 23.00 -6.11 19.89
N HIS B 701 23.13 -5.24 20.90
CA HIS B 701 24.32 -4.42 21.08
C HIS B 701 24.64 -4.32 22.57
N GLY B 702 25.83 -4.72 22.95
CA GLY B 702 26.22 -4.51 24.33
C GLY B 702 27.19 -5.59 24.81
N ASN B 703 27.00 -6.03 26.05
CA ASN B 703 27.89 -6.98 26.71
C ASN B 703 27.41 -8.41 26.49
N ILE B 704 27.37 -8.79 25.21
CA ILE B 704 26.92 -10.11 24.79
C ILE B 704 27.80 -10.58 23.66
N THR B 705 27.99 -11.90 23.58
CA THR B 705 28.80 -12.47 22.51
C THR B 705 27.95 -12.78 21.28
N LYS B 706 28.64 -13.05 20.18
CA LYS B 706 27.95 -13.45 18.96
C LYS B 706 27.07 -14.67 19.18
N GLN B 707 27.53 -15.66 19.96
CA GLN B 707 26.70 -16.84 20.16
C GLN B 707 25.46 -16.48 20.95
N ALA B 708 25.65 -15.78 22.06
CA ALA B 708 24.51 -15.43 22.90
C ALA B 708 23.49 -14.64 22.11
N ALA B 709 23.97 -13.78 21.20
CA ALA B 709 23.09 -12.97 20.36
C ALA B 709 22.28 -13.83 19.41
N LEU B 710 22.96 -14.73 18.69
CA LEU B 710 22.25 -15.65 17.81
C LEU B 710 21.25 -16.50 18.60
N GLY B 711 21.63 -16.93 19.80
CA GLY B 711 20.68 -17.65 20.64
C GLY B 711 19.47 -16.80 20.98
N ILE B 712 19.69 -15.55 21.36
CA ILE B 712 18.58 -14.65 21.67
C ILE B 712 17.64 -14.54 20.47
N MET B 713 18.22 -14.31 19.28
CA MET B 713 17.37 -14.14 18.11
C MET B 713 16.58 -15.40 17.83
N GLN B 714 17.26 -16.55 17.86
CA GLN B 714 16.55 -17.79 17.58
C GLN B 714 15.50 -18.09 18.62
N MET B 715 15.77 -17.78 19.88
CA MET B 715 14.75 -17.96 20.91
C MET B 715 13.50 -17.16 20.61
N VAL B 716 13.65 -15.95 20.09
CA VAL B 716 12.48 -15.16 19.72
C VAL B 716 11.76 -15.80 18.54
N GLU B 717 12.51 -16.23 17.52
CA GLU B 717 11.92 -16.97 16.41
C GLU B 717 11.23 -18.25 16.88
N ASP B 718 11.98 -19.13 17.56
CA ASP B 718 11.44 -20.41 17.99
C ASP B 718 10.12 -20.23 18.75
N THR B 719 10.03 -19.19 19.60
CA THR B 719 8.83 -18.98 20.39
C THR B 719 7.65 -18.61 19.50
N LEU B 720 7.88 -17.67 18.58
CA LEU B 720 6.81 -17.26 17.70
C LEU B 720 6.35 -18.42 16.83
N ILE B 721 7.30 -19.24 16.39
CA ILE B 721 6.99 -20.39 15.54
C ILE B 721 6.17 -21.43 16.30
N GLU B 722 6.58 -21.78 17.52
CA GLU B 722 5.86 -22.83 18.23
C GLU B 722 4.43 -22.41 18.53
N HIS B 723 4.26 -21.20 19.04
CA HIS B 723 3.00 -20.85 19.65
C HIS B 723 2.08 -20.11 18.72
N ALA B 724 2.60 -19.32 17.81
CA ALA B 724 1.76 -18.59 16.89
C ALA B 724 1.95 -19.04 15.44
N HIS B 725 2.77 -20.07 15.20
CA HIS B 725 2.94 -20.69 13.88
C HIS B 725 3.38 -19.66 12.83
N THR B 726 4.29 -18.77 13.21
CA THR B 726 4.71 -17.69 12.32
C THR B 726 5.47 -18.22 11.12
N LYS B 727 5.20 -17.66 9.96
CA LYS B 727 5.99 -17.92 8.77
C LYS B 727 6.54 -16.59 8.27
N PRO B 728 7.52 -16.62 7.38
CA PRO B 728 8.13 -15.38 6.89
C PRO B 728 7.25 -14.64 5.91
N LEU B 729 7.44 -13.32 5.87
CA LEU B 729 6.83 -12.57 4.78
C LEU B 729 7.72 -12.65 3.54
N LEU B 730 7.11 -12.40 2.38
CA LEU B 730 7.91 -12.33 1.17
C LEU B 730 8.59 -10.97 1.05
N PRO B 731 9.80 -10.93 0.48
CA PRO B 731 10.52 -9.65 0.36
C PRO B 731 9.69 -8.54 -0.24
N SER B 732 8.86 -8.87 -1.24
CA SER B 732 8.00 -7.89 -1.88
C SER B 732 7.01 -7.26 -0.94
N GLN B 733 6.71 -7.91 0.20
CA GLN B 733 5.77 -7.35 1.15
C GLN B 733 6.41 -6.30 2.05
N LEU B 734 7.74 -6.26 2.12
CA LEU B 734 8.47 -5.35 3.02
C LEU B 734 8.58 -3.95 2.40
N VAL B 735 7.43 -3.32 2.21
CA VAL B 735 7.36 -2.04 1.53
C VAL B 735 7.34 -0.94 2.57
N ARG B 736 8.10 0.11 2.35
CA ARG B 736 7.98 1.29 3.18
C ARG B 736 7.11 2.34 2.51
N TYR B 737 6.64 3.29 3.31
CA TYR B 737 5.83 4.39 2.78
C TYR B 737 6.71 5.49 2.22
N ARG B 738 6.24 6.11 1.13
CA ARG B 738 6.96 7.16 0.42
C ARG B 738 6.41 8.53 0.81
N GLU B 739 7.19 9.57 0.52
CA GLU B 739 6.75 10.94 0.74
C GLU B 739 6.17 11.56 -0.52
N VAL B 740 5.08 12.31 -0.36
CA VAL B 740 4.50 13.04 -1.49
C VAL B 740 5.52 13.98 -2.10
N GLN B 741 5.60 13.97 -3.42
CA GLN B 741 6.61 14.74 -4.14
C GLN B 741 5.97 16.02 -4.65
N LEU B 742 6.41 17.17 -4.13
CA LEU B 742 5.70 18.40 -4.47
C LEU B 742 6.21 18.98 -5.77
N PRO B 743 5.36 19.73 -6.48
CA PRO B 743 5.73 20.26 -7.80
C PRO B 743 6.58 21.52 -7.71
N ASP B 744 7.51 21.66 -8.66
CA ASP B 744 8.34 22.86 -8.75
C ASP B 744 7.47 24.11 -8.63
N ARG B 745 7.95 25.10 -7.89
CA ARG B 745 7.26 26.36 -7.68
C ARG B 745 5.88 26.21 -7.05
N GLY B 746 5.52 25.02 -6.57
CA GLY B 746 4.23 24.85 -5.90
C GLY B 746 4.22 25.41 -4.49
N TRP B 747 3.03 25.84 -4.06
CA TRP B 747 2.83 26.25 -2.67
C TRP B 747 1.40 25.90 -2.24
N PHE B 748 1.26 24.91 -1.36
CA PHE B 748 -0.02 24.48 -0.84
C PHE B 748 -0.16 24.91 0.60
N VAL B 749 -1.40 25.21 1.00
CA VAL B 749 -1.72 25.50 2.38
C VAL B 749 -2.85 24.59 2.83
N TYR B 750 -2.72 24.07 4.04
CA TYR B 750 -3.78 23.31 4.68
C TYR B 750 -4.12 24.06 5.96
N GLN B 751 -5.38 24.40 6.14
CA GLN B 751 -5.79 25.19 7.29
C GLN B 751 -6.72 24.41 8.20
N GLN B 752 -6.50 24.58 9.50
CA GLN B 752 -7.33 23.98 10.54
C GLN B 752 -7.39 24.94 11.71
N ARG B 753 -8.35 24.68 12.62
CA ARG B 753 -8.50 25.46 13.83
C ARG B 753 -8.26 24.55 15.02
N ASN B 754 -7.68 25.11 16.07
CA ASN B 754 -7.51 24.45 17.36
C ASN B 754 -8.59 24.97 18.29
N GLU B 755 -9.51 24.11 18.72
CA GLU B 755 -10.68 24.66 19.40
C GLU B 755 -10.48 24.82 20.92
N VAL B 756 -9.25 24.68 21.43
CA VAL B 756 -8.95 24.78 22.87
C VAL B 756 -8.02 25.94 23.19
N HIS B 757 -6.92 26.07 22.44
CA HIS B 757 -5.89 27.07 22.74
C HIS B 757 -6.12 28.37 22.00
N ASN B 758 -5.88 29.49 22.69
CA ASN B 758 -5.96 30.77 22.01
C ASN B 758 -4.60 31.25 21.56
N ASN B 759 -3.81 30.36 20.99
CA ASN B 759 -2.76 30.76 20.06
C ASN B 759 -2.99 30.03 18.76
N SER B 760 -2.30 30.49 17.73
CA SER B 760 -2.23 29.76 16.47
C SER B 760 -0.89 29.04 16.36
N GLY B 761 -0.81 28.12 15.41
CA GLY B 761 0.44 27.46 15.12
C GLY B 761 0.64 27.37 13.62
N ILE B 762 1.90 27.23 13.23
CA ILE B 762 2.26 27.10 11.83
C ILE B 762 3.49 26.22 11.72
N GLU B 763 3.47 25.30 10.74
CA GLU B 763 4.70 24.67 10.27
C GLU B 763 4.85 24.99 8.78
N ILE B 764 6.06 25.37 8.37
CA ILE B 764 6.38 25.66 6.98
C ILE B 764 7.46 24.69 6.53
N TYR B 765 7.21 23.97 5.45
CA TYR B 765 8.12 22.92 4.99
C TYR B 765 8.57 23.26 3.58
N TYR B 766 9.87 23.50 3.41
CA TYR B 766 10.47 23.67 2.08
C TYR B 766 11.16 22.37 1.72
N GLN B 767 10.46 21.52 0.98
CA GLN B 767 11.02 20.25 0.56
C GLN B 767 12.20 20.49 -0.35
N THR B 768 13.26 19.68 -0.19
CA THR B 768 14.40 19.78 -1.09
C THR B 768 14.42 18.55 -1.95
N ASP B 769 15.03 17.43 -1.52
CA ASP B 769 15.18 16.32 -2.44
C ASP B 769 15.55 15.09 -1.60
N MET B 770 15.60 13.91 -2.22
CA MET B 770 15.96 12.72 -1.43
C MET B 770 17.23 12.95 -0.63
N GLN B 771 17.38 12.21 0.46
CA GLN B 771 18.63 12.29 1.20
C GLN B 771 19.78 11.69 0.40
N SER B 772 20.88 12.43 0.34
CA SER B 772 22.15 11.90 -0.13
C SER B 772 23.22 12.67 0.62
N THR B 773 24.47 12.21 0.51
CA THR B 773 25.55 12.98 1.11
C THR B 773 25.51 14.43 0.65
N SER B 774 25.48 14.64 -0.67
CA SER B 774 25.27 15.96 -1.23
C SER B 774 24.20 16.75 -0.47
N GLU B 775 22.96 16.28 -0.59
CA GLU B 775 21.82 17.10 -0.18
C GLU B 775 21.77 17.25 1.34
N ASN B 776 22.04 16.17 2.08
CA ASN B 776 22.03 16.23 3.54
C ASN B 776 22.85 17.40 4.06
N MET B 777 24.07 17.55 3.54
CA MET B 777 24.99 18.56 4.07
C MET B 777 24.66 19.97 3.56
N PHE B 778 24.13 20.12 2.35
CA PHE B 778 23.60 21.43 1.96
C PHE B 778 22.58 21.93 2.96
N LEU B 779 21.59 21.09 3.28
CA LEU B 779 20.54 21.48 4.22
C LEU B 779 21.11 21.68 5.61
N GLU B 780 21.92 20.73 6.10
CA GLU B 780 22.41 20.84 7.47
C GLU B 780 23.27 22.09 7.65
N LEU B 781 24.16 22.38 6.69
CA LEU B 781 24.98 23.58 6.83
C LEU B 781 24.13 24.84 6.77
N PHE B 782 23.19 24.89 5.84
CA PHE B 782 22.32 26.06 5.77
C PHE B 782 21.53 26.22 7.06
N ALA B 783 20.99 25.13 7.61
CA ALA B 783 20.23 25.22 8.85
C ALA B 783 21.10 25.66 10.01
N GLN B 784 22.39 25.29 9.97
CA GLN B 784 23.33 25.74 11.00
C GLN B 784 23.53 27.24 10.91
N ILE B 785 23.75 27.73 9.69
CA ILE B 785 23.98 29.15 9.46
C ILE B 785 22.80 29.97 9.94
N ILE B 786 21.57 29.49 9.72
CA ILE B 786 20.42 30.27 10.11
C ILE B 786 19.90 29.96 11.50
N SER B 787 20.31 28.85 12.11
CA SER B 787 19.77 28.43 13.41
C SER B 787 19.63 29.60 14.38
N GLU B 788 20.78 30.15 14.83
CA GLU B 788 20.77 31.25 15.78
C GLU B 788 20.08 32.49 15.25
N PRO B 789 20.45 33.02 14.08
CA PRO B 789 19.75 34.21 13.57
C PRO B 789 18.24 34.06 13.53
N ALA B 790 17.71 32.87 13.18
CA ALA B 790 16.26 32.71 13.10
C ALA B 790 15.61 32.85 14.47
N PHE B 791 16.21 32.27 15.49
CA PHE B 791 15.70 32.47 16.84
C PHE B 791 15.76 33.94 17.22
N ASN B 792 16.92 34.57 17.00
CA ASN B 792 17.13 35.95 17.42
C ASN B 792 16.20 36.93 16.68
N THR B 793 15.97 36.69 15.39
CA THR B 793 15.08 37.56 14.61
C THR B 793 13.62 37.28 14.92
N LEU B 794 13.19 36.01 14.82
CA LEU B 794 11.77 35.69 14.89
C LEU B 794 11.23 35.75 16.31
N ARG B 795 12.04 35.40 17.30
CA ARG B 795 11.63 35.51 18.69
C ARG B 795 12.23 36.73 19.38
N THR B 796 13.54 36.75 19.60
CA THR B 796 14.10 37.82 20.46
C THR B 796 13.78 39.21 19.93
N LYS B 797 13.83 39.43 18.61
CA LYS B 797 13.56 40.76 18.06
C LYS B 797 12.08 40.98 17.75
N GLU B 798 11.50 40.18 16.85
CA GLU B 798 10.09 40.38 16.50
C GLU B 798 9.13 39.81 17.54
N GLN B 799 9.58 38.94 18.44
CA GLN B 799 8.75 38.34 19.48
C GLN B 799 7.44 37.77 18.92
N LEU B 800 7.57 36.92 17.91
CA LEU B 800 6.39 36.26 17.37
C LEU B 800 5.80 35.26 18.36
N GLY B 801 6.63 34.66 19.20
CA GLY B 801 6.11 33.73 20.18
C GLY B 801 7.23 33.16 21.00
N TYR B 802 6.85 32.24 21.89
CA TYR B 802 7.83 31.54 22.71
C TYR B 802 8.44 30.37 21.94
N ILE B 803 7.60 29.65 21.20
CA ILE B 803 8.03 28.50 20.43
C ILE B 803 8.37 28.96 19.02
N VAL B 804 9.66 29.02 18.72
CA VAL B 804 10.17 29.32 17.39
C VAL B 804 11.23 28.30 17.08
N PHE B 805 11.07 27.60 15.95
CA PHE B 805 11.96 26.51 15.61
C PHE B 805 12.32 26.57 14.13
N SER B 806 13.59 26.34 13.84
CA SER B 806 14.05 26.06 12.49
C SER B 806 14.89 24.78 12.51
N GLY B 807 15.00 24.14 11.36
CA GLY B 807 15.93 23.05 11.20
C GLY B 807 15.50 22.07 10.14
N PRO B 808 16.28 21.00 9.95
CA PRO B 808 15.92 19.99 8.96
C PRO B 808 14.70 19.20 9.39
N ARG B 809 13.93 18.80 8.39
CA ARG B 809 12.91 17.77 8.52
C ARG B 809 13.34 16.57 7.71
N ARG B 810 13.22 15.38 8.29
CA ARG B 810 13.52 14.13 7.59
C ARG B 810 12.36 13.16 7.78
N ALA B 811 11.92 12.54 6.69
CA ALA B 811 10.79 11.61 6.69
C ALA B 811 10.86 10.75 5.43
N ASN B 812 10.79 9.43 5.60
CA ASN B 812 10.65 8.53 4.45
C ASN B 812 11.74 8.74 3.40
N GLY B 813 12.98 8.92 3.84
CA GLY B 813 14.09 9.12 2.94
C GLY B 813 14.15 10.48 2.29
N ILE B 814 13.16 11.33 2.49
CA ILE B 814 13.16 12.67 1.94
C ILE B 814 13.57 13.64 3.03
N GLN B 815 13.74 14.92 2.67
CA GLN B 815 14.16 15.94 3.62
C GLN B 815 13.82 17.32 3.10
N GLY B 816 13.94 18.30 3.99
CA GLY B 816 13.70 19.69 3.65
C GLY B 816 13.97 20.57 4.85
N LEU B 817 13.63 21.84 4.72
CA LEU B 817 13.82 22.80 5.79
C LEU B 817 12.45 23.14 6.35
N ARG B 818 12.37 23.35 7.66
CA ARG B 818 11.09 23.66 8.29
C ARG B 818 11.26 24.75 9.33
N PHE B 819 10.20 25.54 9.46
CA PHE B 819 10.00 26.47 10.58
C PHE B 819 8.71 26.09 11.28
N ILE B 820 8.71 26.18 12.60
CA ILE B 820 7.52 25.92 13.41
C ILE B 820 7.40 27.08 14.38
N ILE B 821 6.21 27.67 14.46
CA ILE B 821 6.00 28.80 15.35
C ILE B 821 4.62 28.67 15.98
N GLN B 822 4.54 28.99 17.26
CA GLN B 822 3.28 29.13 17.94
C GLN B 822 3.23 30.55 18.43
N SER B 823 2.14 31.23 18.10
CA SER B 823 2.03 32.66 18.28
C SER B 823 0.58 33.04 18.48
N GLU B 824 0.39 34.23 19.05
CA GLU B 824 -0.90 34.89 19.10
C GLU B 824 -1.27 35.53 17.77
N LYS B 825 -0.28 35.81 16.92
CA LYS B 825 -0.57 36.39 15.63
C LYS B 825 -1.01 35.34 14.61
N PRO B 826 -1.71 35.75 13.55
CA PRO B 826 -2.30 34.77 12.62
C PRO B 826 -1.26 34.16 11.69
N PRO B 827 -1.45 32.91 11.27
CA PRO B 827 -0.45 32.24 10.41
C PRO B 827 0.05 33.09 9.24
N HIS B 828 -0.85 33.75 8.50
CA HIS B 828 -0.39 34.46 7.32
C HIS B 828 0.62 35.55 7.68
N TYR B 829 0.46 36.20 8.84
CA TYR B 829 1.50 37.13 9.28
C TYR B 829 2.81 36.39 9.50
N LEU B 830 2.78 35.25 10.18
CA LEU B 830 4.01 34.51 10.42
C LEU B 830 4.68 34.11 9.11
N GLU B 831 3.89 33.70 8.11
CA GLU B 831 4.45 33.40 6.79
C GLU B 831 5.29 34.54 6.23
N SER B 832 4.75 35.76 6.27
CA SER B 832 5.49 36.88 5.70
C SER B 832 6.76 37.15 6.50
N ARG B 833 6.70 37.02 7.82
CA ARG B 833 7.87 37.34 8.63
C ARG B 833 8.97 36.28 8.48
N VAL B 834 8.57 35.01 8.29
CA VAL B 834 9.53 33.98 7.94
C VAL B 834 10.13 34.26 6.57
N GLU B 835 9.28 34.60 5.60
CA GLU B 835 9.77 34.91 4.26
C GLU B 835 10.72 36.11 4.29
N ALA B 836 10.33 37.16 5.00
CA ALA B 836 11.24 38.29 5.22
C ALA B 836 12.57 37.79 5.77
N PHE B 837 12.51 36.90 6.76
CA PHE B 837 13.74 36.42 7.39
C PHE B 837 14.62 35.70 6.38
N LEU B 838 14.03 34.88 5.51
CA LEU B 838 14.83 34.16 4.52
C LEU B 838 15.60 35.13 3.63
N ILE B 839 14.96 36.24 3.25
CA ILE B 839 15.62 37.25 2.45
C ILE B 839 16.83 37.82 3.19
N THR B 840 16.64 38.19 4.45
CA THR B 840 17.75 38.78 5.20
C THR B 840 18.92 37.80 5.32
N MET B 841 18.62 36.50 5.44
CA MET B 841 19.67 35.49 5.52
C MET B 841 20.44 35.37 4.21
N GLU B 842 19.77 35.56 3.08
CA GLU B 842 20.49 35.61 1.81
C GLU B 842 21.57 36.69 1.85
N LYS B 843 21.20 37.90 2.30
CA LYS B 843 22.19 38.96 2.35
C LYS B 843 23.25 38.65 3.40
N SER B 844 22.82 38.12 4.56
CA SER B 844 23.76 37.77 5.61
C SER B 844 24.80 36.76 5.14
N ILE B 845 24.40 35.77 4.33
CA ILE B 845 25.39 34.79 3.90
C ILE B 845 26.33 35.40 2.87
N GLU B 846 25.84 36.34 2.07
CA GLU B 846 26.67 36.91 1.03
C GLU B 846 27.75 37.79 1.66
N ASP B 847 27.39 38.47 2.74
CA ASP B 847 28.29 39.36 3.46
C ASP B 847 29.17 38.64 4.47
N MET B 848 28.99 37.34 4.67
CA MET B 848 29.77 36.60 5.65
C MET B 848 31.19 36.36 5.15
N THR B 849 32.18 36.52 6.04
CA THR B 849 33.57 36.31 5.66
C THR B 849 33.84 34.82 5.43
N GLU B 850 34.88 34.51 4.66
CA GLU B 850 35.18 33.10 4.46
C GLU B 850 35.56 32.43 5.78
N GLU B 851 36.19 33.16 6.69
CA GLU B 851 36.50 32.54 7.97
C GLU B 851 35.23 32.31 8.78
N ALA B 852 34.33 33.28 8.81
CA ALA B 852 33.06 33.07 9.50
C ALA B 852 32.29 31.89 8.91
N PHE B 853 32.37 31.70 7.59
CA PHE B 853 31.75 30.54 6.95
C PHE B 853 32.41 29.23 7.38
N GLN B 854 33.74 29.14 7.23
CA GLN B 854 34.44 27.95 7.71
C GLN B 854 34.18 27.69 9.19
N LYS B 855 33.92 28.76 9.95
CA LYS B 855 33.60 28.62 11.36
C LYS B 855 32.27 27.89 11.57
N HIS B 856 31.25 28.24 10.77
CA HIS B 856 29.99 27.49 10.82
C HIS B 856 30.19 26.05 10.38
N ILE B 857 31.09 25.82 9.42
CA ILE B 857 31.37 24.46 8.98
C ILE B 857 31.96 23.65 10.12
N GLN B 858 32.93 24.23 10.82
CA GLN B 858 33.54 23.51 11.93
C GLN B 858 32.53 23.28 13.05
N ALA B 859 31.63 24.23 13.28
CA ALA B 859 30.60 24.04 14.29
C ALA B 859 29.77 22.79 13.98
N LEU B 860 29.21 22.72 12.77
CA LEU B 860 28.44 21.55 12.36
C LEU B 860 29.28 20.29 12.46
N ALA B 861 30.54 20.37 12.04
CA ALA B 861 31.42 19.20 12.11
C ALA B 861 31.52 18.68 13.55
N ILE B 862 31.83 19.56 14.51
CA ILE B 862 31.89 19.17 15.92
C ILE B 862 30.58 18.52 16.37
N ARG B 863 29.44 19.06 15.92
CA ARG B 863 28.18 18.50 16.39
C ARG B 863 27.96 17.11 15.80
N ARG B 864 28.24 16.95 14.50
CA ARG B 864 28.00 15.66 13.85
C ARG B 864 28.95 14.58 14.35
N LEU B 865 30.14 14.93 14.81
CA LEU B 865 31.11 13.95 15.24
C LEU B 865 31.15 13.79 16.76
N ASP B 866 30.27 14.46 17.49
CA ASP B 866 30.21 14.29 18.94
C ASP B 866 29.96 12.81 19.21
N LYS B 867 30.97 12.11 19.75
CA LYS B 867 30.94 10.68 20.01
C LYS B 867 30.00 10.36 21.17
N PRO B 868 29.16 9.33 21.06
CA PRO B 868 28.19 9.03 22.11
C PRO B 868 28.88 8.64 23.40
N LYS B 869 28.23 8.96 24.52
CA LYS B 869 28.86 8.77 25.82
C LYS B 869 28.45 7.47 26.50
N LYS B 870 27.27 6.95 26.16
CA LYS B 870 26.71 5.78 26.82
C LYS B 870 26.20 4.82 25.77
N LEU B 871 25.97 3.58 26.19
CA LEU B 871 25.59 2.55 25.23
C LEU B 871 24.29 2.90 24.54
N SER B 872 23.27 3.33 25.30
CA SER B 872 21.97 3.60 24.71
C SER B 872 22.07 4.58 23.56
N ALA B 873 22.99 5.54 23.63
CA ALA B 873 23.08 6.55 22.58
C ALA B 873 23.74 5.99 21.33
N GLU B 874 24.78 5.16 21.50
CA GLU B 874 25.39 4.46 20.36
C GLU B 874 24.37 3.56 19.70
N SER B 875 23.66 2.76 20.50
CA SER B 875 22.61 1.91 19.99
C SER B 875 21.60 2.70 19.16
N ALA B 876 21.16 3.84 19.69
CA ALA B 876 20.16 4.61 19.00
C ALA B 876 20.67 5.04 17.64
N LYS B 877 21.94 5.43 17.57
CA LYS B 877 22.54 5.88 16.31
C LYS B 877 22.43 4.79 15.24
N TYR B 878 22.83 3.55 15.58
CA TYR B 878 22.69 2.41 14.68
C TYR B 878 21.23 2.12 14.35
N TRP B 879 20.37 2.08 15.37
CA TRP B 879 18.97 1.75 15.14
C TRP B 879 18.34 2.69 14.13
N GLY B 880 18.69 3.97 14.17
CA GLY B 880 18.18 4.87 13.16
C GLY B 880 18.66 4.51 11.77
N GLU B 881 19.93 4.14 11.64
CA GLU B 881 20.42 3.67 10.34
C GLU B 881 19.65 2.46 9.89
N ILE B 882 19.15 1.67 10.82
CA ILE B 882 18.56 0.38 10.49
C ILE B 882 17.11 0.53 10.11
N ILE B 883 16.29 1.20 10.92
CA ILE B 883 14.88 1.32 10.55
C ILE B 883 14.68 2.28 9.41
N SER B 884 15.65 3.16 9.15
CA SER B 884 15.62 4.01 7.95
C SER B 884 16.08 3.27 6.72
N GLN B 885 16.41 1.98 6.88
CA GLN B 885 17.00 1.10 5.88
C GLN B 885 18.03 1.77 5.00
N GLN B 886 18.85 2.65 5.60
CA GLN B 886 20.00 3.23 4.93
C GLN B 886 21.30 2.55 5.33
N TYR B 887 21.37 2.00 6.54
CA TYR B 887 22.46 1.10 6.92
C TYR B 887 23.82 1.76 6.70
N ASN B 888 23.92 3.04 7.01
CA ASN B 888 25.10 3.82 6.70
C ASN B 888 25.87 4.14 7.99
N PHE B 889 26.46 3.10 8.58
CA PHE B 889 27.07 3.21 9.90
C PHE B 889 28.29 4.13 9.92
N ASP B 890 28.95 4.36 8.78
CA ASP B 890 30.07 5.29 8.74
C ASP B 890 29.63 6.70 8.34
N ARG B 891 28.33 7.02 8.48
CA ARG B 891 27.81 8.21 7.82
C ARG B 891 28.46 9.46 8.35
N ASP B 892 28.80 9.50 9.64
CA ASP B 892 29.31 10.73 10.20
C ASP B 892 30.68 11.10 9.60
N ASN B 893 31.58 10.12 9.46
CA ASN B 893 32.89 10.43 8.92
C ASN B 893 32.78 10.91 7.48
N THR B 894 31.98 10.19 6.70
CA THR B 894 31.73 10.48 5.29
C THR B 894 31.13 11.87 5.09
N GLU B 895 30.01 12.15 5.78
CA GLU B 895 29.28 13.40 5.56
C GLU B 895 30.08 14.61 6.06
N VAL B 896 30.86 14.43 7.13
CA VAL B 896 31.67 15.54 7.61
C VAL B 896 32.80 15.83 6.64
N ALA B 897 33.48 14.78 6.19
CA ALA B 897 34.46 14.91 5.12
C ALA B 897 33.96 15.81 4.01
N TYR B 898 32.79 15.45 3.46
CA TYR B 898 32.21 16.20 2.36
C TYR B 898 31.81 17.60 2.77
N LEU B 899 31.19 17.74 3.94
CA LEU B 899 30.90 19.07 4.49
C LEU B 899 32.10 19.98 4.35
N LYS B 900 33.28 19.49 4.72
CA LYS B 900 34.43 20.36 4.87
C LYS B 900 34.87 20.98 3.56
N THR B 901 34.41 20.45 2.42
CA THR B 901 34.77 20.95 1.10
C THR B 901 33.78 21.95 0.55
N LEU B 902 32.66 22.18 1.23
CA LEU B 902 31.66 23.08 0.70
C LEU B 902 32.16 24.51 0.78
N THR B 903 31.67 25.35 -0.14
CA THR B 903 32.03 26.75 -0.22
C THR B 903 30.79 27.60 -0.08
N LYS B 904 30.98 28.86 0.30
CA LYS B 904 29.82 29.73 0.44
C LYS B 904 29.13 29.98 -0.89
N GLU B 905 29.80 29.67 -2.01
CA GLU B 905 29.10 29.68 -3.28
C GLU B 905 28.17 28.49 -3.38
N ASP B 906 28.65 27.31 -2.97
CA ASP B 906 27.82 26.12 -2.98
C ASP B 906 26.51 26.36 -2.25
N ILE B 907 26.56 27.03 -1.09
CA ILE B 907 25.37 27.22 -0.28
C ILE B 907 24.46 28.30 -0.87
N ILE B 908 25.02 29.31 -1.53
CA ILE B 908 24.17 30.31 -2.15
C ILE B 908 23.50 29.76 -3.41
N LYS B 909 24.20 28.89 -4.15
CA LYS B 909 23.58 28.19 -5.27
C LYS B 909 22.40 27.34 -4.77
N PHE B 910 22.64 26.54 -3.74
CA PHE B 910 21.59 25.73 -3.14
C PHE B 910 20.39 26.59 -2.73
N TYR B 911 20.65 27.71 -2.06
CA TYR B 911 19.55 28.53 -1.59
C TYR B 911 18.77 29.14 -2.74
N LYS B 912 19.47 29.56 -3.79
CA LYS B 912 18.75 30.18 -4.90
C LYS B 912 18.02 29.15 -5.74
N GLU B 913 18.51 27.90 -5.76
CA GLU B 913 17.83 26.85 -6.52
C GLU B 913 16.61 26.27 -5.77
N MET B 914 16.73 26.04 -4.46
CA MET B 914 15.74 25.27 -3.71
C MET B 914 14.88 26.09 -2.74
N LEU B 915 15.39 27.19 -2.20
CA LEU B 915 14.77 27.82 -1.04
C LEU B 915 14.27 29.22 -1.30
N ALA B 916 15.10 30.07 -1.90
CA ALA B 916 14.71 31.45 -2.15
C ALA B 916 13.30 31.52 -2.74
N VAL B 917 12.61 32.65 -2.54
CA VAL B 917 11.20 32.79 -2.89
C VAL B 917 10.93 32.65 -4.38
N ASP B 918 11.93 32.93 -5.18
CA ASP B 918 11.85 32.84 -6.63
C ASP B 918 12.61 31.62 -7.17
N ALA B 919 12.78 30.61 -6.34
CA ALA B 919 13.62 29.48 -6.72
C ALA B 919 12.86 28.58 -7.70
N PRO B 920 13.56 28.04 -8.69
CA PRO B 920 12.88 27.19 -9.68
C PRO B 920 12.41 25.87 -9.13
N ARG B 921 13.01 25.39 -8.05
CA ARG B 921 12.62 24.10 -7.51
C ARG B 921 12.13 24.27 -6.08
N ARG B 922 11.30 25.28 -5.86
CA ARG B 922 10.84 25.57 -4.52
C ARG B 922 9.65 24.67 -4.30
N HIS B 923 9.66 23.92 -3.20
CA HIS B 923 8.55 23.03 -2.88
C HIS B 923 8.06 23.38 -1.49
N LYS B 924 7.04 24.21 -1.40
CA LYS B 924 6.56 24.75 -0.13
C LYS B 924 5.17 24.23 0.19
N VAL B 925 5.02 23.65 1.37
CA VAL B 925 3.73 23.35 1.96
C VAL B 925 3.70 24.00 3.34
N SER B 926 2.55 24.56 3.69
CA SER B 926 2.36 25.23 4.96
C SER B 926 1.12 24.66 5.63
N VAL B 927 1.19 24.46 6.94
CA VAL B 927 0.04 24.07 7.73
C VAL B 927 -0.27 25.23 8.66
N HIS B 928 -1.51 25.70 8.62
CA HIS B 928 -1.97 26.82 9.42
C HIS B 928 -2.99 26.32 10.42
N VAL B 929 -2.67 26.49 11.70
CA VAL B 929 -3.57 26.08 12.77
C VAL B 929 -4.05 27.35 13.46
N LEU B 930 -5.34 27.63 13.27
CA LEU B 930 -5.94 28.87 13.75
C LEU B 930 -6.24 28.73 15.22
N ALA B 931 -6.27 29.87 15.91
CA ALA B 931 -6.53 29.92 17.35
C ALA B 931 -8.02 29.77 17.63
N ARG B 932 -8.34 29.45 18.89
CA ARG B 932 -9.74 29.20 19.24
C ARG B 932 -10.65 30.33 18.74
N GLU B 933 -10.19 31.59 18.80
CA GLU B 933 -11.03 32.73 18.47
C GLU B 933 -10.77 33.37 17.10
N MET B 934 -9.80 32.90 16.33
CA MET B 934 -9.44 33.59 15.08
C MET B 934 -10.53 33.55 14.02
N ASN B 950 11.28 50.51 10.49
CA ASN B 950 10.35 49.46 10.96
C ASN B 950 10.91 48.05 11.08
N LEU B 951 10.19 47.16 10.40
CA LEU B 951 10.52 45.75 10.22
C LEU B 951 11.00 45.53 8.80
N SER B 952 11.90 44.56 8.62
CA SER B 952 12.38 44.24 7.29
C SER B 952 11.21 43.87 6.38
N GLN B 953 11.46 43.89 5.07
CA GLN B 953 10.40 43.79 4.07
C GLN B 953 10.12 42.35 3.71
N ALA B 954 8.85 41.95 3.87
CA ALA B 954 8.39 40.64 3.43
C ALA B 954 8.20 40.66 1.91
N PRO B 955 8.70 39.65 1.20
CA PRO B 955 8.40 39.56 -0.23
C PRO B 955 6.94 39.27 -0.44
N ALA B 956 6.47 39.56 -1.65
CA ALA B 956 5.10 39.22 -2.00
C ALA B 956 5.06 37.75 -2.45
N LEU B 957 4.01 37.05 -2.01
CA LEU B 957 3.98 35.62 -2.21
C LEU B 957 2.91 35.20 -3.22
N PRO B 958 3.15 34.14 -3.99
CA PRO B 958 2.13 33.65 -4.93
C PRO B 958 0.83 33.31 -4.22
N GLN B 959 -0.24 33.20 -5.01
CA GLN B 959 -1.48 32.68 -4.45
C GLN B 959 -1.27 31.21 -4.12
N PRO B 960 -1.59 30.78 -2.91
CA PRO B 960 -1.36 29.38 -2.54
C PRO B 960 -2.53 28.50 -2.94
N GLU B 961 -2.22 27.29 -3.39
CA GLU B 961 -3.25 26.27 -3.58
C GLU B 961 -3.71 25.73 -2.22
N VAL B 962 -4.99 25.88 -1.92
CA VAL B 962 -5.52 25.49 -0.62
C VAL B 962 -6.01 24.03 -0.65
N ILE B 963 -5.38 23.18 0.16
CA ILE B 963 -5.74 21.78 0.25
C ILE B 963 -7.03 21.66 1.05
N GLN B 964 -8.07 21.16 0.43
CA GLN B 964 -9.35 21.00 1.09
C GLN B 964 -9.63 19.55 1.46
N ASN B 965 -8.72 18.65 1.09
CA ASN B 965 -8.96 17.20 1.17
C ASN B 965 -7.65 16.45 1.00
N MET B 966 -7.19 15.79 2.05
CA MET B 966 -5.86 15.23 1.98
C MET B 966 -5.77 14.10 0.96
N THR B 967 -6.83 13.30 0.83
CA THR B 967 -6.78 12.17 -0.09
C THR B 967 -6.58 12.65 -1.51
N GLU B 968 -7.38 13.66 -1.93
CA GLU B 968 -7.27 14.17 -3.29
C GLU B 968 -5.95 14.88 -3.51
N PHE B 969 -5.47 15.58 -2.49
CA PHE B 969 -4.17 16.21 -2.58
C PHE B 969 -3.10 15.17 -2.91
N LYS B 970 -3.10 14.06 -2.16
CA LYS B 970 -2.10 13.02 -2.38
C LYS B 970 -2.30 12.28 -3.70
N ARG B 971 -3.54 11.93 -4.06
CA ARG B 971 -3.80 11.26 -5.32
C ARG B 971 -3.24 12.04 -6.51
N GLY B 972 -3.32 13.37 -6.46
CA GLY B 972 -2.86 14.15 -7.59
C GLY B 972 -1.36 14.42 -7.69
N LEU B 973 -0.53 13.86 -6.84
CA LEU B 973 0.90 14.12 -6.89
C LEU B 973 1.67 12.81 -6.97
N PRO B 974 2.89 12.85 -7.50
CA PRO B 974 3.72 11.65 -7.53
C PRO B 974 4.22 11.33 -6.13
N LEU B 975 4.83 10.16 -6.00
CA LEU B 975 5.45 9.74 -4.76
C LEU B 975 6.94 9.58 -5.04
N PHE B 976 7.78 10.01 -4.10
CA PHE B 976 9.23 9.88 -4.27
C PHE B 976 9.67 8.42 -4.31
N PRO B 977 10.92 8.15 -4.70
CA PRO B 977 11.47 6.82 -4.51
C PRO B 977 11.76 6.61 -3.05
N LEU B 978 12.34 5.46 -2.73
CA LEU B 978 12.90 5.18 -1.43
C LEU B 978 14.43 5.20 -1.57
N VAL B 979 15.13 5.54 -0.49
CA VAL B 979 16.57 5.69 -0.58
C VAL B 979 17.24 4.31 -0.76
N LYS B 980 18.32 4.29 -1.54
CA LYS B 980 19.03 3.04 -1.81
C LYS B 980 19.81 2.64 -0.57
N PRO B 981 19.70 1.40 -0.11
CA PRO B 981 20.52 0.95 1.03
C PRO B 981 22.00 0.89 0.70
N HIS B 982 22.82 0.94 1.76
CA HIS B 982 24.28 1.11 1.66
C HIS B 982 25.17 -0.15 1.50
ZN ZN C . -2.33 -18.82 -40.86
C10 VQD D . -2.35 -9.54 -43.62
C11 VQD D . -1.40 -8.83 -44.36
C12 VQD D . -0.35 -9.51 -45.01
C13 VQD D . -0.23 -10.89 -44.92
C14 VQD D . -1.20 -11.62 -44.16
C15 VQD D . -1.08 -13.04 -44.05
C16 VQD D . -2.02 -13.75 -43.30
C18 VQD D . -4.06 -12.48 -39.21
C19 VQD D . -3.26 -11.52 -38.50
C20 VQD D . -3.78 -10.32 -37.71
C21 VQD D . -5.04 -10.54 -36.91
C03 VQD D . -4.19 -16.75 -40.19
C04 VQD D . -4.51 -15.33 -39.80
C05 VQD D . -3.50 -14.46 -40.53
C06 VQD D . -4.10 -13.87 -41.83
C07 VQD D . -3.07 -13.08 -42.65
C08 VQD D . -3.18 -11.70 -42.76
C09 VQD D . -2.23 -10.96 -43.53
C23 VQD D . -6.08 -9.01 -38.52
C24 VQD D . -4.74 -8.83 -39.25
C26 VQD D . -2.49 -8.24 -38.10
C27 VQD D . -2.30 -6.88 -38.79
C28 VQD D . -2.38 -5.76 -38.00
C29 VQD D . -2.21 -4.51 -38.55
C30 VQD D . -1.94 -4.39 -39.88
C32 VQD D . -1.83 -5.51 -40.68
C34 VQD D . -2.01 -6.77 -40.14
F31 VQD D . -1.76 -3.16 -40.46
F33 VQD D . -1.58 -5.32 -42.00
N02 VQD D . -5.15 -17.55 -40.97
N17 VQD D . -3.16 -13.33 -39.71
N25 VQD D . -3.65 -9.08 -38.37
N36 VQD D . -1.98 -11.86 -38.66
N37 VQD D . -1.94 -12.95 -39.39
O01 VQD D . -4.98 -18.87 -41.41
O22 VQD D . -6.20 -10.06 -37.56
O35 VQD D . -1.68 -8.63 -37.32
O38 VQD D . -3.14 -17.15 -39.87
C1 DIO E . -2.42 -12.81 -35.12
C2 DIO E . -2.51 -11.15 -33.45
C1' DIO E . -0.90 -12.58 -35.24
C2' DIO E . -0.99 -10.97 -33.56
O1 DIO E . -2.97 -12.41 -33.89
O1' DIO E . -0.47 -11.31 -34.83
H11 DIO E . -2.61 -13.86 -35.25
H12 DIO E . -2.91 -12.25 -35.91
H21 DIO E . -2.99 -10.39 -34.04
H22 DIO E . -2.79 -11.02 -32.41
H1'1 DIO E . -0.62 -12.71 -36.29
H1'2 DIO E . -0.40 -13.33 -34.64
H2'1 DIO E . -0.51 -11.60 -32.82
H2'2 DIO E . -0.75 -9.94 -33.35
C1 DIO F . -0.74 -10.31 -28.27
C2 DIO F . -1.89 -8.39 -28.70
C1' DIO F . -0.74 -10.85 -29.69
C2' DIO F . -1.97 -8.82 -30.18
O1 DIO F . -0.72 -8.90 -28.14
O1' DIO F . -1.44 -10.07 -30.63
H11 DIO F . 0.12 -10.69 -27.76
H12 DIO F . -1.64 -10.66 -27.77
H21 DIO F . -2.74 -8.78 -28.16
H22 DIO F . -1.89 -7.32 -28.63
H1'1 DIO F . -1.20 -11.83 -29.68
H1'2 DIO F . 0.28 -10.94 -30.02
H2'1 DIO F . -3.03 -8.84 -30.44
H2'2 DIO F . -1.47 -8.05 -30.76
C1 DIO G . -7.16 -26.48 -31.78
C2 DIO G . -8.81 -24.89 -31.43
C1' DIO G . -7.60 -26.63 -33.25
C2' DIO G . -9.19 -25.03 -32.93
O1 DIO G . -7.49 -25.27 -31.13
O1' DIO G . -8.94 -26.30 -33.52
H11 DIO G . -6.07 -26.58 -31.75
H12 DIO G . -7.61 -27.29 -31.21
H21 DIO G . -9.48 -25.50 -30.85
H22 DIO G . -8.93 -23.85 -31.15
H1'1 DIO G . -7.46 -27.67 -33.53
H1'2 DIO G . -6.96 -26.01 -33.86
H2'1 DIO G . -8.64 -24.29 -33.49
H2'2 DIO G . -10.26 -24.84 -33.01
N1 EPE H . -8.63 3.99 -20.28
C2 EPE H . -8.08 3.80 -21.64
C3 EPE H . -9.19 3.48 -22.63
N4 EPE H . -10.23 4.48 -22.60
C5 EPE H . -10.56 5.08 -21.32
C6 EPE H . -10.08 4.19 -20.19
C7 EPE H . -10.55 5.19 -23.82
C8 EPE H . -10.91 4.21 -24.94
O8 EPE H . -10.45 4.71 -26.17
C9 EPE H . -8.22 2.86 -19.45
C10 EPE H . -7.63 3.46 -18.18
S EPE H . -6.29 2.55 -17.39
O1S EPE H . -6.32 1.12 -17.75
O2S EPE H . -5.04 3.19 -17.83
O3S EPE H . -6.47 2.67 -15.94
H21 EPE H . -7.36 2.98 -21.63
H22 EPE H . -7.57 4.70 -21.96
H31 EPE H . -9.61 2.50 -22.40
H32 EPE H . -8.76 3.43 -23.63
H51 EPE H . -11.64 5.22 -21.25
H52 EPE H . -10.09 6.06 -21.25
H61 EPE H . -10.58 3.22 -20.23
H62 EPE H . -10.33 4.64 -19.23
H71 EPE H . -9.70 5.79 -24.13
H72 EPE H . -11.39 5.85 -23.65
H81 EPE H . -11.99 4.07 -24.98
H82 EPE H . -10.45 3.24 -24.73
HO8 EPE H . -10.65 5.66 -26.24
H91 EPE H . -9.06 2.22 -19.22
H92 EPE H . -7.46 2.25 -19.96
H101 EPE H . -7.27 4.46 -18.42
H102 EPE H . -8.45 3.56 -17.46
ZN ZN I . 10.97 31.11 30.77
C10 VQD J . 18.34 32.34 24.49
C11 VQD J . 18.62 33.47 23.74
C12 VQD J . 17.99 34.69 24.03
C13 VQD J . 17.08 34.78 25.07
C14 VQD J . 16.79 33.62 25.85
C15 VQD J . 15.85 33.71 26.92
C16 VQD J . 15.57 32.58 27.66
C18 VQD J . 15.19 28.13 26.08
C19 VQD J . 14.85 28.00 24.69
C20 VQD J . 15.39 26.97 23.67
C21 VQD J . 15.65 25.60 24.24
C03 VQD J . 12.99 29.29 29.95
C04 VQD J . 13.92 28.67 28.90
C05 VQD J . 14.44 29.68 27.89
C06 VQD J . 15.86 30.14 28.22
C07 VQD J . 16.20 31.36 27.38
C08 VQD J . 17.11 31.26 26.34
C09 VQD J . 17.41 32.42 25.57
C23 VQD J . 18.00 26.05 23.94
C24 VQD J . 17.70 27.48 23.50
C26 VQD J . 16.19 27.82 21.49
C27 VQD J . 17.34 28.33 20.61
C28 VQD J . 17.59 27.64 19.44
C29 VQD J . 18.61 28.04 18.61
C30 VQD J . 19.37 29.14 18.97
C32 VQD J . 19.14 29.85 20.14
C34 VQD J . 18.11 29.43 20.97
F31 VQD J . 20.37 29.50 18.11
F33 VQD J . 19.90 30.92 20.50
N02 VQD J . 13.42 29.35 31.36
N17 VQD J . 14.45 29.14 26.53
N25 VQD J . 16.44 27.45 22.85
N36 VQD J . 13.95 28.93 24.43
N37 VQD J . 13.73 29.62 25.53
O01 VQD J . 12.66 29.88 32.43
O22 VQD J . 16.97 25.49 24.73
O35 VQD J . 15.09 27.73 21.06
O38 VQD J . 11.93 29.69 29.61
C1 DIO K . 12.06 24.77 22.96
C2 DIO K . 11.40 26.97 22.46
C1' DIO K . 12.13 24.44 21.46
C2' DIO K . 11.42 26.57 20.97
O1 DIO K . 12.16 26.14 23.30
O1' DIO K . 11.21 25.20 20.71
H11 DIO K . 12.87 24.24 23.45
H12 DIO K . 11.11 24.41 23.34
H21 DIO K . 10.37 26.95 22.79
H22 DIO K . 11.78 27.98 22.54
H1'1 DIO K . 11.92 23.39 21.33
H1'2 DIO K . 13.13 24.65 21.10
H2'1 DIO K . 12.39 26.84 20.56
H2'2 DIO K . 10.66 27.13 20.45
C1 DIO L . 8.80 21.49 17.72
C2 DIO L . 10.45 22.81 18.76
C1' DIO L . 9.83 20.47 17.18
C2' DIO L . 11.43 21.73 18.24
O1 DIO L . 9.13 22.33 18.81
O1' DIO L . 11.07 21.11 17.03
H11 DIO L . 7.93 20.92 18.02
H12 DIO L . 8.53 22.13 16.90
H21 DIO L . 10.48 23.66 18.09
H22 DIO L . 10.75 23.11 19.75
H1'1 DIO L . 9.50 20.10 16.22
H1'2 DIO L . 9.93 19.66 17.88
H2'1 DIO L . 11.51 20.96 19.01
H2'2 DIO L . 12.39 22.20 18.10
C1 DIO M . 6.13 20.63 36.84
C2 DIO M . 4.42 22.12 36.53
C1' DIO M . 5.97 20.17 35.37
C2' DIO M . 4.20 21.64 35.07
O1 DIO M . 5.70 21.94 37.10
O1' DIO M . 4.69 20.35 34.79
H11 DIO M . 7.18 20.56 37.10
H12 DIO M . 5.55 19.96 37.47
H21 DIO M . 3.71 21.59 37.16
H22 DIO M . 4.20 23.18 36.55
H1'1 DIO M . 6.20 19.11 35.32
H1'2 DIO M . 6.69 20.71 34.78
H2'1 DIO M . 4.71 22.34 34.41
H2'2 DIO M . 3.14 21.65 34.86
N1 EPE N . 17.90 9.34 9.14
C2 EPE N . 19.08 8.52 8.80
C3 EPE N . 20.22 8.76 9.80
N4 EPE N . 20.49 10.17 10.09
C5 EPE N . 19.37 11.09 10.11
C6 EPE N . 18.29 10.76 9.10
C7 EPE N . 21.57 10.44 11.05
C8 EPE N . 22.35 11.73 10.79
O8 EPE N . 21.68 12.89 11.25
C9 EPE N . 16.85 9.13 8.13
C10 EPE N . 15.51 8.79 8.79
S EPE N . 14.00 8.92 7.74
O1S EPE N . 14.21 9.90 6.68
O2S EPE N . 13.66 7.60 7.20
O3S EPE N . 12.87 9.37 8.53
H21 EPE N . 19.43 8.77 7.80
H22 EPE N . 18.81 7.47 8.81
H31 EPE N . 21.13 8.31 9.41
H32 EPE N . 19.97 8.26 10.73
H51 EPE N . 19.74 12.11 9.92
H52 EPE N . 18.92 11.09 11.11
H61 EPE N . 18.65 11.01 8.10
H62 EPE N . 17.40 11.37 9.29
H71 EPE N . 22.26 9.60 11.03
H72 EPE N . 21.13 10.50 12.05
H81 EPE N . 22.54 11.83 9.73
H82 EPE N . 23.32 11.66 11.30
HO8 EPE N . 20.96 12.63 11.86
H91 EPE N . 16.74 10.03 7.52
H92 EPE N . 17.14 8.32 7.46
H101 EPE N . 15.57 7.77 9.17
H102 EPE N . 15.38 9.46 9.64
#